data_3PFU
# 
_entry.id   3PFU 
# 
_audit_conform.dict_name       mmcif_pdbx.dic 
_audit_conform.dict_version    5.380 
_audit_conform.dict_location   http://mmcif.pdb.org/dictionaries/ascii/mmcif_pdbx.dic 
# 
loop_
_database_2.database_id 
_database_2.database_code 
_database_2.pdbx_database_accession 
_database_2.pdbx_DOI 
PDB   3PFU         pdb_00003pfu 10.2210/pdb3pfu/pdb 
RCSB  RCSB062325   ?            ?                   
WWPDB D_1000062325 ?            ?                   
# 
loop_
_pdbx_database_related.db_name 
_pdbx_database_related.db_id 
_pdbx_database_related.details 
_pdbx_database_related.content_type 
PDB 1L6P 'N-TERMINAL OF DSBD (RESIDUES 20-144) FROM E. COLI (OXIDISED FORM)' unspecified 
PDB 1JPE 'CRYSTAL STRUCTURE OF DSBD-ALPHA; THE N-TERMINAL DOMAIN OF DSBD (OXIDISED FORM)' unspecified 
PDB 1VRS 
;Crystal structure of the disulfide-linked complex between the N-terminal and C-terminal domain of the electron transfer catalyst DsbD
;
unspecified 
# 
_pdbx_database_status.entry_id                        3PFU 
_pdbx_database_status.deposit_site                    RCSB 
_pdbx_database_status.process_site                    PDBJ 
_pdbx_database_status.recvd_initial_deposition_date   2010-10-29 
_pdbx_database_status.status_code                     REL 
_pdbx_database_status.status_code_sf                  REL 
_pdbx_database_status.status_code_mr                  ? 
_pdbx_database_status.SG_entry                        ? 
_pdbx_database_status.status_code_cs                  ? 
_pdbx_database_status.pdb_format_compatible           Y 
_pdbx_database_status.methods_development_category    ? 
_pdbx_database_status.status_code_nmr_data            ? 
# 
loop_
_audit_author.name 
_audit_author.pdbx_ordinal 
'Mavridou, D.A.I.' 1 
'Saridakis, E.'    2 
'Ferguson, S.J.'   3 
'Redfield, C.'     4 
# 
_citation.id                        primary 
_citation.title                     'Oxidation state-dependent protein-protein interactions in disulfide cascades' 
_citation.journal_abbrev            J.Biol.Chem. 
_citation.journal_volume            286 
_citation.page_first                24943 
_citation.page_last                 24956 
_citation.year                      2011 
_citation.journal_id_ASTM           JBCHA3 
_citation.country                   US 
_citation.journal_id_ISSN           0021-9258 
_citation.journal_id_CSD            0071 
_citation.book_publisher            ? 
_citation.pdbx_database_id_PubMed   21543317 
_citation.pdbx_database_id_DOI      10.1074/jbc.M111.236141 
# 
loop_
_citation_author.citation_id 
_citation_author.name 
_citation_author.ordinal 
_citation_author.identifier_ORCID 
primary 'Mavridou, D.A.'   1 ? 
primary 'Saridakis, E.'    2 ? 
primary 'Kritsiligkou, P.' 3 ? 
primary 'Goddard, A.D.'    4 ? 
primary 'Stevens, J.M.'    5 ? 
primary 'Ferguson, S.J.'   6 ? 
primary 'Redfield, C.'     7 ? 
# 
_cell.entry_id           3PFU 
_cell.length_a           53.740 
_cell.length_b           55.552 
_cell.length_c           105.209 
_cell.angle_alpha        90.00 
_cell.angle_beta         90.00 
_cell.angle_gamma        90.00 
_cell.Z_PDB              8 
_cell.pdbx_unique_axis   ? 
# 
_symmetry.entry_id                         3PFU 
_symmetry.space_group_name_H-M             'C 2 2 21' 
_symmetry.pdbx_full_space_group_name_H-M   ? 
_symmetry.cell_setting                     ? 
_symmetry.Int_Tables_number                20 
# 
loop_
_entity.id 
_entity.type 
_entity.src_method 
_entity.pdbx_description 
_entity.formula_weight 
_entity.pdbx_number_of_molecules 
_entity.pdbx_ec 
_entity.pdbx_mutation 
_entity.pdbx_fragment 
_entity.details 
1 polymer     man 'Thiol:disulfide interchange protein dsbD' 15618.426 1   1.8.1.8 ? 'N-terminal domain (reduced form)' ? 
2 non-polymer syn 2,3-DIHYDROXY-1,4-DITHIOBUTANE             154.251   2   ?       ? ?                                  ? 
3 water       nat water                                      18.015    201 ?       ? ?                                  ? 
# 
_entity_name_com.entity_id   1 
_entity_name_com.name        
;C-type cytochrome biogenesis protein cycZ, Inner membrane copper tolerance protein, Protein-disulfide reductase, Disulfide reductase
;
# 
_entity_poly.entity_id                      1 
_entity_poly.type                           'polypeptide(L)' 
_entity_poly.nstd_linkage                   no 
_entity_poly.nstd_monomer                   no 
_entity_poly.pdbx_seq_one_letter_code       
;MDTLFDAPGRSQFVPADQAFAFDFQQNQHDLNLTWQIKDGYYLYRKQIRITPEHAKIADVQLPQGVWHEDEFYGKSEIYR
DRLTLPVTINQASAGATLTVTYQGCADAGFCYPPETKTVPLSEVVANNAAPQPVGLVPR
;
_entity_poly.pdbx_seq_one_letter_code_can   
;MDTLFDAPGRSQFVPADQAFAFDFQQNQHDLNLTWQIKDGYYLYRKQIRITPEHAKIADVQLPQGVWHEDEFYGKSEIYR
DRLTLPVTINQASAGATLTVTYQGCADAGFCYPPETKTVPLSEVVANNAAPQPVGLVPR
;
_entity_poly.pdbx_strand_id                 A 
_entity_poly.pdbx_target_identifier         ? 
# 
loop_
_entity_poly_seq.entity_id 
_entity_poly_seq.num 
_entity_poly_seq.mon_id 
_entity_poly_seq.hetero 
1 1   MET n 
1 2   ASP n 
1 3   THR n 
1 4   LEU n 
1 5   PHE n 
1 6   ASP n 
1 7   ALA n 
1 8   PRO n 
1 9   GLY n 
1 10  ARG n 
1 11  SER n 
1 12  GLN n 
1 13  PHE n 
1 14  VAL n 
1 15  PRO n 
1 16  ALA n 
1 17  ASP n 
1 18  GLN n 
1 19  ALA n 
1 20  PHE n 
1 21  ALA n 
1 22  PHE n 
1 23  ASP n 
1 24  PHE n 
1 25  GLN n 
1 26  GLN n 
1 27  ASN n 
1 28  GLN n 
1 29  HIS n 
1 30  ASP n 
1 31  LEU n 
1 32  ASN n 
1 33  LEU n 
1 34  THR n 
1 35  TRP n 
1 36  GLN n 
1 37  ILE n 
1 38  LYS n 
1 39  ASP n 
1 40  GLY n 
1 41  TYR n 
1 42  TYR n 
1 43  LEU n 
1 44  TYR n 
1 45  ARG n 
1 46  LYS n 
1 47  GLN n 
1 48  ILE n 
1 49  ARG n 
1 50  ILE n 
1 51  THR n 
1 52  PRO n 
1 53  GLU n 
1 54  HIS n 
1 55  ALA n 
1 56  LYS n 
1 57  ILE n 
1 58  ALA n 
1 59  ASP n 
1 60  VAL n 
1 61  GLN n 
1 62  LEU n 
1 63  PRO n 
1 64  GLN n 
1 65  GLY n 
1 66  VAL n 
1 67  TRP n 
1 68  HIS n 
1 69  GLU n 
1 70  ASP n 
1 71  GLU n 
1 72  PHE n 
1 73  TYR n 
1 74  GLY n 
1 75  LYS n 
1 76  SER n 
1 77  GLU n 
1 78  ILE n 
1 79  TYR n 
1 80  ARG n 
1 81  ASP n 
1 82  ARG n 
1 83  LEU n 
1 84  THR n 
1 85  LEU n 
1 86  PRO n 
1 87  VAL n 
1 88  THR n 
1 89  ILE n 
1 90  ASN n 
1 91  GLN n 
1 92  ALA n 
1 93  SER n 
1 94  ALA n 
1 95  GLY n 
1 96  ALA n 
1 97  THR n 
1 98  LEU n 
1 99  THR n 
1 100 VAL n 
1 101 THR n 
1 102 TYR n 
1 103 GLN n 
1 104 GLY n 
1 105 CYS n 
1 106 ALA n 
1 107 ASP n 
1 108 ALA n 
1 109 GLY n 
1 110 PHE n 
1 111 CYS n 
1 112 TYR n 
1 113 PRO n 
1 114 PRO n 
1 115 GLU n 
1 116 THR n 
1 117 LYS n 
1 118 THR n 
1 119 VAL n 
1 120 PRO n 
1 121 LEU n 
1 122 SER n 
1 123 GLU n 
1 124 VAL n 
1 125 VAL n 
1 126 ALA n 
1 127 ASN n 
1 128 ASN n 
1 129 ALA n 
1 130 ALA n 
1 131 PRO n 
1 132 GLN n 
1 133 PRO n 
1 134 VAL n 
1 135 GLY n 
1 136 LEU n 
1 137 VAL n 
1 138 PRO n 
1 139 ARG n 
# 
_entity_src_gen.entity_id                          1 
_entity_src_gen.pdbx_src_id                        1 
_entity_src_gen.pdbx_alt_source_flag               sample 
_entity_src_gen.pdbx_seq_type                      ? 
_entity_src_gen.pdbx_beg_seq_num                   ? 
_entity_src_gen.pdbx_end_seq_num                   ? 
_entity_src_gen.gene_src_common_name               ? 
_entity_src_gen.gene_src_genus                     ? 
_entity_src_gen.pdbx_gene_src_gene                 'dsbD, cutA2, cycZ, dipZ, b4136, JW5734' 
_entity_src_gen.gene_src_species                   ? 
_entity_src_gen.gene_src_strain                    K12 
_entity_src_gen.gene_src_tissue                    ? 
_entity_src_gen.gene_src_tissue_fraction           ? 
_entity_src_gen.gene_src_details                   ? 
_entity_src_gen.pdbx_gene_src_fragment             ? 
_entity_src_gen.pdbx_gene_src_scientific_name      'Escherichia coli' 
_entity_src_gen.pdbx_gene_src_ncbi_taxonomy_id     83333 
_entity_src_gen.pdbx_gene_src_variant              ? 
_entity_src_gen.pdbx_gene_src_cell_line            ? 
_entity_src_gen.pdbx_gene_src_atcc                 ? 
_entity_src_gen.pdbx_gene_src_organ                ? 
_entity_src_gen.pdbx_gene_src_organelle            ? 
_entity_src_gen.pdbx_gene_src_cell                 ? 
_entity_src_gen.pdbx_gene_src_cellular_location    ? 
_entity_src_gen.host_org_common_name               ? 
_entity_src_gen.pdbx_host_org_scientific_name      'Escherichia coli' 
_entity_src_gen.pdbx_host_org_ncbi_taxonomy_id     562 
_entity_src_gen.host_org_genus                     ? 
_entity_src_gen.pdbx_host_org_gene                 ? 
_entity_src_gen.pdbx_host_org_organ                ? 
_entity_src_gen.host_org_species                   ? 
_entity_src_gen.pdbx_host_org_tissue               ? 
_entity_src_gen.pdbx_host_org_tissue_fraction      ? 
_entity_src_gen.pdbx_host_org_strain               'BL21(DE3)' 
_entity_src_gen.pdbx_host_org_variant              ? 
_entity_src_gen.pdbx_host_org_cell_line            ? 
_entity_src_gen.pdbx_host_org_atcc                 ? 
_entity_src_gen.pdbx_host_org_culture_collection   ? 
_entity_src_gen.pdbx_host_org_cell                 ? 
_entity_src_gen.pdbx_host_org_organelle            ? 
_entity_src_gen.pdbx_host_org_cellular_location    ? 
_entity_src_gen.pdbx_host_org_vector_type          ? 
_entity_src_gen.pdbx_host_org_vector               ? 
_entity_src_gen.host_org_details                   ? 
_entity_src_gen.expression_system_id               ? 
_entity_src_gen.plasmid_name                       ? 
_entity_src_gen.plasmid_details                    ? 
_entity_src_gen.pdbx_description                   ? 
# 
_struct_ref.id                         1 
_struct_ref.db_name                    UNP 
_struct_ref.db_code                    DSBD_ECOLI 
_struct_ref.pdbx_db_accession          P36655 
_struct_ref.entity_id                  1 
_struct_ref.pdbx_seq_one_letter_code   
;LFDAPGRSQFVPADQAFAFDFQQNQHDLNLTWQIKDGYYLYRKQIRITPEHAKIADVQLPQGVWHEDEFYGKSEIYRDRL
TLPVTINQASAGATLTVTYQGCADAGFCYPPETKTVPLSEVVANNAAPQPV
;
_struct_ref.pdbx_align_begin           21 
_struct_ref.pdbx_db_isoform            ? 
# 
_struct_ref_seq.align_id                      1 
_struct_ref_seq.ref_id                        1 
_struct_ref_seq.pdbx_PDB_id_code              3PFU 
_struct_ref_seq.pdbx_strand_id                A 
_struct_ref_seq.seq_align_beg                 4 
_struct_ref_seq.pdbx_seq_align_beg_ins_code   ? 
_struct_ref_seq.seq_align_end                 134 
_struct_ref_seq.pdbx_seq_align_end_ins_code   ? 
_struct_ref_seq.pdbx_db_accession             P36655 
_struct_ref_seq.db_align_beg                  21 
_struct_ref_seq.pdbx_db_align_beg_ins_code    ? 
_struct_ref_seq.db_align_end                  151 
_struct_ref_seq.pdbx_db_align_end_ins_code    ? 
_struct_ref_seq.pdbx_auth_seq_align_beg       2 
_struct_ref_seq.pdbx_auth_seq_align_end       132 
# 
loop_
_struct_ref_seq_dif.align_id 
_struct_ref_seq_dif.pdbx_pdb_id_code 
_struct_ref_seq_dif.mon_id 
_struct_ref_seq_dif.pdbx_pdb_strand_id 
_struct_ref_seq_dif.seq_num 
_struct_ref_seq_dif.pdbx_pdb_ins_code 
_struct_ref_seq_dif.pdbx_seq_db_name 
_struct_ref_seq_dif.pdbx_seq_db_accession_code 
_struct_ref_seq_dif.db_mon_id 
_struct_ref_seq_dif.pdbx_seq_db_seq_num 
_struct_ref_seq_dif.details 
_struct_ref_seq_dif.pdbx_auth_seq_num 
_struct_ref_seq_dif.pdbx_ordinal 
1 3PFU MET A 1   ? UNP P36655 ? ? 'expression tag' -1  1 
1 3PFU ASP A 2   ? UNP P36655 ? ? 'expression tag' 0   2 
1 3PFU THR A 3   ? UNP P36655 ? ? 'expression tag' 1   3 
1 3PFU GLY A 135 ? UNP P36655 ? ? 'expression tag' 133 4 
1 3PFU LEU A 136 ? UNP P36655 ? ? 'expression tag' 134 5 
1 3PFU VAL A 137 ? UNP P36655 ? ? 'expression tag' 135 6 
1 3PFU PRO A 138 ? UNP P36655 ? ? 'expression tag' 136 7 
1 3PFU ARG A 139 ? UNP P36655 ? ? 'expression tag' 137 8 
# 
loop_
_chem_comp.id 
_chem_comp.type 
_chem_comp.mon_nstd_flag 
_chem_comp.name 
_chem_comp.pdbx_synonyms 
_chem_comp.formula 
_chem_comp.formula_weight 
ALA 'L-peptide linking' y ALANINE                        ?                  'C3 H7 N O2'     89.093  
ARG 'L-peptide linking' y ARGININE                       ?                  'C6 H15 N4 O2 1' 175.209 
ASN 'L-peptide linking' y ASPARAGINE                     ?                  'C4 H8 N2 O3'    132.118 
ASP 'L-peptide linking' y 'ASPARTIC ACID'                ?                  'C4 H7 N O4'     133.103 
CYS 'L-peptide linking' y CYSTEINE                       ?                  'C3 H7 N O2 S'   121.158 
DTT non-polymer         . 2,3-DIHYDROXY-1,4-DITHIOBUTANE 1,4-DITHIOTHREITOL 'C4 H10 O2 S2'   154.251 
GLN 'L-peptide linking' y GLUTAMINE                      ?                  'C5 H10 N2 O3'   146.144 
GLU 'L-peptide linking' y 'GLUTAMIC ACID'                ?                  'C5 H9 N O4'     147.129 
GLY 'peptide linking'   y GLYCINE                        ?                  'C2 H5 N O2'     75.067  
HIS 'L-peptide linking' y HISTIDINE                      ?                  'C6 H10 N3 O2 1' 156.162 
HOH non-polymer         . WATER                          ?                  'H2 O'           18.015  
ILE 'L-peptide linking' y ISOLEUCINE                     ?                  'C6 H13 N O2'    131.173 
LEU 'L-peptide linking' y LEUCINE                        ?                  'C6 H13 N O2'    131.173 
LYS 'L-peptide linking' y LYSINE                         ?                  'C6 H15 N2 O2 1' 147.195 
MET 'L-peptide linking' y METHIONINE                     ?                  'C5 H11 N O2 S'  149.211 
PHE 'L-peptide linking' y PHENYLALANINE                  ?                  'C9 H11 N O2'    165.189 
PRO 'L-peptide linking' y PROLINE                        ?                  'C5 H9 N O2'     115.130 
SER 'L-peptide linking' y SERINE                         ?                  'C3 H7 N O3'     105.093 
THR 'L-peptide linking' y THREONINE                      ?                  'C4 H9 N O3'     119.119 
TRP 'L-peptide linking' y TRYPTOPHAN                     ?                  'C11 H12 N2 O2'  204.225 
TYR 'L-peptide linking' y TYROSINE                       ?                  'C9 H11 N O3'    181.189 
VAL 'L-peptide linking' y VALINE                         ?                  'C5 H11 N O2'    117.146 
# 
_exptl.crystals_number   1 
_exptl.entry_id          3PFU 
_exptl.method            'X-RAY DIFFRACTION' 
# 
_exptl_crystal.id                    1 
_exptl_crystal.pdbx_mosaicity        0.389 
_exptl_crystal.pdbx_mosaicity_esd    ? 
_exptl_crystal.density_Matthews      2.51 
_exptl_crystal.density_diffrn        ? 
_exptl_crystal.density_meas          ? 
_exptl_crystal.density_meas_temp     ? 
_exptl_crystal.density_percent_sol   51.07 
_exptl_crystal.size_max              ? 
_exptl_crystal.size_mid              ? 
_exptl_crystal.size_min              ? 
_exptl_crystal.size_rad              ? 
_exptl_crystal.description           ? 
_exptl_crystal.F_000                 ? 
_exptl_crystal.preparation           ? 
# 
_exptl_crystal_grow.crystal_id      1 
_exptl_crystal_grow.method          'VAPOR DIFFUSION, HANGING DROP' 
_exptl_crystal_grow.pH              5.0 
_exptl_crystal_grow.temp            289 
_exptl_crystal_grow.temp_details    ? 
_exptl_crystal_grow.pdbx_details    
;28% PEG 4000, 0.1M ammonium sulphate, 0.1M sodium acetate pH 5.0, 10mM dithiothreitol , VAPOR DIFFUSION, HANGING DROP, temperature 289K
;
_exptl_crystal_grow.pdbx_pH_range   . 
# 
_diffrn.id                     1 
_diffrn.ambient_temp           100 
_diffrn.ambient_temp_details   ? 
_diffrn.crystal_id             1 
# 
_diffrn_detector.diffrn_id              1 
_diffrn_detector.detector               'IMAGE PLATE' 
_diffrn_detector.type                   'RIGAKU RAXIS IV' 
_diffrn_detector.pdbx_collection_date   2010-02-19 
_diffrn_detector.details                mirrors 
# 
_diffrn_radiation.diffrn_id                        1 
_diffrn_radiation.wavelength_id                    1 
_diffrn_radiation.pdbx_diffrn_protocol             'SINGLE WAVELENGTH' 
_diffrn_radiation.monochromator                    'Ni FILTER' 
_diffrn_radiation.pdbx_monochromatic_or_laue_m_l   M 
_diffrn_radiation.pdbx_scattering_type             x-ray 
# 
_diffrn_radiation_wavelength.id           1 
_diffrn_radiation_wavelength.wavelength   1.5418 
_diffrn_radiation_wavelength.wt           1.0 
# 
_diffrn_source.diffrn_id                   1 
_diffrn_source.source                      'ROTATING ANODE' 
_diffrn_source.type                        RIGAKU 
_diffrn_source.pdbx_wavelength             ? 
_diffrn_source.pdbx_wavelength_list        1.5418 
_diffrn_source.pdbx_synchrotron_site       ? 
_diffrn_source.pdbx_synchrotron_beamline   ? 
# 
_reflns.entry_id                     3PFU 
_reflns.d_resolution_high            1.800 
_reflns.d_resolution_low             100.000 
_reflns.number_obs                   14176 
_reflns.pdbx_Rmerge_I_obs            0.072 
_reflns.pdbx_netI_over_sigmaI        10.700 
_reflns.pdbx_chi_squared             1.011 
_reflns.pdbx_redundancy              4.100 
_reflns.percent_possible_obs         94.400 
_reflns.observed_criterion_sigma_F   ? 
_reflns.observed_criterion_sigma_I   -3.0 
_reflns.number_all                   15011 
_reflns.pdbx_Rsym_value              ? 
_reflns.B_iso_Wilson_estimate        ? 
_reflns.R_free_details               ? 
_reflns.limit_h_max                  ? 
_reflns.limit_h_min                  ? 
_reflns.limit_k_max                  ? 
_reflns.limit_k_min                  ? 
_reflns.limit_l_max                  ? 
_reflns.limit_l_min                  ? 
_reflns.observed_criterion_F_max     ? 
_reflns.observed_criterion_F_min     ? 
_reflns.pdbx_scaling_rejects         ? 
_reflns.pdbx_ordinal                 1 
_reflns.pdbx_diffrn_id               1 
# 
loop_
_reflns_shell.d_res_high 
_reflns_shell.d_res_low 
_reflns_shell.number_measured_obs 
_reflns_shell.number_measured_all 
_reflns_shell.number_unique_obs 
_reflns_shell.pdbx_rejects 
_reflns_shell.Rmerge_I_obs 
_reflns_shell.meanI_over_sigI_obs 
_reflns_shell.pdbx_Rsym_value 
_reflns_shell.pdbx_chi_squared 
_reflns_shell.pdbx_redundancy 
_reflns_shell.percent_possible_obs 
_reflns_shell.pdbx_netI_over_sigmaI_obs 
_reflns_shell.number_possible 
_reflns_shell.number_unique_all 
_reflns_shell.Rmerge_F_all 
_reflns_shell.Rmerge_F_obs 
_reflns_shell.Rmerge_I_all 
_reflns_shell.meanI_over_sigI_all 
_reflns_shell.percent_possible_all 
_reflns_shell.pdbx_Rrim_I_all 
_reflns_shell.pdbx_Rpim_I_all 
_reflns_shell.pdbx_ordinal 
_reflns_shell.pdbx_diffrn_id 
1.800 1.860   ? ? ? ? 0.366 ? ? 0.802 2.300 ? ? ? 1070 ? ? ? ? 72.000 ? ? 1  1 
1.860 1.940   ? ? ? ? 0.315 ? ? 0.869 3.000 ? ? ? 1344 ? ? ? ? 91.100 ? ? 2  1 
1.940 2.030   ? ? ? ? 0.247 ? ? 0.950 3.600 ? ? ? 1424 ? ? ? ? 96.300 ? ? 3  1 
2.030 2.130   ? ? ? ? 0.206 ? ? 0.902 4.100 ? ? ? 1463 ? ? ? ? 98.600 ? ? 4  1 
2.130 2.270   ? ? ? ? 0.163 ? ? 1.012 4.400 ? ? ? 1457 ? ? ? ? 99.100 ? ? 5  1 
2.270 2.440   ? ? ? ? 0.132 ? ? 0.953 4.500 ? ? ? 1479 ? ? ? ? 98.900 ? ? 6  1 
2.440 2.690   ? ? ? ? 0.099 ? ? 1.070 4.500 ? ? ? 1472 ? ? ? ? 99.500 ? ? 7  1 
2.690 3.080   ? ? ? ? 0.070 ? ? 1.186 4.500 ? ? ? 1486 ? ? ? ? 98.800 ? ? 8  1 
3.080 3.880   ? ? ? ? 0.049 ? ? 1.123 4.600 ? ? ? 1501 ? ? ? ? 97.700 ? ? 9  1 
3.880 100.000 ? ? ? ? 0.037 ? ? 0.987 4.600 ? ? ? 1480 ? ? ? ? 92.400 ? ? 10 1 
# 
_refine.entry_id                                 3PFU 
_refine.ls_d_res_high                            1.8000 
_refine.ls_d_res_low                             31.1300 
_refine.pdbx_ls_sigma_F                          0.000 
_refine.pdbx_data_cutoff_high_absF               ? 
_refine.pdbx_data_cutoff_low_absF                ? 
_refine.ls_percent_reflns_obs                    94.5500 
_refine.ls_number_reflns_obs                     13445 
_refine.ls_number_reflns_all                     ? 
_refine.pdbx_ls_cross_valid_method               THROUGHOUT 
_refine.pdbx_R_Free_selection_details            RANDOM 
_refine.details                                  ? 
_refine.ls_R_factor_all                          ? 
_refine.ls_R_factor_obs                          0.18632 
_refine.ls_R_factor_R_work                       0.18386 
_refine.ls_wR_factor_R_work                      0.1721 
_refine.ls_R_factor_R_free                       0.23343 
_refine.ls_wR_factor_R_free                      0.2235 
_refine.ls_percent_reflns_R_free                 5.1000 
_refine.ls_number_reflns_R_free                  717 
_refine.ls_R_factor_R_free_error                 ? 
_refine.B_iso_mean                               22.921 
_refine.solvent_model_param_bsol                 ? 
_refine.solvent_model_param_ksol                 ? 
_refine.pdbx_isotropic_thermal_model             ? 
_refine.aniso_B[1][1]                            0.00 
_refine.aniso_B[2][2]                            0.01 
_refine.aniso_B[3][3]                            0.00 
_refine.aniso_B[1][2]                            0.00 
_refine.aniso_B[1][3]                            0.00 
_refine.aniso_B[2][3]                            0.00 
_refine.correlation_coeff_Fo_to_Fc               0.953 
_refine.correlation_coeff_Fo_to_Fc_free          0.925 
_refine.overall_SU_R_Cruickshank_DPI             0.1263 
_refine.overall_SU_R_free                        0.130 
_refine.pdbx_overall_ESU_R_Free                  0.1330 
_refine.overall_SU_ML                            0.084 
_refine.overall_SU_B                             2.699 
_refine.solvent_model_details                    MASK 
_refine.pdbx_solvent_vdw_probe_radii             1.4000 
_refine.pdbx_solvent_ion_probe_radii             0.8000 
_refine.pdbx_solvent_shrinkage_radii             0.8000 
_refine.ls_number_parameters                     ? 
_refine.ls_number_restraints                     ? 
_refine.pdbx_starting_model                      1L6P 
_refine.pdbx_method_to_determine_struct          'MOLECULAR REPLACEMENT' 
_refine.pdbx_stereochemistry_target_values       'MAXIMUM LIKELIHOOD' 
_refine.pdbx_stereochem_target_val_spec_case     ? 
_refine.overall_FOM_work_R_set                   0.8454 
_refine.B_iso_max                                79.210 
_refine.B_iso_min                                8.630 
_refine.occupancy_max                            1.000 
_refine.occupancy_min                            0.500 
_refine.pdbx_ls_sigma_I                          ? 
_refine.ls_redundancy_reflns_obs                 ? 
_refine.ls_R_factor_R_free_error_details         ? 
_refine.pdbx_data_cutoff_high_rms_absF           ? 
_refine.overall_FOM_free_R_set                   ? 
_refine.pdbx_refine_id                           'X-RAY DIFFRACTION' 
_refine.pdbx_overall_phase_error                 ? 
_refine.pdbx_overall_ESU_R                       0.128 
_refine.pdbx_diffrn_id                           1 
_refine.pdbx_TLS_residual_ADP_flag               ? 
_refine.pdbx_overall_SU_R_free_Cruickshank_DPI   ? 
_refine.pdbx_overall_SU_R_Blow_DPI               ? 
_refine.pdbx_overall_SU_R_free_Blow_DPI          ? 
# 
_refine_hist.pdbx_refine_id                   'X-RAY DIFFRACTION' 
_refine_hist.cycle_id                         LAST 
_refine_hist.pdbx_number_atoms_protein        950 
_refine_hist.pdbx_number_atoms_nucleic_acid   0 
_refine_hist.pdbx_number_atoms_ligand         16 
_refine_hist.number_atoms_solvent             201 
_refine_hist.number_atoms_total               1167 
_refine_hist.d_res_high                       1.8000 
_refine_hist.d_res_low                        31.1300 
# 
loop_
_refine_ls_restr.type 
_refine_ls_restr.dev_ideal 
_refine_ls_restr.dev_ideal_target 
_refine_ls_restr.weight 
_refine_ls_restr.number 
_refine_ls_restr.pdbx_refine_id 
_refine_ls_restr.pdbx_restraint_function 
r_bond_refined_d             0.023  0.022  ? 1025 'X-RAY DIFFRACTION' ? 
r_bond_other_d               ?      ?      ? ?    'X-RAY DIFFRACTION' ? 
r_angle_refined_deg          1.899  1.947  ? 1393 'X-RAY DIFFRACTION' ? 
r_angle_other_deg            ?      ?      ? ?    'X-RAY DIFFRACTION' ? 
r_dihedral_angle_1_deg       6.448  5.000  ? 118  'X-RAY DIFFRACTION' ? 
r_dihedral_angle_2_deg       33.591 25.088 ? 57   'X-RAY DIFFRACTION' ? 
r_dihedral_angle_3_deg       15.295 15.000 ? 165  'X-RAY DIFFRACTION' ? 
r_dihedral_angle_4_deg       12.143 15.000 ? 5    'X-RAY DIFFRACTION' ? 
r_chiral_restr               0.169  0.200  ? 151  'X-RAY DIFFRACTION' ? 
r_gen_planes_refined         0.010  0.021  ? 797  'X-RAY DIFFRACTION' ? 
r_gen_planes_other           ?      ?      ? ?    'X-RAY DIFFRACTION' ? 
r_nbd_refined                ?      ?      ? ?    'X-RAY DIFFRACTION' ? 
r_nbd_other                  ?      ?      ? ?    'X-RAY DIFFRACTION' ? 
r_nbtor_refined              ?      ?      ? ?    'X-RAY DIFFRACTION' ? 
r_nbtor_other                ?      ?      ? ?    'X-RAY DIFFRACTION' ? 
r_xyhbond_nbd_refined        ?      ?      ? ?    'X-RAY DIFFRACTION' ? 
r_xyhbond_nbd_other          ?      ?      ? ?    'X-RAY DIFFRACTION' ? 
r_metal_ion_refined          ?      ?      ? ?    'X-RAY DIFFRACTION' ? 
r_metal_ion_other            ?      ?      ? ?    'X-RAY DIFFRACTION' ? 
r_symmetry_vdw_refined       ?      ?      ? ?    'X-RAY DIFFRACTION' ? 
r_symmetry_vdw_other         ?      ?      ? ?    'X-RAY DIFFRACTION' ? 
r_symmetry_hbond_refined     ?      ?      ? ?    'X-RAY DIFFRACTION' ? 
r_symmetry_hbond_other       ?      ?      ? ?    'X-RAY DIFFRACTION' ? 
r_symmetry_metal_ion_refined ?      ?      ? ?    'X-RAY DIFFRACTION' ? 
r_symmetry_metal_ion_other   ?      ?      ? ?    'X-RAY DIFFRACTION' ? 
r_mcbond_it                  1.306  1.500  ? 597  'X-RAY DIFFRACTION' ? 
r_mcbond_other               ?      ?      ? ?    'X-RAY DIFFRACTION' ? 
r_mcangle_it                 2.226  2.000  ? 975  'X-RAY DIFFRACTION' ? 
r_scbond_it                  3.396  3.000  ? 428  'X-RAY DIFFRACTION' ? 
r_scangle_it                 5.520  4.500  ? 418  'X-RAY DIFFRACTION' ? 
r_rigid_bond_restr           ?      ?      ? ?    'X-RAY DIFFRACTION' ? 
r_sphericity_free            ?      ?      ? ?    'X-RAY DIFFRACTION' ? 
r_sphericity_bonded          ?      ?      ? ?    'X-RAY DIFFRACTION' ? 
# 
_refine_ls_shell.d_res_high                       1.800 
_refine_ls_shell.d_res_low                        1.847 
_refine_ls_shell.pdbx_total_number_of_bins_used   20 
_refine_ls_shell.percent_reflns_obs               69.75 
_refine_ls_shell.number_reflns_R_work             729 
_refine_ls_shell.R_factor_all                     ? 
_refine_ls_shell.R_factor_R_work                  0.327 
_refine_ls_shell.R_factor_R_free                  0.444 
_refine_ls_shell.percent_reflns_R_free            ? 
_refine_ls_shell.number_reflns_R_free             41 
_refine_ls_shell.R_factor_R_free_error            ? 
_refine_ls_shell.number_reflns_all                ? 
_refine_ls_shell.number_reflns_obs                ? 
_refine_ls_shell.pdbx_refine_id                   'X-RAY DIFFRACTION' 
_refine_ls_shell.redundancy_reflns_obs            ? 
# 
_struct.entry_id                  3PFU 
_struct.title                     'N-terminal domain of Thiol:disulfide interchange protein DsbD in its reduced form' 
_struct.pdbx_model_details        ? 
_struct.pdbx_CASP_flag            ? 
_struct.pdbx_model_type_details   ? 
# 
_struct_keywords.entry_id        3PFU 
_struct_keywords.pdbx_keywords   'ELECTRON TRANSPORT' 
_struct_keywords.text            
;immunoglobulin-like fold, thiol disulfide oxidoreductase, periplasmic domain of transmembrane protein, OXIDOREDUCTASE, ELECTRON TRANSPORT
;
# 
loop_
_struct_asym.id 
_struct_asym.pdbx_blank_PDB_chainid_flag 
_struct_asym.pdbx_modified 
_struct_asym.entity_id 
_struct_asym.details 
A N N 1 ? 
B N N 2 ? 
C N N 2 ? 
D N N 3 ? 
# 
_struct_biol.id        1 
_struct_biol.details   ? 
# 
loop_
_struct_conf.conf_type_id 
_struct_conf.id 
_struct_conf.pdbx_PDB_helix_id 
_struct_conf.beg_label_comp_id 
_struct_conf.beg_label_asym_id 
_struct_conf.beg_label_seq_id 
_struct_conf.pdbx_beg_PDB_ins_code 
_struct_conf.end_label_comp_id 
_struct_conf.end_label_asym_id 
_struct_conf.end_label_seq_id 
_struct_conf.pdbx_end_PDB_ins_code 
_struct_conf.beg_auth_comp_id 
_struct_conf.beg_auth_asym_id 
_struct_conf.beg_auth_seq_id 
_struct_conf.end_auth_comp_id 
_struct_conf.end_auth_asym_id 
_struct_conf.end_auth_seq_id 
_struct_conf.pdbx_PDB_helix_class 
_struct_conf.details 
_struct_conf.pdbx_PDB_helix_length 
HELX_P HELX_P1 1 PRO A 15 ? ALA A 19 ? PRO A 13 ALA A 17 1 ? 5 
HELX_P HELX_P2 2 LYS A 46 ? ILE A 48 ? LYS A 44 ILE A 46 5 ? 3 
# 
_struct_conf_type.id          HELX_P 
_struct_conf_type.criteria    ? 
_struct_conf_type.reference   ? 
# 
loop_
_struct_sheet.id 
_struct_sheet.type 
_struct_sheet.number_strands 
_struct_sheet.details 
A ? 4 ? 
B ? 4 ? 
C ? 4 ? 
# 
loop_
_struct_sheet_order.sheet_id 
_struct_sheet_order.range_id_1 
_struct_sheet_order.range_id_2 
_struct_sheet_order.offset 
_struct_sheet_order.sense 
A 1 2 ? anti-parallel 
A 2 3 ? anti-parallel 
A 3 4 ? anti-parallel 
B 1 2 ? anti-parallel 
B 2 3 ? anti-parallel 
B 3 4 ? anti-parallel 
C 1 2 ? anti-parallel 
C 2 3 ? anti-parallel 
C 3 4 ? anti-parallel 
# 
loop_
_struct_sheet_range.sheet_id 
_struct_sheet_range.id 
_struct_sheet_range.beg_label_comp_id 
_struct_sheet_range.beg_label_asym_id 
_struct_sheet_range.beg_label_seq_id 
_struct_sheet_range.pdbx_beg_PDB_ins_code 
_struct_sheet_range.end_label_comp_id 
_struct_sheet_range.end_label_asym_id 
_struct_sheet_range.end_label_seq_id 
_struct_sheet_range.pdbx_end_PDB_ins_code 
_struct_sheet_range.beg_auth_comp_id 
_struct_sheet_range.beg_auth_asym_id 
_struct_sheet_range.beg_auth_seq_id 
_struct_sheet_range.end_auth_comp_id 
_struct_sheet_range.end_auth_asym_id 
_struct_sheet_range.end_auth_seq_id 
A 1 PHE A 20  ? ASN A 27  ? PHE A 18  ASN A 25  
A 2 ASP A 30  ? ILE A 37  ? ASP A 28  ILE A 35  
A 3 ASP A 81  ? TYR A 102 ? ASP A 79  TYR A 100 
A 4 ARG A 49  ? ILE A 57  ? ARG A 47  ILE A 55  
B 1 PHE A 20  ? ASN A 27  ? PHE A 18  ASN A 25  
B 2 ASP A 30  ? ILE A 37  ? ASP A 28  ILE A 35  
B 3 ASP A 81  ? TYR A 102 ? ASP A 79  TYR A 100 
B 4 GLU A 115 ? PRO A 120 ? GLU A 113 PRO A 118 
C 1 VAL A 66  ? ASP A 70  ? VAL A 64  ASP A 68  
C 2 GLY A 74  ? TYR A 79  ? GLY A 72  TYR A 77  
C 3 TYR A 41  ? TYR A 44  ? TYR A 39  TYR A 42  
C 4 GLY A 104 ? ALA A 106 ? GLY A 102 ALA A 104 
# 
loop_
_pdbx_struct_sheet_hbond.sheet_id 
_pdbx_struct_sheet_hbond.range_id_1 
_pdbx_struct_sheet_hbond.range_id_2 
_pdbx_struct_sheet_hbond.range_1_label_atom_id 
_pdbx_struct_sheet_hbond.range_1_label_comp_id 
_pdbx_struct_sheet_hbond.range_1_label_asym_id 
_pdbx_struct_sheet_hbond.range_1_label_seq_id 
_pdbx_struct_sheet_hbond.range_1_PDB_ins_code 
_pdbx_struct_sheet_hbond.range_1_auth_atom_id 
_pdbx_struct_sheet_hbond.range_1_auth_comp_id 
_pdbx_struct_sheet_hbond.range_1_auth_asym_id 
_pdbx_struct_sheet_hbond.range_1_auth_seq_id 
_pdbx_struct_sheet_hbond.range_2_label_atom_id 
_pdbx_struct_sheet_hbond.range_2_label_comp_id 
_pdbx_struct_sheet_hbond.range_2_label_asym_id 
_pdbx_struct_sheet_hbond.range_2_label_seq_id 
_pdbx_struct_sheet_hbond.range_2_PDB_ins_code 
_pdbx_struct_sheet_hbond.range_2_auth_atom_id 
_pdbx_struct_sheet_hbond.range_2_auth_comp_id 
_pdbx_struct_sheet_hbond.range_2_auth_asym_id 
_pdbx_struct_sheet_hbond.range_2_auth_seq_id 
A 1 2 N ASN A 27  ? N ASN A 25 O ASP A 30  ? O ASP A 28  
A 2 3 N LEU A 33  ? N LEU A 31 O LEU A 85  ? O LEU A 83  
A 3 4 O GLN A 91  ? O GLN A 89 N LYS A 56  ? N LYS A 54  
B 1 2 N ASN A 27  ? N ASN A 25 O ASP A 30  ? O ASP A 28  
B 2 3 N LEU A 33  ? N LEU A 31 O LEU A 85  ? O LEU A 83  
B 3 4 N VAL A 100 ? N VAL A 98 O LYS A 117 ? O LYS A 115 
C 1 2 N VAL A 66  ? N VAL A 64 O ILE A 78  ? O ILE A 76  
C 2 3 O TYR A 79  ? O TYR A 77 N LEU A 43  ? N LEU A 41  
C 3 4 N TYR A 42  ? N TYR A 40 O CYS A 105 ? O CYS A 103 
# 
loop_
_struct_site.id 
_struct_site.pdbx_evidence_code 
_struct_site.pdbx_auth_asym_id 
_struct_site.pdbx_auth_comp_id 
_struct_site.pdbx_auth_seq_id 
_struct_site.pdbx_auth_ins_code 
_struct_site.pdbx_num_residues 
_struct_site.details 
AC1 Software A DTT 138 ? 3 'BINDING SITE FOR RESIDUE DTT A 138' 
AC2 Software A DTT 139 ? 5 'BINDING SITE FOR RESIDUE DTT A 139' 
# 
loop_
_struct_site_gen.id 
_struct_site_gen.site_id 
_struct_site_gen.pdbx_num_res 
_struct_site_gen.label_comp_id 
_struct_site_gen.label_asym_id 
_struct_site_gen.label_seq_id 
_struct_site_gen.pdbx_auth_ins_code 
_struct_site_gen.auth_comp_id 
_struct_site_gen.auth_asym_id 
_struct_site_gen.auth_seq_id 
_struct_site_gen.label_atom_id 
_struct_site_gen.label_alt_id 
_struct_site_gen.symmetry 
_struct_site_gen.details 
1 AC1 3 PHE A 72 ? PHE A 70  . ? 3_554 ? 
2 AC1 3 HOH D .  ? HOH A 330 . ? 1_555 ? 
3 AC1 3 HOH D .  ? HOH A 334 . ? 1_555 ? 
4 AC2 5 ARG A 49 ? ARG A 47  . ? 1_555 ? 
5 AC2 5 ILE A 50 ? ILE A 48  . ? 1_555 ? 
6 AC2 5 VAL A 60 ? VAL A 58  . ? 1_555 ? 
7 AC2 5 GLN A 61 ? GLN A 59  . ? 1_555 ? 
8 AC2 5 LEU A 62 ? LEU A 60  . ? 1_555 ? 
# 
_atom_sites.entry_id                    3PFU 
_atom_sites.fract_transf_matrix[1][1]   -0.00647962 
_atom_sites.fract_transf_matrix[1][2]   -0.01397894 
_atom_sites.fract_transf_matrix[1][3]   -0.01043367 
_atom_sites.fract_transf_matrix[2][1]   0.01594316 
_atom_sites.fract_transf_matrix[2][2]   -0.00121867 
_atom_sites.fract_transf_matrix[2][3]   -0.00826841 
_atom_sites.fract_transf_matrix[3][1]   0.00291902 
_atom_sites.fract_transf_matrix[3][2]   -0.00624057 
_atom_sites.fract_transf_matrix[3][3]   0.00654825 
_atom_sites.fract_transf_vector[1]      -0.024100 
_atom_sites.fract_transf_vector[2]      -0.225014 
_atom_sites.fract_transf_vector[3]      -0.083041 
# 
loop_
_atom_type.symbol 
C 
N 
O 
S 
# 
loop_
_atom_site.group_PDB 
_atom_site.id 
_atom_site.type_symbol 
_atom_site.label_atom_id 
_atom_site.label_alt_id 
_atom_site.label_comp_id 
_atom_site.label_asym_id 
_atom_site.label_entity_id 
_atom_site.label_seq_id 
_atom_site.pdbx_PDB_ins_code 
_atom_site.Cartn_x 
_atom_site.Cartn_y 
_atom_site.Cartn_z 
_atom_site.occupancy 
_atom_site.B_iso_or_equiv 
_atom_site.pdbx_formal_charge 
_atom_site.auth_seq_id 
_atom_site.auth_comp_id 
_atom_site.auth_asym_id 
_atom_site.auth_atom_id 
_atom_site.pdbx_PDB_model_num 
ATOM   1    N N   . GLY A 1 9   ? 13.097  15.793  -17.744 1.00 74.34 ? 7   GLY A N   1 
ATOM   2    C CA  . GLY A 1 9   ? 12.544  14.412  -17.526 1.00 73.98 ? 7   GLY A CA  1 
ATOM   3    C C   . GLY A 1 9   ? 11.245  14.139  -18.287 1.00 73.49 ? 7   GLY A C   1 
ATOM   4    O O   . GLY A 1 9   ? 10.140  14.281  -17.728 1.00 73.78 ? 7   GLY A O   1 
ATOM   5    N N   . ARG A 1 10  ? 11.386  13.769  -19.566 1.00 72.51 ? 8   ARG A N   1 
ATOM   6    C CA  . ARG A 1 10  ? 10.255  13.352  -20.425 1.00 71.31 ? 8   ARG A CA  1 
ATOM   7    C C   . ARG A 1 10  ? 9.970   11.850  -20.275 1.00 70.24 ? 8   ARG A C   1 
ATOM   8    O O   . ARG A 1 10  ? 8.862   11.375  -20.585 1.00 70.13 ? 8   ARG A O   1 
ATOM   9    C CB  . ARG A 1 10  ? 10.514  13.700  -21.897 1.00 71.37 ? 8   ARG A CB  1 
ATOM   10   N N   . SER A 1 11  ? 10.979  11.111  -19.807 1.00 68.61 ? 9   SER A N   1 
ATOM   11   C CA  . SER A 1 11  ? 10.783  9.725   -19.396 1.00 66.42 ? 9   SER A CA  1 
ATOM   12   C C   . SER A 1 11  ? 10.283  9.650   -17.951 1.00 64.48 ? 9   SER A C   1 
ATOM   13   O O   . SER A 1 11  ? 10.329  8.578   -17.342 1.00 64.28 ? 9   SER A O   1 
ATOM   14   C CB  . SER A 1 11  ? 12.037  8.869   -19.624 1.00 66.85 ? 9   SER A CB  1 
ATOM   15   O OG  . SER A 1 11  ? 13.028  9.133   -18.655 1.00 67.62 ? 9   SER A OG  1 
ATOM   16   N N   . GLN A 1 12  ? 9.798   10.790  -17.430 1.00 61.76 ? 10  GLN A N   1 
ATOM   17   C CA  . GLN A 1 12  ? 8.983   10.849  -16.203 1.00 58.91 ? 10  GLN A CA  1 
ATOM   18   C C   . GLN A 1 12  ? 7.908   9.752   -16.208 1.00 56.25 ? 10  GLN A C   1 
ATOM   19   O O   . GLN A 1 12  ? 7.272   9.479   -15.142 1.00 56.31 ? 10  GLN A O   1 
ATOM   20   C CB  . GLN A 1 12  ? 8.295   12.223  -16.022 1.00 59.47 ? 10  GLN A CB  1 
ATOM   21   C CG  . GLN A 1 12  ? 8.806   13.099  -14.842 1.00 61.95 ? 10  GLN A CG  1 
ATOM   22   C CD  . GLN A 1 12  ? 8.292   12.668  -13.431 1.00 65.13 ? 10  GLN A CD  1 
ATOM   23   O OE1 . GLN A 1 12  ? 7.163   12.180  -13.272 1.00 64.91 ? 10  GLN A OE1 1 
ATOM   24   N NE2 . GLN A 1 12  ? 9.129   12.879  -12.406 1.00 66.02 ? 10  GLN A NE2 1 
ATOM   25   N N   . PHE A 1 13  ? 7.674   9.125   -17.378 1.00 51.70 ? 11  PHE A N   1 
ATOM   26   C CA  . PHE A 1 13  ? 6.908   7.898   -17.297 1.00 46.90 ? 11  PHE A CA  1 
ATOM   27   C C   . PHE A 1 13  ? 7.709   6.695   -16.837 1.00 43.59 ? 11  PHE A C   1 
ATOM   28   O O   . PHE A 1 13  ? 8.270   5.906   -17.624 1.00 43.63 ? 11  PHE A O   1 
ATOM   29   C CB  . PHE A 1 13  ? 5.924   7.571   -18.403 1.00 46.40 ? 11  PHE A CB  1 
ATOM   30   C CG  . PHE A 1 13  ? 4.807   6.720   -17.892 1.00 46.04 ? 11  PHE A CG  1 
ATOM   31   C CD1 . PHE A 1 13  ? 4.035   7.168   -16.811 1.00 45.81 ? 11  PHE A CD1 1 
ATOM   32   C CD2 . PHE A 1 13  ? 4.580   5.449   -18.390 1.00 47.15 ? 11  PHE A CD2 1 
ATOM   33   C CE1 . PHE A 1 13  ? 3.007   6.372   -16.263 1.00 46.85 ? 11  PHE A CE1 1 
ATOM   34   C CE2 . PHE A 1 13  ? 3.551   4.645   -17.867 1.00 48.54 ? 11  PHE A CE2 1 
ATOM   35   C CZ  . PHE A 1 13  ? 2.756   5.109   -16.805 1.00 47.72 ? 11  PHE A CZ  1 
ATOM   36   N N   . VAL A 1 14  ? 7.783   6.620   -15.523 1.00 38.35 ? 12  VAL A N   1 
ATOM   37   C CA  . VAL A 1 14  ? 8.285   5.443   -14.876 1.00 33.68 ? 12  VAL A CA  1 
ATOM   38   C C   . VAL A 1 14  ? 7.065   4.573   -14.502 1.00 30.60 ? 12  VAL A C   1 
ATOM   39   O O   . VAL A 1 14  ? 6.039   5.081   -14.029 1.00 28.83 ? 12  VAL A O   1 
ATOM   40   C CB  . VAL A 1 14  ? 9.292   5.758   -13.728 1.00 34.35 ? 12  VAL A CB  1 
ATOM   41   C CG1 . VAL A 1 14  ? 9.846   7.234   -13.813 1.00 32.36 ? 12  VAL A CG1 1 
ATOM   42   C CG2 . VAL A 1 14  ? 8.737   5.436   -12.400 1.00 33.02 ? 12  VAL A CG2 1 
ATOM   43   N N   . PRO A 1 15  ? 7.168   3.274   -14.794 1.00 27.88 ? 13  PRO A N   1 
ATOM   44   C CA  . PRO A 1 15  ? 6.119   2.305   -14.509 1.00 26.49 ? 13  PRO A CA  1 
ATOM   45   C C   . PRO A 1 15  ? 5.772   2.365   -13.017 1.00 25.10 ? 13  PRO A C   1 
ATOM   46   O O   . PRO A 1 15  ? 6.604   2.790   -12.204 1.00 22.43 ? 13  PRO A O   1 
ATOM   47   C CB  . PRO A 1 15  ? 6.776   0.971   -14.868 1.00 27.13 ? 13  PRO A CB  1 
ATOM   48   C CG  . PRO A 1 15  ? 7.830   1.365   -15.966 1.00 28.00 ? 13  PRO A CG  1 
ATOM   49   C CD  . PRO A 1 15  ? 8.386   2.632   -15.332 1.00 28.28 ? 13  PRO A CD  1 
ATOM   50   N N   . ALA A 1 16  ? 4.523   2.004   -12.689 1.00 24.12 ? 14  ALA A N   1 
ATOM   51   C CA  . ALA A 1 16  ? 4.035   2.099   -11.315 1.00 23.07 ? 14  ALA A CA  1 
ATOM   52   C C   . ALA A 1 16  ? 4.923   1.336   -10.331 1.00 23.66 ? 14  ALA A C   1 
ATOM   53   O O   . ALA A 1 16  ? 5.180   1.839   -9.228  1.00 22.13 ? 14  ALA A O   1 
ATOM   54   C CB  . ALA A 1 16  ? 2.598   1.618   -11.247 1.00 24.58 ? 14  ALA A CB  1 
ATOM   55   N N   . ASP A 1 17  ? 5.404   0.153   -10.726 1.00 23.30 ? 15  ASP A N   1 
ATOM   56   C CA  . ASP A 1 17  ? 6.233   -0.659  -9.829  1.00 23.60 ? 15  ASP A CA  1 
ATOM   57   C C   . ASP A 1 17  ? 7.626   -0.082  -9.513  1.00 23.05 ? 15  ASP A C   1 
ATOM   58   O O   . ASP A 1 17  ? 8.268   -0.470  -8.490  1.00 23.28 ? 15  ASP A O   1 
ATOM   59   C CB  . ASP A 1 17  ? 6.346   -2.076  -10.353 1.00 24.31 ? 15  ASP A CB  1 
ATOM   60   C CG  . ASP A 1 17  ? 5.069   -2.857  -10.158 1.00 28.09 ? 15  ASP A CG  1 
ATOM   61   O OD1 . ASP A 1 17  ? 4.350   -2.617  -9.146  1.00 30.98 ? 15  ASP A OD1 1 
ATOM   62   O OD2 . ASP A 1 17  ? 4.793   -3.704  -11.026 1.00 32.55 ? 15  ASP A OD2 1 
ATOM   63   N N   . GLN A 1 18  ? 8.113   0.813   -10.378 1.00 22.08 ? 16  GLN A N   1 
ATOM   64   C CA  . GLN A 1 18  ? 9.343   1.558   -10.031 1.00 22.05 ? 16  GLN A CA  1 
ATOM   65   C C   . GLN A 1 18  ? 9.025   2.842   -9.220  1.00 18.48 ? 16  GLN A C   1 
ATOM   66   O O   . GLN A 1 18  ? 9.770   3.191   -8.324  1.00 19.49 ? 16  GLN A O   1 
ATOM   67   C CB  . GLN A 1 18  ? 10.225  1.877   -11.248 1.00 24.26 ? 16  GLN A CB  1 
ATOM   68   C CG  . GLN A 1 18  ? 10.785  0.658   -11.948 1.00 29.69 ? 16  GLN A CG  1 
ATOM   69   C CD  . GLN A 1 18  ? 11.124  0.970   -13.393 1.00 39.70 ? 16  GLN A CD  1 
ATOM   70   O OE1 . GLN A 1 18  ? 11.651  2.075   -13.715 1.00 41.22 ? 16  GLN A OE1 1 
ATOM   71   N NE2 . GLN A 1 18  ? 10.776  0.033   -14.291 1.00 41.47 ? 16  GLN A NE2 1 
ATOM   72   N N   . ALA A 1 19  ? 7.935   3.544   -9.517  1.00 17.63 ? 17  ALA A N   1 
ATOM   73   C CA  . ALA A 1 19  ? 7.536   4.699   -8.675  1.00 15.29 ? 17  ALA A CA  1 
ATOM   74   C C   . ALA A 1 19  ? 7.146   4.288   -7.217  1.00 15.93 ? 17  ALA A C   1 
ATOM   75   O O   . ALA A 1 19  ? 7.417   5.005   -6.231  1.00 16.47 ? 17  ALA A O   1 
ATOM   76   C CB  . ALA A 1 19  ? 6.373   5.468   -9.368  1.00 15.62 ? 17  ALA A CB  1 
ATOM   77   N N   . PHE A 1 20  ? 6.456   3.157   -7.114  1.00 16.04 ? 18  PHE A N   1 
ATOM   78   C CA  . PHE A 1 20  ? 5.854   2.689   -5.842  1.00 15.08 ? 18  PHE A CA  1 
ATOM   79   C C   . PHE A 1 20  ? 6.216   1.195   -5.745  1.00 15.53 ? 18  PHE A C   1 
ATOM   80   O O   . PHE A 1 20  ? 5.441   0.322   -6.191  1.00 16.34 ? 18  PHE A O   1 
ATOM   81   C CB  . PHE A 1 20  ? 4.320   2.864   -5.821  1.00 13.90 ? 18  PHE A CB  1 
ATOM   82   C CG  . PHE A 1 20  ? 3.842   4.209   -6.296  1.00 14.04 ? 18  PHE A CG  1 
ATOM   83   C CD1 . PHE A 1 20  ? 4.067   5.338   -5.544  1.00 12.29 ? 18  PHE A CD1 1 
ATOM   84   C CD2 . PHE A 1 20  ? 3.202   4.338   -7.552  1.00 16.58 ? 18  PHE A CD2 1 
ATOM   85   C CE1 . PHE A 1 20  ? 3.639   6.590   -5.988  1.00 15.57 ? 18  PHE A CE1 1 
ATOM   86   C CE2 . PHE A 1 20  ? 2.777   5.587   -8.012  1.00 18.15 ? 18  PHE A CE2 1 
ATOM   87   C CZ  . PHE A 1 20  ? 2.987   6.729   -7.207  1.00 16.30 ? 18  PHE A CZ  1 
ATOM   88   N N   . ALA A 1 21  ? 7.416   0.939   -5.252  1.00 15.30 ? 19  ALA A N   1 
ATOM   89   C CA  . ALA A 1 21  ? 7.950   -0.429  -5.146  1.00 16.05 ? 19  ALA A CA  1 
ATOM   90   C C   . ALA A 1 21  ? 7.393   -1.057  -3.853  1.00 16.53 ? 19  ALA A C   1 
ATOM   91   O O   . ALA A 1 21  ? 7.788   -0.672  -2.735  1.00 15.60 ? 19  ALA A O   1 
ATOM   92   C CB  . ALA A 1 21  ? 9.448   -0.387  -5.087  1.00 16.53 ? 19  ALA A CB  1 
ATOM   93   N N   . PHE A 1 22  ? 6.515   -2.031  -4.056  1.00 15.83 ? 20  PHE A N   1 
ATOM   94   C CA  . PHE A 1 22  ? 5.799   -2.723  -2.971  1.00 14.60 ? 20  PHE A CA  1 
ATOM   95   C C   . PHE A 1 22  ? 6.550   -3.979  -2.536  1.00 15.33 ? 20  PHE A C   1 
ATOM   96   O O   . PHE A 1 22  ? 6.990   -4.772  -3.378  1.00 15.29 ? 20  PHE A O   1 
ATOM   97   C CB  . PHE A 1 22  ? 4.392   -3.088  -3.475  1.00 15.60 ? 20  PHE A CB  1 
ATOM   98   C CG  . PHE A 1 22  ? 3.592   -3.919  -2.482  1.00 13.78 ? 20  PHE A CG  1 
ATOM   99   C CD1 . PHE A 1 22  ? 3.080   -3.335  -1.308  1.00 11.67 ? 20  PHE A CD1 1 
ATOM   100  C CD2 . PHE A 1 22  ? 3.342   -5.277  -2.738  1.00 16.54 ? 20  PHE A CD2 1 
ATOM   101  C CE1 . PHE A 1 22  ? 2.346   -4.132  -0.374  1.00 15.74 ? 20  PHE A CE1 1 
ATOM   102  C CE2 . PHE A 1 22  ? 2.571   -6.052  -1.834  1.00 18.71 ? 20  PHE A CE2 1 
ATOM   103  C CZ  . PHE A 1 22  ? 2.094   -5.467  -0.647  1.00 16.82 ? 20  PHE A CZ  1 
ATOM   104  N N   . ASP A 1 23  ? 6.625   -4.236  -1.223  1.00 16.08 ? 21  ASP A N   1 
ATOM   105  C CA  . ASP A 1 23  ? 7.096   -5.563  -0.761  1.00 17.09 ? 21  ASP A CA  1 
ATOM   106  C C   . ASP A 1 23  ? 6.472   -5.877  0.598   1.00 17.09 ? 21  ASP A C   1 
ATOM   107  O O   . ASP A 1 23  ? 5.729   -5.047  1.150   1.00 17.70 ? 21  ASP A O   1 
ATOM   108  C CB  . ASP A 1 23  ? 8.615   -5.663  -0.732  1.00 18.11 ? 21  ASP A CB  1 
ATOM   109  C CG  A ASP A 1 23  ? 9.110   -7.041  -1.235  0.50 18.91 ? 21  ASP A CG  1 
ATOM   110  C CG  B ASP A 1 23  ? 9.232   -4.983  0.474   0.50 20.21 ? 21  ASP A CG  1 
ATOM   111  O OD1 A ASP A 1 23  ? 8.501   -8.108  -0.934  0.50 16.87 ? 21  ASP A OD1 1 
ATOM   112  O OD1 B ASP A 1 23  ? 9.280   -5.609  1.568   0.50 27.10 ? 21  ASP A OD1 1 
ATOM   113  O OD2 A ASP A 1 23  ? 10.106  -7.026  -1.969  0.50 22.34 ? 21  ASP A OD2 1 
ATOM   114  O OD2 B ASP A 1 23  ? 9.709   -3.837  0.349   0.50 26.17 ? 21  ASP A OD2 1 
ATOM   115  N N   . PHE A 1 24  ? 6.650   -7.102  1.087   1.00 15.68 ? 22  PHE A N   1 
ATOM   116  C CA  . PHE A 1 24  ? 5.993   -7.489  2.338   1.00 15.08 ? 22  PHE A CA  1 
ATOM   117  C C   . PHE A 1 24  ? 6.905   -8.531  2.970   1.00 16.94 ? 22  PHE A C   1 
ATOM   118  O O   . PHE A 1 24  ? 7.706   -9.172  2.247   1.00 12.64 ? 22  PHE A O   1 
ATOM   119  C CB  . PHE A 1 24  ? 4.607   -8.084  2.038   1.00 14.47 ? 22  PHE A CB  1 
ATOM   120  C CG  . PHE A 1 24  ? 4.644   -9.350  1.174   1.00 17.30 ? 22  PHE A CG  1 
ATOM   121  C CD1 . PHE A 1 24  ? 4.627   -9.277  -0.209  1.00 20.55 ? 22  PHE A CD1 1 
ATOM   122  C CD2 . PHE A 1 24  ? 4.753   -10.617 1.771   1.00 19.66 ? 22  PHE A CD2 1 
ATOM   123  C CE1 . PHE A 1 24  ? 4.668   -10.424 -1.006  1.00 23.40 ? 22  PHE A CE1 1 
ATOM   124  C CE2 . PHE A 1 24  ? 4.798   -11.784 0.968   1.00 22.01 ? 22  PHE A CE2 1 
ATOM   125  C CZ  . PHE A 1 24  ? 4.752   -11.684 -0.419  1.00 23.07 ? 22  PHE A CZ  1 
ATOM   126  N N   . GLN A 1 25  ? 6.779   -8.668  4.295   1.00 15.39 ? 23  GLN A N   1 
ATOM   127  C CA  . GLN A 1 25  ? 7.525   -9.696  5.079   1.00 17.47 ? 23  GLN A CA  1 
ATOM   128  C C   . GLN A 1 25  ? 6.557   -10.188 6.146   1.00 16.94 ? 23  GLN A C   1 
ATOM   129  O O   . GLN A 1 25  ? 5.945   -9.395  6.828   1.00 16.28 ? 23  GLN A O   1 
ATOM   130  C CB  . GLN A 1 25  ? 8.746   -9.109  5.795   1.00 19.38 ? 23  GLN A CB  1 
ATOM   131  C CG  . GLN A 1 25  ? 9.831   -8.494  4.901   1.00 24.91 ? 23  GLN A CG  1 
ATOM   132  C CD  . GLN A 1 25  ? 9.708   -6.999  4.682   1.00 33.43 ? 23  GLN A CD  1 
ATOM   133  O OE1 . GLN A 1 25  ? 10.016  -6.481  3.581   1.00 36.91 ? 23  GLN A OE1 1 
ATOM   134  N NE2 . GLN A 1 25  ? 9.272   -6.274  5.732   1.00 33.26 ? 23  GLN A NE2 1 
ATOM   135  N N   . GLN A 1 26  ? 6.370   -11.495 6.274   1.00 15.94 ? 24  GLN A N   1 
ATOM   136  C CA  . GLN A 1 26  ? 5.510   -11.957 7.354   1.00 13.71 ? 24  GLN A CA  1 
ATOM   137  C C   . GLN A 1 26  ? 6.354   -12.790 8.317   1.00 17.23 ? 24  GLN A C   1 
ATOM   138  O O   . GLN A 1 26  ? 7.195   -13.579 7.890   1.00 16.20 ? 24  GLN A O   1 
ATOM   139  C CB  . GLN A 1 26  ? 4.385   -12.838 6.809   1.00 14.40 ? 24  GLN A CB  1 
ATOM   140  C CG  . GLN A 1 26  ? 3.391   -13.375 7.873   1.00 12.28 ? 24  GLN A CG  1 
ATOM   141  C CD  . GLN A 1 26  ? 2.339   -14.310 7.247   1.00 14.55 ? 24  GLN A CD  1 
ATOM   142  O OE1 . GLN A 1 26  ? 2.179   -14.407 6.010   1.00 14.70 ? 24  GLN A OE1 1 
ATOM   143  N NE2 . GLN A 1 26  ? 1.597   -14.990 8.120   1.00 14.30 ? 24  GLN A NE2 1 
ATOM   144  N N   . ASN A 1 27  ? 6.116   -12.611 9.602   1.00 17.50 ? 25  ASN A N   1 
ATOM   145  C CA  . ASN A 1 27  ? 6.627   -13.559 10.586  1.00 19.62 ? 25  ASN A CA  1 
ATOM   146  C C   . ASN A 1 27  ? 5.436   -13.921 11.492  1.00 18.99 ? 25  ASN A C   1 
ATOM   147  O O   . ASN A 1 27  ? 5.087   -13.173 12.435  1.00 19.61 ? 25  ASN A O   1 
ATOM   148  C CB  . ASN A 1 27  ? 7.728   -12.869 11.379  1.00 21.32 ? 25  ASN A CB  1 
ATOM   149  C CG  . ASN A 1 27  ? 8.244   -13.725 12.530  1.00 28.74 ? 25  ASN A CG  1 
ATOM   150  O OD1 . ASN A 1 27  ? 8.032   -14.960 12.581  1.00 31.71 ? 25  ASN A OD1 1 
ATOM   151  N ND2 . ASN A 1 27  ? 8.890   -13.059 13.488  1.00 35.07 ? 25  ASN A ND2 1 
ATOM   152  N N   . GLN A 1 28  ? 4.826   -15.068 11.208  1.00 18.55 ? 26  GLN A N   1 
ATOM   153  C CA  . GLN A 1 28  ? 3.636   -15.565 11.930  1.00 21.12 ? 26  GLN A CA  1 
ATOM   154  C C   . GLN A 1 28  ? 2.488   -14.564 11.932  1.00 19.70 ? 26  GLN A C   1 
ATOM   155  O O   . GLN A 1 28  ? 1.953   -14.241 10.872  1.00 19.36 ? 26  GLN A O   1 
ATOM   156  C CB  . GLN A 1 28  ? 3.951   -15.935 13.393  1.00 21.43 ? 26  GLN A CB  1 
ATOM   157  C CG  . GLN A 1 28  ? 5.173   -16.841 13.552  1.00 27.73 ? 26  GLN A CG  1 
ATOM   158  C CD  . GLN A 1 28  ? 5.052   -18.111 12.715  1.00 34.88 ? 26  GLN A CD  1 
ATOM   159  O OE1 . GLN A 1 28  ? 6.036   -18.542 12.078  1.00 39.07 ? 26  GLN A OE1 1 
ATOM   160  N NE2 . GLN A 1 28  ? 3.841   -18.714 12.698  1.00 34.10 ? 26  GLN A NE2 1 
ATOM   161  N N   . HIS A 1 29  ? 2.112   -14.071 13.128  1.00 18.60 ? 27  HIS A N   1 
ATOM   162  C CA  . HIS A 1 29  ? 1.036   -13.115 13.240  1.00 17.05 ? 27  HIS A CA  1 
ATOM   163  C C   . HIS A 1 29  ? 1.373   -11.704 12.726  1.00 16.92 ? 27  HIS A C   1 
ATOM   164  O O   . HIS A 1 29  ? 0.473   -10.909 12.523  1.00 16.77 ? 27  HIS A O   1 
ATOM   165  C CB  . HIS A 1 29  ? 0.555   -12.991 14.686  1.00 18.70 ? 27  HIS A CB  1 
ATOM   166  C CG  . HIS A 1 29  ? -0.177  -14.193 15.186  1.00 19.69 ? 27  HIS A CG  1 
ATOM   167  N ND1 . HIS A 1 29  ? -1.546  -14.278 15.170  1.00 20.26 ? 27  HIS A ND1 1 
ATOM   168  C CD2 . HIS A 1 29  ? 0.275   -15.392 15.634  1.00 26.32 ? 27  HIS A CD2 1 
ATOM   169  C CE1 . HIS A 1 29  ? -1.913  -15.451 15.663  1.00 27.11 ? 27  HIS A CE1 1 
ATOM   170  N NE2 . HIS A 1 29  ? -0.825  -16.147 15.948  1.00 23.42 ? 27  HIS A NE2 1 
ATOM   171  N N   . ASP A 1 30  ? 2.651   -11.394 12.541  1.00 16.35 ? 28  ASP A N   1 
ATOM   172  C CA  . ASP A 1 30  ? 3.079   -10.036 12.155  1.00 17.13 ? 28  ASP A CA  1 
ATOM   173  C C   . ASP A 1 30  ? 3.365   -9.963  10.644  1.00 16.41 ? 28  ASP A C   1 
ATOM   174  O O   . ASP A 1 30  ? 4.207   -10.720 10.142  1.00 17.58 ? 28  ASP A O   1 
ATOM   175  C CB  . ASP A 1 30  ? 4.327   -9.643  12.976  1.00 18.11 ? 28  ASP A CB  1 
ATOM   176  C CG  . ASP A 1 30  ? 4.011   -9.540  14.498  1.00 21.62 ? 28  ASP A CG  1 
ATOM   177  O OD1 . ASP A 1 30  ? 2.891   -9.216  14.889  1.00 26.91 ? 28  ASP A OD1 1 
ATOM   178  O OD2 . ASP A 1 30  ? 4.884   -9.868  15.293  1.00 28.17 ? 28  ASP A OD2 1 
ATOM   179  N N   . LEU A 1 31  ? 2.685   -9.053  9.950   1.00 14.53 ? 29  LEU A N   1 
ATOM   180  C CA  . LEU A 1 31  ? 2.944   -8.777  8.506   1.00 13.95 ? 29  LEU A CA  1 
ATOM   181  C C   . LEU A 1 31  ? 3.353   -7.306  8.362   1.00 13.60 ? 29  LEU A C   1 
ATOM   182  O O   . LEU A 1 31  ? 2.713   -6.410  8.961   1.00 15.14 ? 29  LEU A O   1 
ATOM   183  C CB  . LEU A 1 31  ? 1.654   -8.984  7.681   1.00 11.78 ? 29  LEU A CB  1 
ATOM   184  C CG  . LEU A 1 31  ? 1.704   -8.774  6.164   1.00 12.26 ? 29  LEU A CG  1 
ATOM   185  C CD1 . LEU A 1 31  ? 2.543   -9.853  5.482   1.00 15.83 ? 29  LEU A CD1 1 
ATOM   186  C CD2 . LEU A 1 31  ? 0.257   -8.864  5.629   1.00 12.40 ? 29  LEU A CD2 1 
ATOM   187  N N   . ASN A 1 32  ? 4.432   -7.065  7.626   1.00 12.90 ? 30  ASN A N   1 
ATOM   188  C CA  . ASN A 1 32  ? 4.780   -5.673  7.340   1.00 15.45 ? 30  ASN A CA  1 
ATOM   189  C C   . ASN A 1 32  ? 4.622   -5.438  5.856   1.00 15.49 ? 30  ASN A C   1 
ATOM   190  O O   . ASN A 1 32  ? 5.130   -6.230  5.055   1.00 15.20 ? 30  ASN A O   1 
ATOM   191  C CB  A ASN A 1 32  ? 6.226   -5.417  7.828   0.50 16.72 ? 30  ASN A CB  1 
ATOM   192  C CB  B ASN A 1 32  ? 6.209   -5.307  7.727   0.50 16.07 ? 30  ASN A CB  1 
ATOM   193  C CG  A ASN A 1 32  ? 6.363   -5.550  9.360   0.50 18.77 ? 30  ASN A CG  1 
ATOM   194  C CG  B ASN A 1 32  ? 6.477   -3.837  7.506   0.50 17.02 ? 30  ASN A CG  1 
ATOM   195  O OD1 A ASN A 1 32  ? 5.474   -5.151  10.111  0.50 26.35 ? 30  ASN A OD1 1 
ATOM   196  O OD1 B ASN A 1 32  ? 5.897   -2.993  8.173   0.50 23.97 ? 30  ASN A OD1 1 
ATOM   197  N ND2 A ASN A 1 32  ? 7.479   -6.100  9.816   0.50 25.24 ? 30  ASN A ND2 1 
ATOM   198  N ND2 B ASN A 1 32  ? 7.314   -3.529  6.554   0.50 16.56 ? 30  ASN A ND2 1 
ATOM   199  N N   . LEU A 1 33  ? 3.889   -4.380  5.498   1.00 14.81 ? 31  LEU A N   1 
ATOM   200  C CA  . LEU A 1 33  ? 3.753   -3.985  4.074   1.00 14.87 ? 31  LEU A CA  1 
ATOM   201  C C   . LEU A 1 33  ? 4.586   -2.716  3.925   1.00 15.41 ? 31  LEU A C   1 
ATOM   202  O O   . LEU A 1 33  ? 4.593   -1.857  4.832   1.00 16.99 ? 31  LEU A O   1 
ATOM   203  C CB  . LEU A 1 33  ? 2.304   -3.652  3.733   1.00 12.30 ? 31  LEU A CB  1 
ATOM   204  C CG  . LEU A 1 33  ? 1.321   -4.746  4.065   1.00 14.85 ? 31  LEU A CG  1 
ATOM   205  C CD1 . LEU A 1 33  ? -0.117  -4.357  3.741   1.00 15.30 ? 31  LEU A CD1 1 
ATOM   206  C CD2 . LEU A 1 33  ? 1.738   -5.997  3.264   1.00 16.99 ? 31  LEU A CD2 1 
ATOM   207  N N   . THR A 1 34  ? 5.334   -2.620  2.818   1.00 15.35 ? 32  THR A N   1 
ATOM   208  C CA  . THR A 1 34  ? 6.272   -1.502  2.626   1.00 16.47 ? 32  THR A CA  1 
ATOM   209  C C   . THR A 1 34  ? 6.157   -1.038  1.153   1.00 13.61 ? 32  THR A C   1 
ATOM   210  O O   . THR A 1 34  ? 6.022   -1.872  0.263   1.00 14.15 ? 32  THR A O   1 
ATOM   211  C CB  . THR A 1 34  ? 7.768   -1.999  2.834   1.00 16.69 ? 32  THR A CB  1 
ATOM   212  O OG1 . THR A 1 34  ? 7.973   -2.213  4.225   1.00 25.14 ? 32  THR A OG1 1 
ATOM   213  C CG2 . THR A 1 34  ? 8.730   -0.884  2.466   1.00 23.11 ? 32  THR A CG2 1 
ATOM   214  N N   . TRP A 1 35  ? 6.193   0.273   0.937   1.00 13.64 ? 33  TRP A N   1 
ATOM   215  C CA  . TRP A 1 35  ? 6.299   0.801   -0.392  1.00 13.85 ? 33  TRP A CA  1 
ATOM   216  C C   . TRP A 1 35  ? 7.466   1.735   -0.337  1.00 14.16 ? 33  TRP A C   1 
ATOM   217  O O   . TRP A 1 35  ? 7.491   2.627   0.522   1.00 14.93 ? 33  TRP A O   1 
ATOM   218  C CB  . TRP A 1 35  ? 5.100   1.693   -0.738  1.00 12.32 ? 33  TRP A CB  1 
ATOM   219  C CG  . TRP A 1 35  ? 3.761   0.959   -0.982  1.00 14.11 ? 33  TRP A CG  1 
ATOM   220  C CD1 . TRP A 1 35  ? 3.143   0.728   -2.197  1.00 13.99 ? 33  TRP A CD1 1 
ATOM   221  C CD2 . TRP A 1 35  ? 2.903   0.431   0.015   1.00 14.65 ? 33  TRP A CD2 1 
ATOM   222  N NE1 . TRP A 1 35  ? 1.924   0.074   -2.010  1.00 13.96 ? 33  TRP A NE1 1 
ATOM   223  C CE2 . TRP A 1 35  ? 1.753   -0.126  -0.657  1.00 15.64 ? 33  TRP A CE2 1 
ATOM   224  C CE3 . TRP A 1 35  ? 2.978   0.359   1.421   1.00 16.02 ? 33  TRP A CE3 1 
ATOM   225  C CZ2 . TRP A 1 35  ? 0.689   -0.725  0.040   1.00 13.83 ? 33  TRP A CZ2 1 
ATOM   226  C CZ3 . TRP A 1 35  ? 1.908   -0.277  2.126   1.00 14.39 ? 33  TRP A CZ3 1 
ATOM   227  C CH2 . TRP A 1 35  ? 0.788   -0.783  1.433   1.00 14.34 ? 33  TRP A CH2 1 
ATOM   228  N N   . GLN A 1 36  ? 8.412   1.585   -1.250  1.00 14.63 ? 34  GLN A N   1 
ATOM   229  C CA  . GLN A 1 36  ? 9.440   2.630   -1.397  1.00 15.35 ? 34  GLN A CA  1 
ATOM   230  C C   . GLN A 1 36  ? 8.899   3.537   -2.486  1.00 16.95 ? 34  GLN A C   1 
ATOM   231  O O   . GLN A 1 36  ? 8.583   3.070   -3.610  1.00 17.06 ? 34  GLN A O   1 
ATOM   232  C CB  . GLN A 1 36  ? 10.774  2.024   -1.853  1.00 17.29 ? 34  GLN A CB  1 
ATOM   233  C CG  . GLN A 1 36  ? 11.237  1.013   -0.829  1.00 20.01 ? 34  GLN A CG  1 
ATOM   234  C CD  . GLN A 1 36  ? 12.637  0.497   -1.122  1.00 35.24 ? 34  GLN A CD  1 
ATOM   235  O OE1 . GLN A 1 36  ? 13.411  1.120   -1.892  1.00 38.83 ? 34  GLN A OE1 1 
ATOM   236  N NE2 . GLN A 1 36  ? 12.982  -0.644  -0.510  1.00 38.13 ? 34  GLN A NE2 1 
ATOM   237  N N   . ILE A 1 37  ? 8.758   4.816   -2.127  1.00 15.66 ? 35  ILE A N   1 
ATOM   238  C CA  . ILE A 1 37  ? 8.107   5.802   -3.007  1.00 15.46 ? 35  ILE A CA  1 
ATOM   239  C C   . ILE A 1 37  ? 9.161   6.712   -3.650  1.00 16.41 ? 35  ILE A C   1 
ATOM   240  O O   . ILE A 1 37  ? 9.830   7.498   -2.947  1.00 14.69 ? 35  ILE A O   1 
ATOM   241  C CB  . ILE A 1 37  ? 7.061   6.583   -2.221  1.00 14.56 ? 35  ILE A CB  1 
ATOM   242  C CG1 . ILE A 1 37  ? 6.083   5.632   -1.515  1.00 13.74 ? 35  ILE A CG1 1 
ATOM   243  C CG2 . ILE A 1 37  ? 6.246   7.568   -3.167  1.00 14.86 ? 35  ILE A CG2 1 
ATOM   244  C CD1 . ILE A 1 37  ? 5.247   6.385   -0.346  1.00 13.50 ? 35  ILE A CD1 1 
ATOM   245  N N   . LYS A 1 38  ? 9.353   6.550   -4.975  1.00 17.46 ? 36  LYS A N   1 
ATOM   246  C CA  . LYS A 1 38  ? 10.287  7.388   -5.734  1.00 18.23 ? 36  LYS A CA  1 
ATOM   247  C C   . LYS A 1 38  ? 10.141  8.917   -5.425  1.00 19.01 ? 36  LYS A C   1 
ATOM   248  O O   . LYS A 1 38  ? 9.040   9.458   -5.318  1.00 16.64 ? 36  LYS A O   1 
ATOM   249  C CB  . LYS A 1 38  ? 10.094  7.127   -7.246  1.00 19.25 ? 36  LYS A CB  1 
ATOM   250  C CG  . LYS A 1 38  ? 11.260  7.630   -8.142  1.00 21.21 ? 36  LYS A CG  1 
ATOM   251  C CD  . LYS A 1 38  ? 11.139  7.051   -9.549  1.00 27.08 ? 36  LYS A CD  1 
ATOM   252  C CE  . LYS A 1 38  ? 12.163  7.662   -10.475 1.00 30.89 ? 36  LYS A CE  1 
ATOM   253  N NZ  . LYS A 1 38  ? 13.504  7.037   -10.126 1.00 34.68 ? 36  LYS A NZ  1 
ATOM   254  N N   . ASP A 1 39  ? 11.264  9.615   -5.279  1.00 19.01 ? 37  ASP A N   1 
ATOM   255  C CA  . ASP A 1 39  ? 11.209  11.059  -5.253  1.00 19.55 ? 37  ASP A CA  1 
ATOM   256  C C   . ASP A 1 39  ? 10.424  11.614  -6.441  1.00 17.96 ? 37  ASP A C   1 
ATOM   257  O O   . ASP A 1 39  ? 10.616  11.158  -7.580  1.00 15.88 ? 37  ASP A O   1 
ATOM   258  C CB  . ASP A 1 39  ? 12.629  11.679  -5.255  1.00 21.49 ? 37  ASP A CB  1 
ATOM   259  C CG  . ASP A 1 39  ? 12.614  13.209  -4.902  1.00 27.65 ? 37  ASP A CG  1 
ATOM   260  O OD1 . ASP A 1 39  ? 11.832  13.653  -4.034  1.00 36.55 ? 37  ASP A OD1 1 
ATOM   261  O OD2 . ASP A 1 39  ? 13.380  13.978  -5.507  1.00 35.46 ? 37  ASP A OD2 1 
ATOM   262  N N   . GLY A 1 40  ? 9.532   12.558  -6.125  1.00 16.41 ? 38  GLY A N   1 
ATOM   263  C CA  . GLY A 1 40  ? 8.603   13.213  -7.085  1.00 18.72 ? 38  GLY A CA  1 
ATOM   264  C C   . GLY A 1 40  ? 7.263   12.471  -7.304  1.00 17.73 ? 38  GLY A C   1 
ATOM   265  O O   . GLY A 1 40  ? 6.510   12.787  -8.261  1.00 16.66 ? 38  GLY A O   1 
ATOM   266  N N   . TYR A 1 41  ? 6.986   11.486  -6.432  1.00 15.80 ? 39  TYR A N   1 
ATOM   267  C CA  . TYR A 1 41  ? 5.775   10.637  -6.539  1.00 15.11 ? 39  TYR A CA  1 
ATOM   268  C C   . TYR A 1 41  ? 5.184   10.552  -5.096  1.00 13.95 ? 39  TYR A C   1 
ATOM   269  O O   . TYR A 1 41  ? 5.915   10.715  -4.106  1.00 13.95 ? 39  TYR A O   1 
ATOM   270  C CB  . TYR A 1 41  ? 6.129   9.247   -7.065  1.00 16.04 ? 39  TYR A CB  1 
ATOM   271  C CG  . TYR A 1 41  ? 6.688   9.305   -8.475  1.00 14.12 ? 39  TYR A CG  1 
ATOM   272  C CD1 . TYR A 1 41  ? 8.047   9.593   -8.680  1.00 16.04 ? 39  TYR A CD1 1 
ATOM   273  C CD2 . TYR A 1 41  ? 5.830   9.170   -9.590  1.00 19.49 ? 39  TYR A CD2 1 
ATOM   274  C CE1 . TYR A 1 41  ? 8.586   9.684   -10.020 1.00 21.50 ? 39  TYR A CE1 1 
ATOM   275  C CE2 . TYR A 1 41  ? 6.351   9.259   -10.927 1.00 20.69 ? 39  TYR A CE2 1 
ATOM   276  C CZ  . TYR A 1 41  ? 7.711   9.534   -11.108 1.00 23.78 ? 39  TYR A CZ  1 
ATOM   277  O OH  . TYR A 1 41  ? 8.220   9.621   -12.386 1.00 28.65 ? 39  TYR A OH  1 
ATOM   278  N N   . TYR A 1 42  ? 3.889   10.283  -5.010  1.00 11.42 ? 40  TYR A N   1 
ATOM   279  C CA  . TYR A 1 42  ? 3.249   10.147  -3.703  1.00 12.91 ? 40  TYR A CA  1 
ATOM   280  C C   . TYR A 1 42  ? 2.054   9.207   -3.792  1.00 12.87 ? 40  TYR A C   1 
ATOM   281  O O   . TYR A 1 42  ? 1.384   9.148   -4.836  1.00 14.10 ? 40  TYR A O   1 
ATOM   282  C CB  . TYR A 1 42  ? 2.790   11.499  -3.151  1.00 12.77 ? 40  TYR A CB  1 
ATOM   283  C CG  . TYR A 1 42  ? 1.922   12.410  -4.064  1.00 14.55 ? 40  TYR A CG  1 
ATOM   284  C CD1 . TYR A 1 42  ? 0.514   12.309  -4.068  1.00 10.64 ? 40  TYR A CD1 1 
ATOM   285  C CD2 . TYR A 1 42  ? 2.544   13.365  -4.884  1.00 15.67 ? 40  TYR A CD2 1 
ATOM   286  C CE1 . TYR A 1 42  ? -0.265  13.193  -4.858  1.00 12.42 ? 40  TYR A CE1 1 
ATOM   287  C CE2 . TYR A 1 42  ? 1.827   14.199  -5.670  1.00 15.62 ? 40  TYR A CE2 1 
ATOM   288  C CZ  . TYR A 1 42  ? 0.410   14.122  -5.644  1.00 13.50 ? 40  TYR A CZ  1 
ATOM   289  O OH  . TYR A 1 42  ? -0.276  15.015  -6.466  1.00 17.17 ? 40  TYR A OH  1 
ATOM   290  N N   . LEU A 1 43  ? 1.714   8.571   -2.680  1.00 12.16 ? 41  LEU A N   1 
ATOM   291  C CA  . LEU A 1 43  ? 0.525   7.738   -2.596  1.00 10.71 ? 41  LEU A CA  1 
ATOM   292  C C   . LEU A 1 43  ? -0.546  8.471   -1.842  1.00 12.25 ? 41  LEU A C   1 
ATOM   293  O O   . LEU A 1 43  ? -0.242  9.209   -0.899  1.00 14.15 ? 41  LEU A O   1 
ATOM   294  C CB  . LEU A 1 43  ? 0.794   6.450   -1.768  1.00 8.68  ? 41  LEU A CB  1 
ATOM   295  C CG  . LEU A 1 43  ? 1.800   5.475   -2.393  1.00 10.81 ? 41  LEU A CG  1 
ATOM   296  C CD1 . LEU A 1 43  ? 2.251   4.415   -1.357  1.00 10.63 ? 41  LEU A CD1 1 
ATOM   297  C CD2 . LEU A 1 43  ? 1.072   4.827   -3.593  1.00 13.73 ? 41  LEU A CD2 1 
ATOM   298  N N   . TYR A 1 44  ? -1.788  8.286   -2.290  1.00 11.80 ? 42  TYR A N   1 
ATOM   299  C CA  . TYR A 1 44  ? -2.913  8.844   -1.555  1.00 11.43 ? 42  TYR A CA  1 
ATOM   300  C C   . TYR A 1 44  ? -3.304  7.993   -0.348  1.00 12.18 ? 42  TYR A C   1 
ATOM   301  O O   . TYR A 1 44  ? -3.681  6.818   -0.498  1.00 13.63 ? 42  TYR A O   1 
ATOM   302  C CB  . TYR A 1 44  ? -4.128  8.955   -2.432  1.00 10.80 ? 42  TYR A CB  1 
ATOM   303  C CG  . TYR A 1 44  ? -3.934  9.896   -3.593  1.00 13.56 ? 42  TYR A CG  1 
ATOM   304  C CD1 . TYR A 1 44  ? -3.990  11.284  -3.406  1.00 13.58 ? 42  TYR A CD1 1 
ATOM   305  C CD2 . TYR A 1 44  ? -3.707  9.383   -4.881  1.00 12.46 ? 42  TYR A CD2 1 
ATOM   306  C CE1 . TYR A 1 44  ? -3.842  12.146  -4.545  1.00 14.49 ? 42  TYR A CE1 1 
ATOM   307  C CE2 . TYR A 1 44  ? -3.598  10.213  -6.002  1.00 11.89 ? 42  TYR A CE2 1 
ATOM   308  C CZ  . TYR A 1 44  ? -3.677  11.593  -5.807  1.00 15.50 ? 42  TYR A CZ  1 
ATOM   309  O OH  . TYR A 1 44  ? -3.506  12.407  -6.905  1.00 14.68 ? 42  TYR A OH  1 
ATOM   310  N N   . ARG A 1 45  ? -3.308  8.588   0.857   1.00 13.44 ? 43  ARG A N   1 
ATOM   311  C CA  . ARG A 1 45  ? -3.716  7.784   2.040   1.00 13.56 ? 43  ARG A CA  1 
ATOM   312  C C   . ARG A 1 45  ? -5.131  7.152   1.849   1.00 14.21 ? 43  ARG A C   1 
ATOM   313  O O   . ARG A 1 45  ? -5.363  5.942   2.152   1.00 13.29 ? 43  ARG A O   1 
ATOM   314  C CB  . ARG A 1 45  ? -3.699  8.644   3.316   1.00 13.45 ? 43  ARG A CB  1 
ATOM   315  C CG  . ARG A 1 45  ? -4.391  7.929   4.561   1.00 12.34 ? 43  ARG A CG  1 
ATOM   316  C CD  . ARG A 1 45  ? -4.299  8.854   5.818   1.00 14.37 ? 43  ARG A CD  1 
ATOM   317  N NE  . ARG A 1 45  ? -4.995  8.132   6.901   1.00 18.68 ? 43  ARG A NE  1 
ATOM   318  C CZ  . ARG A 1 45  ? -4.887  8.400   8.202   1.00 21.01 ? 43  ARG A CZ  1 
ATOM   319  N NH1 . ARG A 1 45  ? -4.174  9.443   8.645   1.00 19.60 ? 43  ARG A NH1 1 
ATOM   320  N NH2 . ARG A 1 45  ? -5.582  7.649   9.061   1.00 18.44 ? 43  ARG A NH2 1 
ATOM   321  N N   . LYS A 1 46  ? -6.056  7.962   1.335   1.00 14.18 ? 44  LYS A N   1 
ATOM   322  C CA  . LYS A 1 46  ? -7.461  7.553   1.199   1.00 16.51 ? 44  LYS A CA  1 
ATOM   323  C C   . LYS A 1 46  ? -7.705  6.510   0.110   1.00 15.58 ? 44  LYS A C   1 
ATOM   324  O O   . LYS A 1 46  ? -8.829  5.978   0.024   1.00 16.87 ? 44  LYS A O   1 
ATOM   325  C CB  . LYS A 1 46  ? -8.373  8.794   0.930   1.00 17.18 ? 44  LYS A CB  1 
ATOM   326  C CG  . LYS A 1 46  ? -8.902  9.438   2.148   1.00 23.56 ? 44  LYS A CG  1 
ATOM   327  C CD  . LYS A 1 46  ? -9.860  10.631  1.735   1.00 29.53 ? 44  LYS A CD  1 
ATOM   328  C CE  . LYS A 1 46  ? -10.448 11.250  3.020   1.00 36.15 ? 44  LYS A CE  1 
ATOM   329  N NZ  . LYS A 1 46  ? -10.768 10.141  4.024   1.00 37.86 ? 44  LYS A NZ  1 
ATOM   330  N N   . GLN A 1 47  ? -6.687  6.210   -0.716  1.00 13.78 ? 45  GLN A N   1 
ATOM   331  C CA  . GLN A 1 47  ? -6.805  5.217   -1.794  1.00 14.70 ? 45  GLN A CA  1 
ATOM   332  C C   . GLN A 1 47  ? -6.306  3.816   -1.458  1.00 14.22 ? 45  GLN A C   1 
ATOM   333  O O   . GLN A 1 47  ? -6.389  2.863   -2.285  1.00 15.57 ? 45  GLN A O   1 
ATOM   334  C CB  . GLN A 1 47  ? -6.157  5.706   -3.091  1.00 14.72 ? 45  GLN A CB  1 
ATOM   335  C CG  . GLN A 1 47  ? -6.916  6.893   -3.637  1.00 16.37 ? 45  GLN A CG  1 
ATOM   336  C CD  . GLN A 1 47  ? -8.324  6.451   -4.203  1.00 25.90 ? 45  GLN A CD  1 
ATOM   337  O OE1 . GLN A 1 47  ? -8.488  5.444   -4.980  1.00 27.19 ? 45  GLN A OE1 1 
ATOM   338  N NE2 . GLN A 1 47  ? -9.307  7.183   -3.805  1.00 25.56 ? 45  GLN A NE2 1 
ATOM   339  N N   . ILE A 1 48  ? -5.815  3.666   -0.238  1.00 13.92 ? 46  ILE A N   1 
ATOM   340  C CA  . ILE A 1 48  ? -5.355  2.321   0.215   1.00 12.72 ? 46  ILE A CA  1 
ATOM   341  C C   . ILE A 1 48  ? -6.514  1.450   0.719   1.00 12.66 ? 46  ILE A C   1 
ATOM   342  O O   . ILE A 1 48  ? -7.337  1.923   1.545   1.00 12.91 ? 46  ILE A O   1 
ATOM   343  C CB  . ILE A 1 48  ? -4.282  2.475   1.280   1.00 13.04 ? 46  ILE A CB  1 
ATOM   344  C CG1 . ILE A 1 48  ? -3.117  3.262   0.635   1.00 12.76 ? 46  ILE A CG1 1 
ATOM   345  C CG2 . ILE A 1 48  ? -3.863  1.067   1.781   1.00 11.33 ? 46  ILE A CG2 1 
ATOM   346  C CD1 . ILE A 1 48  ? -2.035  3.701   1.606   1.00 17.19 ? 46  ILE A CD1 1 
ATOM   347  N N   . ARG A 1 49  ? -6.590  0.209   0.223   1.00 13.24 ? 47  ARG A N   1 
ATOM   348  C CA  . ARG A 1 49  ? -7.624  -0.729  0.682   1.00 14.26 ? 47  ARG A CA  1 
ATOM   349  C C   . ARG A 1 49  ? -6.941  -2.094  0.872   1.00 14.58 ? 47  ARG A C   1 
ATOM   350  O O   . ARG A 1 49  ? -6.217  -2.536  -0.008  1.00 14.83 ? 47  ARG A O   1 
ATOM   351  C CB  . ARG A 1 49  ? -8.795  -0.858  -0.286  1.00 15.33 ? 47  ARG A CB  1 
ATOM   352  C CG  A ARG A 1 49  ? -9.403  0.480   -0.792  0.50 20.22 ? 47  ARG A CG  1 
ATOM   353  C CG  B ARG A 1 49  ? -9.805  0.325   -0.221  0.50 17.64 ? 47  ARG A CG  1 
ATOM   354  C CD  A ARG A 1 49  ? -9.857  0.478   -2.277  0.50 25.25 ? 47  ARG A CD  1 
ATOM   355  C CD  B ARG A 1 49  ? -10.578 0.519   1.101   0.50 19.16 ? 47  ARG A CD  1 
ATOM   356  N NE  A ARG A 1 49  ? -10.021 -0.848  -2.891  0.50 29.55 ? 47  ARG A NE  1 
ATOM   357  N NE  B ARG A 1 49  ? -11.523 1.616   0.882   0.50 20.62 ? 47  ARG A NE  1 
ATOM   358  C CZ  A ARG A 1 49  ? -10.589 -1.059  -4.079  0.50 28.48 ? 47  ARG A CZ  1 
ATOM   359  C CZ  B ARG A 1 49  ? -11.204 2.906   0.945   0.50 22.73 ? 47  ARG A CZ  1 
ATOM   360  N NH1 A ARG A 1 49  ? -11.048 -0.044  -4.783  0.50 28.74 ? 47  ARG A NH1 1 
ATOM   361  N NH1 B ARG A 1 49  ? -9.978  3.281   1.298   0.50 19.89 ? 47  ARG A NH1 1 
ATOM   362  N NH2 A ARG A 1 49  ? -10.697 -2.286  -4.575  0.50 30.16 ? 47  ARG A NH2 1 
ATOM   363  N NH2 B ARG A 1 49  ? -12.114 3.827   0.665   0.50 24.42 ? 47  ARG A NH2 1 
ATOM   364  N N   . ILE A 1 50  ? -7.154  -2.745  2.012   1.00 14.63 ? 48  ILE A N   1 
ATOM   365  C CA  . ILE A 1 50  ? -6.489  -4.015  2.301   1.00 15.94 ? 48  ILE A CA  1 
ATOM   366  C C   . ILE A 1 50  ? -7.631  -4.944  2.718   1.00 15.76 ? 48  ILE A C   1 
ATOM   367  O O   . ILE A 1 50  ? -8.386  -4.612  3.652   1.00 15.59 ? 48  ILE A O   1 
ATOM   368  C CB  . ILE A 1 50  ? -5.493  -3.843  3.436   1.00 16.72 ? 48  ILE A CB  1 
ATOM   369  C CG1 . ILE A 1 50  ? -4.328  -2.952  2.952   1.00 17.05 ? 48  ILE A CG1 1 
ATOM   370  C CG2 . ILE A 1 50  ? -5.093  -5.232  4.009   1.00 15.44 ? 48  ILE A CG2 1 
ATOM   371  C CD1 . ILE A 1 50  ? -3.482  -2.423  4.091   1.00 23.66 ? 48  ILE A CD1 1 
ATOM   372  N N   . THR A 1 51  ? -7.741  -6.075  2.010   1.00 16.01 ? 49  THR A N   1 
ATOM   373  C CA  . THR A 1 51  ? -8.863  -7.009  2.133   1.00 15.75 ? 49  THR A CA  1 
ATOM   374  C C   . THR A 1 51  ? -8.334  -8.456  2.256   1.00 13.86 ? 49  THR A C   1 
ATOM   375  O O   . THR A 1 51  ? -7.680  -8.937  1.335   1.00 14.44 ? 49  THR A O   1 
ATOM   376  C CB  . THR A 1 51  ? -9.739  -6.964  0.898   1.00 17.11 ? 49  THR A CB  1 
ATOM   377  O OG1 . THR A 1 51  ? -10.161 -5.624  0.644   1.00 17.07 ? 49  THR A OG1 1 
ATOM   378  C CG2 . THR A 1 51  ? -11.020 -7.866  1.134   1.00 18.76 ? 49  THR A CG2 1 
ATOM   379  N N   . PRO A 1 52  ? -8.604  -9.120  3.387   1.00 14.28 ? 50  PRO A N   1 
ATOM   380  C CA  . PRO A 1 52  ? -8.097  -10.472 3.589   1.00 14.44 ? 50  PRO A CA  1 
ATOM   381  C C   . PRO A 1 52  ? -9.047  -11.444 2.920   1.00 15.96 ? 50  PRO A C   1 
ATOM   382  O O   . PRO A 1 52  ? -10.267 -11.137 2.827   1.00 15.07 ? 50  PRO A O   1 
ATOM   383  C CB  . PRO A 1 52  ? -8.131  -10.646 5.122   1.00 14.66 ? 50  PRO A CB  1 
ATOM   384  C CG  . PRO A 1 52  ? -9.360  -9.825  5.552   1.00 14.38 ? 50  PRO A CG  1 
ATOM   385  C CD  . PRO A 1 52  ? -9.331  -8.589  4.581   1.00 13.91 ? 50  PRO A CD  1 
ATOM   386  N N   . GLU A 1 53  ? -8.501  -12.589 2.466   1.00 15.36 ? 51  GLU A N   1 
ATOM   387  C CA  . GLU A 1 53  ? -9.350  -13.642 1.967   1.00 16.15 ? 51  GLU A CA  1 
ATOM   388  C C   . GLU A 1 53  ? -8.977  -14.912 2.731   1.00 14.74 ? 51  GLU A C   1 
ATOM   389  O O   . GLU A 1 53  ? -7.814  -15.326 2.620   1.00 11.84 ? 51  GLU A O   1 
ATOM   390  C CB  . GLU A 1 53  ? -9.059  -13.880 0.483   1.00 18.22 ? 51  GLU A CB  1 
ATOM   391  C CG  A GLU A 1 53  ? -9.578  -12.799 -0.521  0.50 20.45 ? 51  GLU A CG  1 
ATOM   392  C CG  B GLU A 1 53  ? -9.455  -12.690 -0.432  0.50 20.15 ? 51  GLU A CG  1 
ATOM   393  C CD  A GLU A 1 53  ? -8.744  -11.515 -0.617  0.50 25.35 ? 51  GLU A CD  1 
ATOM   394  C CD  B GLU A 1 53  ? -10.965 -12.420 -0.439  0.50 24.73 ? 51  GLU A CD  1 
ATOM   395  O OE1 A GLU A 1 53  ? -7.498  -11.574 -0.836  0.50 25.58 ? 51  GLU A OE1 1 
ATOM   396  O OE1 B GLU A 1 53  ? -11.748 -13.390 -0.243  0.50 29.57 ? 51  GLU A OE1 1 
ATOM   397  O OE2 A GLU A 1 53  ? -9.386  -10.421 -0.547  0.50 25.81 ? 51  GLU A OE2 1 
ATOM   398  O OE2 B GLU A 1 53  ? -11.362 -11.251 -0.621  0.50 24.40 ? 51  GLU A OE2 1 
ATOM   399  N N   . HIS A 1 54  ? -9.945  -15.531 3.431   1.00 15.02 ? 52  HIS A N   1 
ATOM   400  C CA  . HIS A 1 54  ? -9.658  -16.743 4.312   1.00 14.41 ? 52  HIS A CA  1 
ATOM   401  C C   . HIS A 1 54  ? -8.649  -16.397 5.397   1.00 14.52 ? 52  HIS A C   1 
ATOM   402  O O   . HIS A 1 54  ? -7.852  -17.217 5.822   1.00 13.89 ? 52  HIS A O   1 
ATOM   403  C CB  . HIS A 1 54  ? -9.190  -17.952 3.468   1.00 13.76 ? 52  HIS A CB  1 
ATOM   404  C CG  . HIS A 1 54  ? -10.110 -18.264 2.329   1.00 17.39 ? 52  HIS A CG  1 
ATOM   405  N ND1 . HIS A 1 54  ? -9.729  -18.162 1.012   1.00 22.03 ? 52  HIS A ND1 1 
ATOM   406  C CD2 . HIS A 1 54  ? -11.432 -18.561 2.320   1.00 19.10 ? 52  HIS A CD2 1 
ATOM   407  C CE1 . HIS A 1 54  ? -10.769 -18.439 0.235   1.00 24.78 ? 52  HIS A CE1 1 
ATOM   408  N NE2 . HIS A 1 54  ? -11.811 -18.698 1.013   1.00 21.45 ? 52  HIS A NE2 1 
ATOM   409  N N   . ALA A 1 55  ? -8.660  -15.131 5.841   1.00 14.56 ? 53  ALA A N   1 
ATOM   410  C CA  . ALA A 1 55  ? -7.849  -14.739 6.983   1.00 14.11 ? 53  ALA A CA  1 
ATOM   411  C C   . ALA A 1 55  ? -8.591  -13.656 7.780   1.00 14.49 ? 53  ALA A C   1 
ATOM   412  O O   . ALA A 1 55  ? -9.521  -13.009 7.261   1.00 16.19 ? 53  ALA A O   1 
ATOM   413  C CB  . ALA A 1 55  ? -6.438  -14.250 6.559   1.00 13.88 ? 53  ALA A CB  1 
ATOM   414  N N   . LYS A 1 56  ? -8.210  -13.511 9.042   1.00 15.27 ? 54  LYS A N   1 
ATOM   415  C CA  . LYS A 1 56  ? -8.784  -12.454 9.878   1.00 16.68 ? 54  LYS A CA  1 
ATOM   416  C C   . LYS A 1 56  ? -7.621  -11.556 10.314  1.00 16.18 ? 54  LYS A C   1 
ATOM   417  O O   . LYS A 1 56  ? -6.679  -12.033 10.925  1.00 15.53 ? 54  LYS A O   1 
ATOM   418  C CB  . LYS A 1 56  ? -9.485  -13.069 11.107  1.00 18.96 ? 54  LYS A CB  1 
ATOM   419  C CG  . LYS A 1 56  ? -10.609 -14.146 10.767  1.00 23.14 ? 54  LYS A CG  1 
ATOM   420  C CD  . LYS A 1 56  ? -11.203 -14.714 12.074  1.00 29.67 ? 54  LYS A CD  1 
ATOM   421  C CE  . LYS A 1 56  ? -12.050 -15.945 11.895  1.00 33.24 ? 54  LYS A CE  1 
ATOM   422  N NZ  . LYS A 1 56  ? -12.644 -16.275 13.278  1.00 35.80 ? 54  LYS A NZ  1 
ATOM   423  N N   . ILE A 1 57  ? -7.685  -10.263 9.982   1.00 15.59 ? 55  ILE A N   1 
ATOM   424  C CA  . ILE A 1 57  ? -6.653  -9.312  10.416  1.00 16.17 ? 55  ILE A CA  1 
ATOM   425  C C   . ILE A 1 57  ? -7.254  -8.240  11.368  1.00 16.01 ? 55  ILE A C   1 
ATOM   426  O O   . ILE A 1 57  ? -8.451  -7.970  11.264  1.00 15.80 ? 55  ILE A O   1 
ATOM   427  C CB  . ILE A 1 57  ? -6.059  -8.570  9.207   1.00 16.53 ? 55  ILE A CB  1 
ATOM   428  C CG1 . ILE A 1 57  ? -7.146  -7.871  8.396   1.00 19.41 ? 55  ILE A CG1 1 
ATOM   429  C CG2 . ILE A 1 57  ? -5.344  -9.605  8.272   1.00 18.21 ? 55  ILE A CG2 1 
ATOM   430  C CD1 . ILE A 1 57  ? -6.481  -7.010  7.208   1.00 22.79 ? 55  ILE A CD1 1 
ATOM   431  N N   . ALA A 1 58  ? -6.424  -7.594  12.177  1.00 16.95 ? 56  ALA A N   1 
ATOM   432  C CA  . ALA A 1 58  ? -6.904  -6.491  12.998  1.00 16.67 ? 56  ALA A CA  1 
ATOM   433  C C   . ALA A 1 58  ? -7.166  -5.317  12.039  1.00 16.57 ? 56  ALA A C   1 
ATOM   434  O O   . ALA A 1 58  ? -6.598  -5.244  10.917  1.00 14.93 ? 56  ALA A O   1 
ATOM   435  C CB  . ALA A 1 58  ? -5.842  -6.131  14.076  1.00 17.68 ? 56  ALA A CB  1 
ATOM   436  N N   . ASP A 1 59  ? -8.011  -4.391  12.457  1.00 15.14 ? 57  ASP A N   1 
ATOM   437  C CA  . ASP A 1 59  ? -8.200  -3.181  11.651  1.00 16.49 ? 57  ASP A CA  1 
ATOM   438  C C   . ASP A 1 59  ? -6.846  -2.530  11.418  1.00 15.04 ? 57  ASP A C   1 
ATOM   439  O O   . ASP A 1 59  ? -6.017  -2.475  12.303  1.00 15.51 ? 57  ASP A O   1 
ATOM   440  C CB  . ASP A 1 59  ? -9.102  -2.210  12.412  1.00 18.19 ? 57  ASP A CB  1 
ATOM   441  C CG  . ASP A 1 59  ? -10.583 -2.628  12.324  1.00 22.98 ? 57  ASP A CG  1 
ATOM   442  O OD1 . ASP A 1 59  ? -10.924 -3.552  11.479  1.00 25.13 ? 57  ASP A OD1 1 
ATOM   443  O OD2 . ASP A 1 59  ? -11.363 -2.054  13.082  1.00 26.48 ? 57  ASP A OD2 1 
ATOM   444  N N   . VAL A 1 60  ? -6.625  -2.028  10.216  1.00 16.07 ? 58  VAL A N   1 
ATOM   445  C CA  . VAL A 1 60  ? -5.285  -1.435  9.897   1.00 17.31 ? 58  VAL A CA  1 
ATOM   446  C C   . VAL A 1 60  ? -5.343  0.087   10.118  1.00 17.79 ? 58  VAL A C   1 
ATOM   447  O O   . VAL A 1 60  ? -6.272  0.751   9.662   1.00 17.15 ? 58  VAL A O   1 
ATOM   448  C CB  . VAL A 1 60  ? -4.843  -1.819  8.449   1.00 18.68 ? 58  VAL A CB  1 
ATOM   449  C CG1 . VAL A 1 60  ? -3.586  -1.050  8.046   1.00 19.42 ? 58  VAL A CG1 1 
ATOM   450  C CG2 . VAL A 1 60  ? -4.504  -3.330  8.402   1.00 18.20 ? 58  VAL A CG2 1 
ATOM   451  N N   . GLN A 1 61  ? -4.424  0.634   10.907  1.00 17.59 ? 59  GLN A N   1 
ATOM   452  C CA  . GLN A 1 61  ? -4.409  2.052   11.124  1.00 18.91 ? 59  GLN A CA  1 
ATOM   453  C C   . GLN A 1 61  ? -3.399  2.649   10.167  1.00 17.29 ? 59  GLN A C   1 
ATOM   454  O O   . GLN A 1 61  ? -2.183  2.350   10.238  1.00 16.52 ? 59  GLN A O   1 
ATOM   455  C CB  . GLN A 1 61  ? -4.005  2.397   12.581  1.00 19.85 ? 59  GLN A CB  1 
ATOM   456  C CG  . GLN A 1 61  ? -3.821  3.961   12.802  1.00 25.37 ? 59  GLN A CG  1 
ATOM   457  C CD  . GLN A 1 61  ? -5.127  4.746   12.697  1.00 32.68 ? 59  GLN A CD  1 
ATOM   458  O OE1 . GLN A 1 61  ? -5.990  4.624   13.575  1.00 36.33 ? 59  GLN A OE1 1 
ATOM   459  N NE2 . GLN A 1 61  ? -5.286  5.558   11.616  1.00 34.17 ? 59  GLN A NE2 1 
ATOM   460  N N   . LEU A 1 62  ? -3.889  3.477   9.251   1.00 15.38 ? 60  LEU A N   1 
ATOM   461  C CA  . LEU A 1 62  ? -2.954  4.141   8.343   1.00 14.05 ? 60  LEU A CA  1 
ATOM   462  C C   . LEU A 1 62  ? -2.224  5.286   9.096   1.00 14.84 ? 60  LEU A C   1 
ATOM   463  O O   . LEU A 1 62  ? -2.832  5.980   9.928   1.00 15.27 ? 60  LEU A O   1 
ATOM   464  C CB  . LEU A 1 62  ? -3.705  4.655   7.131   1.00 14.66 ? 60  LEU A CB  1 
ATOM   465  C CG  . LEU A 1 62  ? -4.376  3.560   6.263   1.00 12.66 ? 60  LEU A CG  1 
ATOM   466  C CD1 . LEU A 1 62  ? -5.210  4.212   5.149   1.00 14.37 ? 60  LEU A CD1 1 
ATOM   467  C CD2 . LEU A 1 62  ? -3.293  2.626   5.687   1.00 13.08 ? 60  LEU A CD2 1 
ATOM   468  N N   . PRO A 1 63  ? -0.906  5.455   8.852   1.00 14.17 ? 61  PRO A N   1 
ATOM   469  C CA  . PRO A 1 63  ? -0.176  6.511   9.614   1.00 14.14 ? 61  PRO A CA  1 
ATOM   470  C C   . PRO A 1 63  ? -0.404  7.922   9.075   1.00 15.26 ? 61  PRO A C   1 
ATOM   471  O O   . PRO A 1 63  ? -1.008  8.094   7.997   1.00 13.22 ? 61  PRO A O   1 
ATOM   472  C CB  . PRO A 1 63  ? 1.304   6.099   9.435   1.00 13.47 ? 61  PRO A CB  1 
ATOM   473  C CG  . PRO A 1 63  ? 1.264   5.532   7.923   1.00 13.35 ? 61  PRO A CG  1 
ATOM   474  C CD  . PRO A 1 63  ? -0.030  4.701   7.947   1.00 13.10 ? 61  PRO A CD  1 
ATOM   475  N N   . GLN A 1 64  ? 0.017   8.923   9.849   1.00 14.84 ? 62  GLN A N   1 
ATOM   476  C CA  . GLN A 1 64  ? -0.201  10.339  9.491   1.00 14.68 ? 62  GLN A CA  1 
ATOM   477  C C   . GLN A 1 64  ? 0.784   10.756  8.380   1.00 14.83 ? 62  GLN A C   1 
ATOM   478  O O   . GLN A 1 64  ? 2.010   10.623  8.569   1.00 13.96 ? 62  GLN A O   1 
ATOM   479  C CB  . GLN A 1 64  ? 0.044   11.209  10.724  1.00 16.08 ? 62  GLN A CB  1 
ATOM   480  C CG  A GLN A 1 64  ? -0.088  12.720  10.412  0.50 16.74 ? 62  GLN A CG  1 
ATOM   481  C CG  B GLN A 1 64  ? -1.000  10.905  11.842  0.50 15.89 ? 62  GLN A CG  1 
ATOM   482  C CD  A GLN A 1 64  ? -1.441  13.110  9.871   0.50 20.05 ? 62  GLN A CD  1 
ATOM   483  C CD  B GLN A 1 64  ? -2.451  11.076  11.364  0.50 20.88 ? 62  GLN A CD  1 
ATOM   484  O OE1 A GLN A 1 64  ? -2.466  12.654  10.388  0.50 24.41 ? 62  GLN A OE1 1 
ATOM   485  O OE1 B GLN A 1 64  ? -3.277  10.165  11.445  0.50 22.21 ? 62  GLN A OE1 1 
ATOM   486  N NE2 A GLN A 1 64  ? -1.468  13.991  8.853   0.50 16.50 ? 62  GLN A NE2 1 
ATOM   487  N NE2 B GLN A 1 64  ? -2.758  12.263  10.868  0.50 24.66 ? 62  GLN A NE2 1 
ATOM   488  N N   . GLY A 1 65  ? 0.236   11.184  7.234   1.00 14.44 ? 63  GLY A N   1 
ATOM   489  C CA  . GLY A 1 65  ? 1.061   11.645  6.110   1.00 14.01 ? 63  GLY A CA  1 
ATOM   490  C C   . GLY A 1 65  ? 1.104   13.149  6.078   1.00 14.48 ? 63  GLY A C   1 
ATOM   491  O O   . GLY A 1 65  ? 0.858   13.795  7.113   1.00 13.97 ? 63  GLY A O   1 
ATOM   492  N N   . VAL A 1 66  ? 1.359   13.735  4.898   1.00 14.09 ? 64  VAL A N   1 
ATOM   493  C CA  . VAL A 1 66  ? 1.348   15.233  4.762   1.00 14.74 ? 64  VAL A CA  1 
ATOM   494  C C   . VAL A 1 66  ? 0.218   15.692  3.863   1.00 17.22 ? 64  VAL A C   1 
ATOM   495  O O   . VAL A 1 66  ? -0.280  14.889  3.076   1.00 14.82 ? 64  VAL A O   1 
ATOM   496  C CB  . VAL A 1 66  ? 2.703   15.724  4.252   1.00 17.19 ? 64  VAL A CB  1 
ATOM   497  C CG1 . VAL A 1 66  ? 3.808   15.400  5.316   1.00 16.61 ? 64  VAL A CG1 1 
ATOM   498  C CG2 . VAL A 1 66  ? 3.063   15.078  2.896   1.00 15.48 ? 64  VAL A CG2 1 
ATOM   499  N N   . TRP A 1 67  ? -0.208  16.959  3.981   1.00 16.70 ? 65  TRP A N   1 
ATOM   500  C CA  . TRP A 1 67  ? -1.338  17.416  3.136   1.00 18.69 ? 65  TRP A CA  1 
ATOM   501  C C   . TRP A 1 67  ? -0.800  18.038  1.834   1.00 19.34 ? 65  TRP A C   1 
ATOM   502  O O   . TRP A 1 67  ? 0.296   18.676  1.821   1.00 18.64 ? 65  TRP A O   1 
ATOM   503  C CB  . TRP A 1 67  ? -2.221  18.371  3.963   1.00 19.67 ? 65  TRP A CB  1 
ATOM   504  C CG  . TRP A 1 67  ? -2.996  17.567  4.950   1.00 24.43 ? 65  TRP A CG  1 
ATOM   505  C CD1 . TRP A 1 67  ? -2.599  17.203  6.229   1.00 26.97 ? 65  TRP A CD1 1 
ATOM   506  C CD2 . TRP A 1 67  ? -4.278  16.957  4.735   1.00 26.77 ? 65  TRP A CD2 1 
ATOM   507  N NE1 . TRP A 1 67  ? -3.579  16.413  6.810   1.00 29.20 ? 65  TRP A NE1 1 
ATOM   508  C CE2 . TRP A 1 67  ? -4.614  16.248  5.929   1.00 27.94 ? 65  TRP A CE2 1 
ATOM   509  C CE3 . TRP A 1 67  ? -5.174  16.933  3.649   1.00 28.15 ? 65  TRP A CE3 1 
ATOM   510  C CZ2 . TRP A 1 67  ? -5.815  15.548  6.078   1.00 26.77 ? 65  TRP A CZ2 1 
ATOM   511  C CZ3 . TRP A 1 67  ? -6.397  16.232  3.801   1.00 27.72 ? 65  TRP A CZ3 1 
ATOM   512  C CH2 . TRP A 1 67  ? -6.688  15.538  5.003   1.00 29.56 ? 65  TRP A CH2 1 
ATOM   513  N N   . HIS A 1 68  ? -1.509  17.827  0.728   1.00 17.96 ? 66  HIS A N   1 
ATOM   514  C CA  . HIS A 1 68  ? -0.985  18.259  -0.564  1.00 18.92 ? 66  HIS A CA  1 
ATOM   515  C C   . HIS A 1 68  ? -2.158  18.483  -1.474  1.00 20.35 ? 66  HIS A C   1 
ATOM   516  O O   . HIS A 1 68  ? -3.180  17.847  -1.324  1.00 18.66 ? 66  HIS A O   1 
ATOM   517  C CB  . HIS A 1 68  ? -0.137  17.142  -1.181  1.00 18.11 ? 66  HIS A CB  1 
ATOM   518  C CG  . HIS A 1 68  ? 0.493   17.514  -2.485  1.00 21.14 ? 66  HIS A CG  1 
ATOM   519  N ND1 . HIS A 1 68  ? -0.026  17.113  -3.700  1.00 21.10 ? 66  HIS A ND1 1 
ATOM   520  C CD2 . HIS A 1 68  ? 1.599   18.240  -2.765  1.00 23.21 ? 66  HIS A CD2 1 
ATOM   521  C CE1 . HIS A 1 68  ? 0.756   17.562  -4.668  1.00 24.25 ? 66  HIS A CE1 1 
ATOM   522  N NE2 . HIS A 1 68  ? 1.756   18.238  -4.129  1.00 24.94 ? 66  HIS A NE2 1 
ATOM   523  N N   . GLU A 1 69  ? -2.001  19.391  -2.425  1.00 20.56 ? 67  GLU A N   1 
ATOM   524  C CA  . GLU A 1 69  ? -3.132  19.711  -3.246  1.00 21.80 ? 67  GLU A CA  1 
ATOM   525  C C   . GLU A 1 69  ? -2.857  19.272  -4.653  1.00 19.43 ? 67  GLU A C   1 
ATOM   526  O O   . GLU A 1 69  ? -1.756  19.508  -5.152  1.00 19.38 ? 67  GLU A O   1 
ATOM   527  C CB  . GLU A 1 69  ? -3.304  21.233  -3.231  1.00 23.46 ? 67  GLU A CB  1 
ATOM   528  C CG  . GLU A 1 69  ? -4.609  21.585  -2.658  1.00 33.53 ? 67  GLU A CG  1 
ATOM   529  C CD  . GLU A 1 69  ? -5.757  21.519  -3.683  1.00 43.88 ? 67  GLU A CD  1 
ATOM   530  O OE1 . GLU A 1 69  ? -5.567  21.039  -4.838  1.00 47.28 ? 67  GLU A OE1 1 
ATOM   531  O OE2 . GLU A 1 69  ? -6.872  21.972  -3.327  1.00 50.83 ? 67  GLU A OE2 1 
ATOM   532  N N   . ASP A 1 70  ? -3.839  18.604  -5.264  1.00 19.72 ? 68  ASP A N   1 
ATOM   533  C CA  . ASP A 1 70  ? -3.841  18.385  -6.725  1.00 19.59 ? 68  ASP A CA  1 
ATOM   534  C C   . ASP A 1 70  ? -5.260  18.404  -7.317  1.00 20.62 ? 68  ASP A C   1 
ATOM   535  O O   . ASP A 1 70  ? -6.253  18.480  -6.600  1.00 21.53 ? 68  ASP A O   1 
ATOM   536  C CB  . ASP A 1 70  ? -3.071  17.119  -7.127  1.00 18.92 ? 68  ASP A CB  1 
ATOM   537  C CG  . ASP A 1 70  ? -3.750  15.798  -6.660  1.00 18.62 ? 68  ASP A CG  1 
ATOM   538  O OD1 . ASP A 1 70  ? -2.979  14.880  -6.294  1.00 16.28 ? 68  ASP A OD1 1 
ATOM   539  O OD2 . ASP A 1 70  ? -5.024  15.660  -6.727  1.00 16.31 ? 68  ASP A OD2 1 
ATOM   540  N N   . GLU A 1 71  ? -5.360  18.293  -8.637  1.00 20.58 ? 69  GLU A N   1 
ATOM   541  C CA  . GLU A 1 71  ? -6.660  18.395  -9.318  1.00 22.30 ? 69  GLU A CA  1 
ATOM   542  C C   . GLU A 1 71  ? -7.431  17.052  -9.528  1.00 23.59 ? 69  GLU A C   1 
ATOM   543  O O   . GLU A 1 71  ? -8.484  17.007  -10.212 1.00 23.87 ? 69  GLU A O   1 
ATOM   544  C CB  . GLU A 1 71  ? -6.422  19.143  -10.647 1.00 23.40 ? 69  GLU A CB  1 
ATOM   545  C CG  A GLU A 1 71  ? -5.270  20.231  -10.603 0.50 23.70 ? 69  GLU A CG  1 
ATOM   546  C CG  B GLU A 1 71  ? -6.540  20.664  -10.538 0.50 24.64 ? 69  GLU A CG  1 
ATOM   547  C CD  A GLU A 1 71  ? -3.816  19.730  -10.981 0.50 27.10 ? 69  GLU A CD  1 
ATOM   548  C CD  B GLU A 1 71  ? -6.876  21.251  -11.889 0.50 29.66 ? 69  GLU A CD  1 
ATOM   549  O OE1 A GLU A 1 71  ? -3.280  18.686  -10.405 0.50 12.62 ? 69  GLU A OE1 1 
ATOM   550  O OE1 B GLU A 1 71  ? -6.042  21.084  -12.815 0.50 27.12 ? 69  GLU A OE1 1 
ATOM   551  O OE2 A GLU A 1 71  ? -3.214  20.449  -11.864 0.50 25.18 ? 69  GLU A OE2 1 
ATOM   552  O OE2 B GLU A 1 71  ? -7.990  21.820  -12.029 0.50 31.24 ? 69  GLU A OE2 1 
ATOM   553  N N   . PHE A 1 72  ? -6.948  15.965  -8.902  1.00 22.62 ? 70  PHE A N   1 
ATOM   554  C CA  . PHE A 1 72  ? -7.626  14.661  -8.951  1.00 22.22 ? 70  PHE A CA  1 
ATOM   555  C C   . PHE A 1 72  ? -8.489  14.500  -7.742  1.00 23.21 ? 70  PHE A C   1 
ATOM   556  O O   . PHE A 1 72  ? -9.699  14.160  -7.859  1.00 24.20 ? 70  PHE A O   1 
ATOM   557  C CB  . PHE A 1 72  ? -6.592  13.528  -9.058  1.00 22.63 ? 70  PHE A CB  1 
ATOM   558  C CG  . PHE A 1 72  ? -5.753  13.632  -10.298 1.00 22.50 ? 70  PHE A CG  1 
ATOM   559  C CD1 . PHE A 1 72  ? -4.454  14.201  -10.245 1.00 19.94 ? 70  PHE A CD1 1 
ATOM   560  C CD2 . PHE A 1 72  ? -6.287  13.265  -11.548 1.00 24.30 ? 70  PHE A CD2 1 
ATOM   561  C CE1 . PHE A 1 72  ? -3.692  14.330  -11.389 1.00 22.09 ? 70  PHE A CE1 1 
ATOM   562  C CE2 . PHE A 1 72  ? -5.514  13.389  -12.712 1.00 21.27 ? 70  PHE A CE2 1 
ATOM   563  C CZ  . PHE A 1 72  ? -4.235  13.906  -12.647 1.00 18.27 ? 70  PHE A CZ  1 
ATOM   564  N N   . TYR A 1 73  ? -7.889  14.778  -6.584  1.00 21.15 ? 71  TYR A N   1 
ATOM   565  C CA  . TYR A 1 73  ? -8.572  14.564  -5.313  1.00 22.68 ? 71  TYR A CA  1 
ATOM   566  C C   . TYR A 1 73  ? -8.604  15.799  -4.391  1.00 22.44 ? 71  TYR A C   1 
ATOM   567  O O   . TYR A 1 73  ? -9.015  15.687  -3.210  1.00 22.66 ? 71  TYR A O   1 
ATOM   568  C CB  . TYR A 1 73  ? -7.948  13.368  -4.566  1.00 21.72 ? 71  TYR A CB  1 
ATOM   569  C CG  . TYR A 1 73  ? -8.147  12.041  -5.257  1.00 22.76 ? 71  TYR A CG  1 
ATOM   570  C CD1 . TYR A 1 73  ? -7.063  11.345  -5.792  1.00 16.16 ? 71  TYR A CD1 1 
ATOM   571  C CD2 . TYR A 1 73  ? -9.442  11.495  -5.408  1.00 19.20 ? 71  TYR A CD2 1 
ATOM   572  C CE1 . TYR A 1 73  ? -7.257  10.119  -6.433  1.00 18.20 ? 71  TYR A CE1 1 
ATOM   573  C CE2 . TYR A 1 73  ? -9.647  10.274  -6.080  1.00 22.41 ? 71  TYR A CE2 1 
ATOM   574  C CZ  . TYR A 1 73  ? -8.548  9.583   -6.559  1.00 18.77 ? 71  TYR A CZ  1 
ATOM   575  O OH  . TYR A 1 73  ? -8.767  8.360   -7.212  1.00 19.96 ? 71  TYR A OH  1 
ATOM   576  N N   . GLY A 1 74  ? -8.206  16.970  -4.904  1.00 22.77 ? 72  GLY A N   1 
ATOM   577  C CA  . GLY A 1 74  ? -8.330  18.236  -4.108  1.00 21.47 ? 72  GLY A CA  1 
ATOM   578  C C   . GLY A 1 74  ? -7.265  18.237  -3.011  1.00 21.70 ? 72  GLY A C   1 
ATOM   579  O O   . GLY A 1 74  ? -6.117  17.820  -3.249  1.00 20.63 ? 72  GLY A O   1 
ATOM   580  N N   . LYS A 1 75  ? -7.616  18.679  -1.811  1.00 20.39 ? 73  LYS A N   1 
ATOM   581  C CA  . LYS A 1 75  ? -6.613  18.671  -0.731  1.00 21.43 ? 73  LYS A CA  1 
ATOM   582  C C   . LYS A 1 75  ? -6.626  17.263  -0.124  1.00 20.29 ? 73  LYS A C   1 
ATOM   583  O O   . LYS A 1 75  ? -7.696  16.770  0.285   1.00 21.44 ? 73  LYS A O   1 
ATOM   584  C CB  A LYS A 1 75  ? -6.840  19.751  0.342   0.50 21.66 ? 73  LYS A CB  1 
ATOM   585  C CB  B LYS A 1 75  ? -6.981  19.730  0.327   0.50 21.74 ? 73  LYS A CB  1 
ATOM   586  C CG  A LYS A 1 75  ? -5.855  19.630  1.528   0.50 21.73 ? 73  LYS A CG  1 
ATOM   587  C CG  B LYS A 1 75  ? -7.255  21.157  -0.207  0.50 22.84 ? 73  LYS A CG  1 
ATOM   588  C CD  A LYS A 1 75  ? -4.714  20.666  1.512   0.50 26.51 ? 73  LYS A CD  1 
ATOM   589  C CD  B LYS A 1 75  ? -8.076  21.976  0.836   0.50 26.26 ? 73  LYS A CD  1 
ATOM   590  C CE  A LYS A 1 75  ? -4.928  21.700  2.598   0.50 27.20 ? 73  LYS A CE  1 
ATOM   591  C CE  B LYS A 1 75  ? -8.726  23.222  0.252   0.50 31.07 ? 73  LYS A CE  1 
ATOM   592  N NZ  A LYS A 1 75  ? -5.171  21.018  3.918   0.50 26.22 ? 73  LYS A NZ  1 
ATOM   593  N NZ  B LYS A 1 75  ? -7.718  24.217  -0.199  0.50 32.30 ? 73  LYS A NZ  1 
ATOM   594  N N   . SER A 1 76  ? -5.464  16.579  -0.140  1.00 19.39 ? 74  SER A N   1 
ATOM   595  C CA  . SER A 1 76  ? -5.399  15.136  0.186   1.00 17.61 ? 74  SER A CA  1 
ATOM   596  C C   . SER A 1 76  ? -4.275  14.868  1.127   1.00 15.81 ? 74  SER A C   1 
ATOM   597  O O   . SER A 1 76  ? -3.241  15.504  1.018   1.00 15.57 ? 74  SER A O   1 
ATOM   598  C CB  . SER A 1 76  ? -5.017  14.314  -1.099  1.00 18.04 ? 74  SER A CB  1 
ATOM   599  O OG  . SER A 1 76  ? -6.213  13.979  -1.741  1.00 23.74 ? 74  SER A OG  1 
ATOM   600  N N   . GLU A 1 77  ? -4.436  13.867  1.975   1.00 13.42 ? 75  GLU A N   1 
ATOM   601  C CA  . GLU A 1 77  ? -3.294  13.388  2.725   1.00 12.84 ? 75  GLU A CA  1 
ATOM   602  C C   . GLU A 1 77  ? -2.539  12.375  1.909   1.00 13.10 ? 75  GLU A C   1 
ATOM   603  O O   . GLU A 1 77  ? -3.135  11.422  1.410   1.00 16.01 ? 75  GLU A O   1 
ATOM   604  C CB  . GLU A 1 77  ? -3.796  12.806  4.054   1.00 12.00 ? 75  GLU A CB  1 
ATOM   605  C CG  . GLU A 1 77  ? -2.701  12.488  5.061   1.00 13.91 ? 75  GLU A CG  1 
ATOM   606  C CD  . GLU A 1 77  ? -3.266  12.031  6.390   1.00 19.53 ? 75  GLU A CD  1 
ATOM   607  O OE1 . GLU A 1 77  ? -4.487  12.235  6.650   1.00 19.28 ? 75  GLU A OE1 1 
ATOM   608  O OE2 . GLU A 1 77  ? -2.505  11.402  7.162   1.00 17.63 ? 75  GLU A OE2 1 
ATOM   609  N N   . ILE A 1 78  ? -1.218  12.583  1.767   1.00 12.81 ? 76  ILE A N   1 
ATOM   610  C CA  . ILE A 1 78  ? -0.374  11.787  0.919   1.00 13.39 ? 76  ILE A CA  1 
ATOM   611  C C   . ILE A 1 78  ? 0.869   11.303  1.658   1.00 13.35 ? 76  ILE A C   1 
ATOM   612  O O   . ILE A 1 78  ? 1.162   11.778  2.769   1.00 14.44 ? 76  ILE A O   1 
ATOM   613  C CB  . ILE A 1 78  ? 0.073   12.568  -0.327  1.00 12.75 ? 76  ILE A CB  1 
ATOM   614  C CG1 . ILE A 1 78  ? 1.019   13.786  0.052   1.00 16.09 ? 76  ILE A CG1 1 
ATOM   615  C CG2 . ILE A 1 78  ? -1.176  13.074  -1.052  1.00 12.51 ? 76  ILE A CG2 1 
ATOM   616  C CD1 . ILE A 1 78  ? 1.846   14.338  -1.140  1.00 14.50 ? 76  ILE A CD1 1 
ATOM   617  N N   . TYR A 1 79  ? 1.536   10.318  1.044   1.00 14.00 ? 77  TYR A N   1 
ATOM   618  C CA  . TYR A 1 79  ? 2.721   9.726   1.596   1.00 13.44 ? 77  TYR A CA  1 
ATOM   619  C C   . TYR A 1 79  ? 3.883   9.866   0.579   1.00 13.48 ? 77  TYR A C   1 
ATOM   620  O O   . TYR A 1 79  ? 3.708   9.574   -0.603  1.00 12.60 ? 77  TYR A O   1 
ATOM   621  C CB  . TYR A 1 79  ? 2.486   8.255   1.879   1.00 13.40 ? 77  TYR A CB  1 
ATOM   622  C CG  . TYR A 1 79  ? 1.377   7.943   2.881   1.00 13.12 ? 77  TYR A CG  1 
ATOM   623  C CD1 . TYR A 1 79  ? 1.277   8.643   4.080   1.00 12.50 ? 77  TYR A CD1 1 
ATOM   624  C CD2 . TYR A 1 79  ? 0.466   6.855   2.649   1.00 12.07 ? 77  TYR A CD2 1 
ATOM   625  C CE1 . TYR A 1 79  ? 0.291   8.307   5.043   1.00 12.58 ? 77  TYR A CE1 1 
ATOM   626  C CE2 . TYR A 1 79  ? -0.496  6.483   3.623   1.00 13.61 ? 77  TYR A CE2 1 
ATOM   627  C CZ  . TYR A 1 79  ? -0.570  7.217   4.819   1.00 13.02 ? 77  TYR A CZ  1 
ATOM   628  O OH  . TYR A 1 79  ? -1.517  6.912   5.784   1.00 15.76 ? 77  TYR A OH  1 
ATOM   629  N N   . ARG A 1 80  ? 5.059   10.271  1.057   1.00 12.30 ? 78  ARG A N   1 
ATOM   630  C CA  . ARG A 1 80  ? 6.255   10.288  0.201   1.00 14.57 ? 78  ARG A CA  1 
ATOM   631  C C   . ARG A 1 80  ? 7.332   9.452   0.829   1.00 14.74 ? 78  ARG A C   1 
ATOM   632  O O   . ARG A 1 80  ? 7.174   9.076   2.021   1.00 15.40 ? 78  ARG A O   1 
ATOM   633  C CB  . ARG A 1 80  ? 6.777   11.706  0.065   1.00 13.81 ? 78  ARG A CB  1 
ATOM   634  C CG  . ARG A 1 80  ? 5.759   12.653  -0.599  1.00 17.10 ? 78  ARG A CG  1 
ATOM   635  C CD  . ARG A 1 80  ? 6.400   14.018  -0.810  1.00 18.90 ? 78  ARG A CD  1 
ATOM   636  N NE  . ARG A 1 80  ? 5.466   14.992  -1.428  1.00 16.39 ? 78  ARG A NE  1 
ATOM   637  C CZ  . ARG A 1 80  ? 5.374   15.193  -2.748  1.00 17.14 ? 78  ARG A CZ  1 
ATOM   638  N NH1 . ARG A 1 80  ? 6.134   14.515  -3.581  1.00 16.73 ? 78  ARG A NH1 1 
ATOM   639  N NH2 . ARG A 1 80  ? 4.549   16.142  -3.222  1.00 19.00 ? 78  ARG A NH2 1 
ATOM   640  N N   . ASP A 1 81  ? 8.396   9.186   0.026   1.00 14.94 ? 79  ASP A N   1 
ATOM   641  C CA  . ASP A 1 81  ? 9.648   8.520   0.436   1.00 14.37 ? 79  ASP A CA  1 
ATOM   642  C C   . ASP A 1 81  ? 9.476   7.010   0.716   1.00 13.32 ? 79  ASP A C   1 
ATOM   643  O O   . ASP A 1 81  ? 10.066  6.184   0.036   1.00 13.54 ? 79  ASP A O   1 
ATOM   644  C CB  . ASP A 1 81  ? 10.270  9.203   1.682   1.00 15.78 ? 79  ASP A CB  1 
ATOM   645  C CG  . ASP A 1 81  ? 10.510  10.710  1.501   1.00 19.98 ? 79  ASP A CG  1 
ATOM   646  O OD1 . ASP A 1 81  ? 10.692  11.125  0.318   1.00 21.53 ? 79  ASP A OD1 1 
ATOM   647  O OD2 . ASP A 1 81  ? 10.437  11.467  2.529   1.00 18.81 ? 79  ASP A OD2 1 
ATOM   648  N N   . ARG A 1 82  ? 8.668   6.690   1.726   1.00 12.81 ? 80  ARG A N   1 
ATOM   649  C CA  . ARG A 1 82  ? 8.319   5.341   2.083   1.00 12.44 ? 80  ARG A CA  1 
ATOM   650  C C   . ARG A 1 82  ? 7.059   5.302   2.869   1.00 11.79 ? 80  ARG A C   1 
ATOM   651  O O   . ARG A 1 82  ? 6.717   6.278   3.575   1.00 10.81 ? 80  ARG A O   1 
ATOM   652  C CB  . ARG A 1 82  ? 9.454   4.746   2.951   1.00 12.91 ? 80  ARG A CB  1 
ATOM   653  C CG  . ARG A 1 82  ? 9.248   3.268   3.298   1.00 14.94 ? 80  ARG A CG  1 
ATOM   654  C CD  . ARG A 1 82  ? 10.341  2.823   4.287   1.00 22.73 ? 80  ARG A CD  1 
ATOM   655  N NE  . ARG A 1 82  ? 11.556  2.737   3.527   1.00 33.46 ? 80  ARG A NE  1 
ATOM   656  C CZ  . ARG A 1 82  ? 12.145  1.613   3.154   1.00 40.09 ? 80  ARG A CZ  1 
ATOM   657  N NH1 . ARG A 1 82  ? 11.688  0.420   3.563   1.00 43.58 ? 80  ARG A NH1 1 
ATOM   658  N NH2 . ARG A 1 82  ? 13.221  1.705   2.394   1.00 40.69 ? 80  ARG A NH2 1 
ATOM   659  N N   . LEU A 1 83  ? 6.321   4.198   2.730   1.00 12.96 ? 81  LEU A N   1 
ATOM   660  C CA  . LEU A 1 83  ? 5.184   3.935   3.620   1.00 12.10 ? 81  LEU A CA  1 
ATOM   661  C C   . LEU A 1 83  ? 5.473   2.560   4.230   1.00 12.70 ? 81  LEU A C   1 
ATOM   662  O O   . LEU A 1 83  ? 5.754   1.602   3.518   1.00 11.78 ? 81  LEU A O   1 
ATOM   663  C CB  . LEU A 1 83  ? 3.849   3.889   2.819   1.00 12.36 ? 81  LEU A CB  1 
ATOM   664  C CG  . LEU A 1 83  ? 2.634   3.345   3.584   1.00 14.15 ? 81  LEU A CG  1 
ATOM   665  C CD1 . LEU A 1 83  ? 2.299   4.231   4.828   1.00 14.76 ? 81  LEU A CD1 1 
ATOM   666  C CD2 . LEU A 1 83  ? 1.406   3.254   2.644   1.00 13.48 ? 81  LEU A CD2 1 
ATOM   667  N N   . THR A 1 84  ? 5.389   2.482   5.559   1.00 12.92 ? 82  THR A N   1 
ATOM   668  C CA  . THR A 1 84  ? 5.575   1.253   6.321   1.00 14.08 ? 82  THR A CA  1 
ATOM   669  C C   . THR A 1 84  ? 4.210   1.038   6.993   1.00 14.47 ? 82  THR A C   1 
ATOM   670  O O   . THR A 1 84  ? 3.683   1.941   7.687   1.00 15.38 ? 82  THR A O   1 
ATOM   671  C CB  . THR A 1 84  ? 6.689   1.439   7.397   1.00 14.69 ? 82  THR A CB  1 
ATOM   672  O OG1 . THR A 1 84  ? 7.954   1.670   6.755   1.00 18.12 ? 82  THR A OG1 1 
ATOM   673  C CG2 . THR A 1 84  ? 6.762   0.183   8.357   1.00 15.76 ? 82  THR A CG2 1 
ATOM   674  N N   . LEU A 1 85  ? 3.593   -0.123  6.776   1.00 16.20 ? 83  LEU A N   1 
ATOM   675  C CA  . LEU A 1 85  ? 2.295   -0.432  7.358   1.00 15.17 ? 83  LEU A CA  1 
ATOM   676  C C   . LEU A 1 85  ? 2.307   -1.841  7.981   1.00 17.15 ? 83  LEU A C   1 
ATOM   677  O O   . LEU A 1 85  ? 2.344   -2.830  7.242   1.00 16.77 ? 83  LEU A O   1 
ATOM   678  C CB  . LEU A 1 85  ? 1.205   -0.425  6.279   1.00 15.00 ? 83  LEU A CB  1 
ATOM   679  C CG  A LEU A 1 85  ? 0.437   0.786   5.738   0.50 15.34 ? 83  LEU A CG  1 
ATOM   680  C CG  B LEU A 1 85  ? -0.248  -0.529  6.621   0.50 11.76 ? 83  LEU A CG  1 
ATOM   681  C CD1 A LEU A 1 85  ? -0.780  0.283   4.951   0.50 14.53 ? 83  LEU A CD1 1 
ATOM   682  C CD1 B LEU A 1 85  ? -0.665  0.527   7.638   0.50 10.66 ? 83  LEU A CD1 1 
ATOM   683  C CD2 A LEU A 1 85  ? -0.024  1.745   6.853   0.50 15.08 ? 83  LEU A CD2 1 
ATOM   684  C CD2 B LEU A 1 85  ? -1.043  -0.328  5.340   0.50 9.36  ? 83  LEU A CD2 1 
ATOM   685  N N   . PRO A 1 86  ? 2.242   -1.931  9.321   1.00 18.04 ? 84  PRO A N   1 
ATOM   686  C CA  . PRO A 1 86  ? 2.097   -3.230  9.990   1.00 17.79 ? 84  PRO A CA  1 
ATOM   687  C C   . PRO A 1 86  ? 0.673   -3.740  9.895   1.00 18.14 ? 84  PRO A C   1 
ATOM   688  O O   . PRO A 1 86  ? -0.300  -2.957  9.867   1.00 19.39 ? 84  PRO A O   1 
ATOM   689  C CB  . PRO A 1 86  ? 2.489   -2.943  11.441  1.00 18.83 ? 84  PRO A CB  1 
ATOM   690  C CG  . PRO A 1 86  ? 2.228   -1.457  11.650  1.00 21.45 ? 84  PRO A CG  1 
ATOM   691  C CD  . PRO A 1 86  ? 2.459   -0.810  10.273  1.00 18.13 ? 84  PRO A CD  1 
ATOM   692  N N   . VAL A 1 87  ? 0.530   -5.047  9.780   1.00 18.10 ? 85  VAL A N   1 
ATOM   693  C CA  . VAL A 1 87  ? -0.786  -5.666  9.745   1.00 16.67 ? 85  VAL A CA  1 
ATOM   694  C C   . VAL A 1 87  ? -0.723  -6.862  10.698  1.00 17.10 ? 85  VAL A C   1 
ATOM   695  O O   . VAL A 1 87  ? 0.281   -7.577  10.762  1.00 18.07 ? 85  VAL A O   1 
ATOM   696  C CB  . VAL A 1 87  ? -1.135  -6.157  8.298   1.00 17.81 ? 85  VAL A CB  1 
ATOM   697  C CG1 . VAL A 1 87  ? -2.427  -6.998  8.283   1.00 17.92 ? 85  VAL A CG1 1 
ATOM   698  C CG2 . VAL A 1 87  ? -1.195  -4.957  7.271   1.00 15.00 ? 85  VAL A CG2 1 
ATOM   699  N N   . THR A 1 88  ? -1.750  -7.020  11.525  1.00 15.83 ? 86  THR A N   1 
ATOM   700  C CA  . THR A 1 88  ? -1.728  -8.122  12.464  1.00 15.12 ? 86  THR A CA  1 
ATOM   701  C C   . THR A 1 88  ? -2.657  -9.191  11.929  1.00 14.67 ? 86  THR A C   1 
ATOM   702  O O   . THR A 1 88  ? -3.829  -8.928  11.677  1.00 14.05 ? 86  THR A O   1 
ATOM   703  C CB  . THR A 1 88  ? -2.162  -7.692  13.903  1.00 16.29 ? 86  THR A CB  1 
ATOM   704  O OG1 . THR A 1 88  ? -1.192  -6.783  14.430  1.00 17.41 ? 86  THR A OG1 1 
ATOM   705  C CG2 . THR A 1 88  ? -2.215  -8.930  14.811  1.00 16.92 ? 86  THR A CG2 1 
ATOM   706  N N   . ILE A 1 89  ? -2.109  -10.371 11.689  1.00 15.82 ? 87  ILE A N   1 
ATOM   707  C CA  . ILE A 1 89  ? -2.918  -11.500 11.173  1.00 15.09 ? 87  ILE A CA  1 
ATOM   708  C C   . ILE A 1 89  ? -3.346  -12.308 12.404  1.00 16.07 ? 87  ILE A C   1 
ATOM   709  O O   . ILE A 1 89  ? -2.515  -12.984 13.007  1.00 17.35 ? 87  ILE A O   1 
ATOM   710  C CB  . ILE A 1 89  ? -2.072  -12.402 10.229  1.00 13.73 ? 87  ILE A CB  1 
ATOM   711  C CG1 . ILE A 1 89  ? -1.463  -11.588 9.050   1.00 15.82 ? 87  ILE A CG1 1 
ATOM   712  C CG2 . ILE A 1 89  ? -2.857  -13.670 9.763   1.00 12.19 ? 87  ILE A CG2 1 
ATOM   713  C CD1 . ILE A 1 89  ? -0.324  -12.342 8.366   1.00 18.68 ? 87  ILE A CD1 1 
ATOM   714  N N   . ASN A 1 90  ? -4.639  -12.279 12.747  1.00 16.44 ? 88  ASN A N   1 
ATOM   715  C CA  . ASN A 1 90  ? -5.121  -13.093 13.881  1.00 17.06 ? 88  ASN A CA  1 
ATOM   716  C C   . ASN A 1 90  ? -5.274  -14.562 13.490  1.00 15.91 ? 88  ASN A C   1 
ATOM   717  O O   . ASN A 1 90  ? -5.011  -15.456 14.281  1.00 16.24 ? 88  ASN A O   1 
ATOM   718  C CB  . ASN A 1 90  ? -6.436  -12.536 14.427  1.00 16.74 ? 88  ASN A CB  1 
ATOM   719  C CG  . ASN A 1 90  ? -6.262  -11.136 15.018  1.00 19.23 ? 88  ASN A CG  1 
ATOM   720  O OD1 . ASN A 1 90  ? -5.235  -10.846 15.614  1.00 23.50 ? 88  ASN A OD1 1 
ATOM   721  N ND2 . ASN A 1 90  ? -7.228  -10.265 14.803  1.00 22.32 ? 88  ASN A ND2 1 
ATOM   722  N N   . GLN A 1 91  ? -5.691  -14.803 12.254  1.00 14.76 ? 89  GLN A N   1 
ATOM   723  C CA  . GLN A 1 91  ? -5.807  -16.169 11.760  1.00 15.22 ? 89  GLN A CA  1 
ATOM   724  C C   . GLN A 1 91  ? -5.664  -16.084 10.253  1.00 14.91 ? 89  GLN A C   1 
ATOM   725  O O   . GLN A 1 91  ? -6.075  -15.064 9.638   1.00 14.98 ? 89  GLN A O   1 
ATOM   726  C CB  . GLN A 1 91  ? -7.180  -16.765 12.154  1.00 16.69 ? 89  GLN A CB  1 
ATOM   727  C CG  . GLN A 1 91  ? -7.385  -18.284 11.784  1.00 19.05 ? 89  GLN A CG  1 
ATOM   728  C CD  . GLN A 1 91  ? -7.949  -18.497 10.332  1.00 26.60 ? 89  GLN A CD  1 
ATOM   729  O OE1 . GLN A 1 91  ? -8.090  -19.660 9.857   1.00 27.66 ? 89  GLN A OE1 1 
ATOM   730  N NE2 . GLN A 1 91  ? -8.283  -17.396 9.650   1.00 23.19 ? 89  GLN A NE2 1 
ATOM   731  N N   . ALA A 1 92  ? -5.132  -17.164 9.664   1.00 13.79 ? 90  ALA A N   1 
ATOM   732  C CA  . ALA A 1 92  ? -5.103  -17.310 8.228   1.00 13.96 ? 90  ALA A CA  1 
ATOM   733  C C   . ALA A 1 92  ? -5.125  -18.794 7.929   1.00 13.54 ? 90  ALA A C   1 
ATOM   734  O O   . ALA A 1 92  ? -4.288  -19.529 8.473   1.00 14.28 ? 90  ALA A O   1 
ATOM   735  C CB  . ALA A 1 92  ? -3.773  -16.742 7.718   1.00 13.79 ? 90  ALA A CB  1 
ATOM   736  N N   . SER A 1 93  ? -6.028  -19.220 7.054   1.00 14.15 ? 91  SER A N   1 
ATOM   737  C CA  . SER A 1 93  ? -6.031  -20.655 6.623   1.00 14.52 ? 91  SER A CA  1 
ATOM   738  C C   . SER A 1 93  ? -4.959  -20.878 5.561   1.00 14.55 ? 91  SER A C   1 
ATOM   739  O O   . SER A 1 93  ? -4.276  -19.927 5.138   1.00 12.05 ? 91  SER A O   1 
ATOM   740  C CB  A SER A 1 93  ? -7.398  -21.029 6.081   0.50 14.98 ? 91  SER A CB  1 
ATOM   741  C CB  B SER A 1 93  ? -7.439  -21.145 6.217   0.50 14.88 ? 91  SER A CB  1 
ATOM   742  O OG  A SER A 1 93  ? -8.332  -20.717 7.065   0.50 11.98 ? 91  SER A OG  1 
ATOM   743  O OG  B SER A 1 93  ? -8.048  -20.298 5.267   0.50 12.47 ? 91  SER A OG  1 
ATOM   744  N N   . ALA A 1 94  ? -4.734  -22.138 5.169   1.00 13.26 ? 92  ALA A N   1 
ATOM   745  C CA  . ALA A 1 94  ? -3.692  -22.403 4.179   1.00 12.69 ? 92  ALA A CA  1 
ATOM   746  C C   . ALA A 1 94  ? -4.209  -21.849 2.829   1.00 13.33 ? 92  ALA A C   1 
ATOM   747  O O   . ALA A 1 94  ? -5.321  -22.191 2.392   1.00 12.94 ? 92  ALA A O   1 
ATOM   748  C CB  . ALA A 1 94  ? -3.496  -23.920 4.052   1.00 12.22 ? 92  ALA A CB  1 
ATOM   749  N N   . GLY A 1 95  ? -3.360  -21.077 2.147   1.00 13.02 ? 93  GLY A N   1 
ATOM   750  C CA  . GLY A 1 95  ? -3.757  -20.470 0.834   1.00 11.42 ? 93  GLY A CA  1 
ATOM   751  C C   . GLY A 1 95  ? -4.467  -19.134 0.983   1.00 12.39 ? 93  GLY A C   1 
ATOM   752  O O   . GLY A 1 95  ? -4.960  -18.586 -0.015  1.00 13.60 ? 93  GLY A O   1 
ATOM   753  N N   . ALA A 1 96  ? -4.594  -18.627 2.226   1.00 11.17 ? 94  ALA A N   1 
ATOM   754  C CA  . ALA A 1 96  ? -5.117  -17.263 2.449   1.00 12.34 ? 94  ALA A CA  1 
ATOM   755  C C   . ALA A 1 96  ? -4.290  -16.214 1.724   1.00 12.47 ? 94  ALA A C   1 
ATOM   756  O O   . ALA A 1 96  ? -3.058  -16.386 1.452   1.00 11.71 ? 94  ALA A O   1 
ATOM   757  C CB  . ALA A 1 96  ? -5.160  -16.915 3.989   1.00 11.79 ? 94  ALA A CB  1 
ATOM   758  N N   . THR A 1 97  ? -4.997  -15.128 1.392   1.00 13.73 ? 95  THR A N   1 
ATOM   759  C CA  . THR A 1 97  ? -4.343  -13.994 0.703   1.00 15.17 ? 95  THR A CA  1 
ATOM   760  C C   . THR A 1 97  ? -4.770  -12.664 1.283   1.00 14.29 ? 95  THR A C   1 
ATOM   761  O O   . THR A 1 97  ? -5.740  -12.599 2.010   1.00 12.83 ? 95  THR A O   1 
ATOM   762  C CB  . THR A 1 97  ? -4.637  -13.998 -0.830  1.00 14.06 ? 95  THR A CB  1 
ATOM   763  O OG1 . THR A 1 97  ? -6.040  -13.958 -1.049  1.00 16.95 ? 95  THR A OG1 1 
ATOM   764  C CG2 . THR A 1 97  ? -4.014  -15.240 -1.497  1.00 18.19 ? 95  THR A CG2 1 
ATOM   765  N N   . LEU A 1 98  ? -3.989  -11.621 0.969   1.00 14.69 ? 96  LEU A N   1 
ATOM   766  C CA  . LEU A 1 98  ? -4.382  -10.290 1.334   1.00 14.83 ? 96  LEU A CA  1 
ATOM   767  C C   . LEU A 1 98  ? -4.302  -9.514  0.038   1.00 14.68 ? 96  LEU A C   1 
ATOM   768  O O   . LEU A 1 98  ? -3.277  -9.518  -0.655  1.00 15.50 ? 96  LEU A O   1 
ATOM   769  C CB  . LEU A 1 98  ? -3.382  -9.751  2.362   1.00 15.88 ? 96  LEU A CB  1 
ATOM   770  C CG  . LEU A 1 98  ? -3.781  -8.492  3.112   1.00 18.15 ? 96  LEU A CG  1 
ATOM   771  C CD1 . LEU A 1 98  ? -4.925  -8.770  4.094   1.00 16.59 ? 96  LEU A CD1 1 
ATOM   772  C CD2 . LEU A 1 98  ? -2.529  -7.955  3.860   1.00 17.56 ? 96  LEU A CD2 1 
ATOM   773  N N   . THR A 1 99  ? -5.411  -8.838  -0.286  1.00 14.84 ? 97  THR A N   1 
ATOM   774  C CA  . THR A 1 99  ? -5.414  -7.989  -1.477  1.00 15.99 ? 97  THR A CA  1 
ATOM   775  C C   . THR A 1 99  ? -5.075  -6.551  -1.036  1.00 14.55 ? 97  THR A C   1 
ATOM   776  O O   . THR A 1 99  ? -5.718  -6.019  -0.144  1.00 15.85 ? 97  THR A O   1 
ATOM   777  C CB  . THR A 1 99  ? -6.833  -8.036  -2.094  1.00 16.16 ? 97  THR A CB  1 
ATOM   778  O OG1 . THR A 1 99  ? -7.122  -9.388  -2.483  1.00 17.06 ? 97  THR A OG1 1 
ATOM   779  C CG2 . THR A 1 99  ? -6.939  -7.148  -3.267  1.00 17.76 ? 97  THR A CG2 1 
ATOM   780  N N   . VAL A 1 100 ? -4.079  -5.961  -1.688  1.00 13.69 ? 98  VAL A N   1 
ATOM   781  C CA  . VAL A 1 100 ? -3.562  -4.650  -1.296  1.00 12.54 ? 98  VAL A CA  1 
ATOM   782  C C   . VAL A 1 100 ? -3.709  -3.746  -2.511  1.00 12.91 ? 98  VAL A C   1 
ATOM   783  O O   . VAL A 1 100 ? -3.053  -3.981  -3.528  1.00 14.38 ? 98  VAL A O   1 
ATOM   784  C CB  . VAL A 1 100 ? -2.097  -4.772  -0.824  1.00 13.01 ? 98  VAL A CB  1 
ATOM   785  C CG1 . VAL A 1 100 ? -1.548  -3.386  -0.352  1.00 13.56 ? 98  VAL A CG1 1 
ATOM   786  C CG2 . VAL A 1 100 ? -2.029  -5.859  0.386   1.00 11.38 ? 98  VAL A CG2 1 
ATOM   787  N N   . THR A 1 101 ? -4.567  -2.735  -2.400  1.00 11.61 ? 99  THR A N   1 
ATOM   788  C CA  . THR A 1 101 ? -4.844  -1.818  -3.536  1.00 13.09 ? 99  THR A CA  1 
ATOM   789  C C   . THR A 1 101 ? -4.473  -0.409  -3.101  1.00 12.51 ? 99  THR A C   1 
ATOM   790  O O   . THR A 1 101 ? -4.616  -0.063  -1.927  1.00 13.20 ? 99  THR A O   1 
ATOM   791  C CB  . THR A 1 101 ? -6.354  -1.893  -3.885  1.00 12.88 ? 99  THR A CB  1 
ATOM   792  O OG1 . THR A 1 101 ? -6.653  -3.225  -4.369  1.00 16.19 ? 99  THR A OG1 1 
ATOM   793  C CG2 . THR A 1 101 ? -6.783  -0.810  -4.926  1.00 14.77 ? 99  THR A CG2 1 
ATOM   794  N N   . TYR A 1 102 ? -3.885  0.359   -4.022  1.00 11.64 ? 100 TYR A N   1 
ATOM   795  C CA  . TYR A 1 102 ? -3.383  1.655   -3.650  1.00 11.91 ? 100 TYR A CA  1 
ATOM   796  C C   . TYR A 1 102 ? -3.322  2.491   -4.924  1.00 11.30 ? 100 TYR A C   1 
ATOM   797  O O   . TYR A 1 102 ? -3.349  1.957   -6.063  1.00 14.72 ? 100 TYR A O   1 
ATOM   798  C CB  . TYR A 1 102 ? -1.965  1.571   -2.963  1.00 11.07 ? 100 TYR A CB  1 
ATOM   799  C CG  . TYR A 1 102 ? -0.989  0.715   -3.711  1.00 12.79 ? 100 TYR A CG  1 
ATOM   800  C CD1 . TYR A 1 102 ? -0.975  -0.685  -3.495  1.00 14.79 ? 100 TYR A CD1 1 
ATOM   801  C CD2 . TYR A 1 102 ? -0.056  1.276   -4.621  1.00 10.83 ? 100 TYR A CD2 1 
ATOM   802  C CE1 . TYR A 1 102 ? -0.059  -1.527  -4.178  1.00 14.75 ? 100 TYR A CE1 1 
ATOM   803  C CE2 . TYR A 1 102 ? 0.874   0.457   -5.330  1.00 13.54 ? 100 TYR A CE2 1 
ATOM   804  C CZ  . TYR A 1 102 ? 0.878   -0.946  -5.059  1.00 11.85 ? 100 TYR A CZ  1 
ATOM   805  O OH  . TYR A 1 102 ? 1.753   -1.787  -5.692  1.00 15.63 ? 100 TYR A OH  1 
ATOM   806  N N   . GLN A 1 103 ? -3.251  3.812   -4.747  1.00 10.97 ? 101 GLN A N   1 
ATOM   807  C CA  . GLN A 1 103 ? -3.077  4.649   -5.931  1.00 10.89 ? 101 GLN A CA  1 
ATOM   808  C C   . GLN A 1 103 ? -2.096  5.763   -5.640  1.00 11.36 ? 101 GLN A C   1 
ATOM   809  O O   . GLN A 1 103 ? -2.101  6.354   -4.541  1.00 11.64 ? 101 GLN A O   1 
ATOM   810  C CB  . GLN A 1 103 ? -4.411  5.291   -6.305  1.00 11.25 ? 101 GLN A CB  1 
ATOM   811  C CG  . GLN A 1 103 ? -4.319  6.104   -7.650  1.00 11.67 ? 101 GLN A CG  1 
ATOM   812  C CD  . GLN A 1 103 ? -5.693  6.556   -8.059  1.00 16.08 ? 101 GLN A CD  1 
ATOM   813  O OE1 . GLN A 1 103 ? -6.558  6.781   -7.192  1.00 14.89 ? 101 GLN A OE1 1 
ATOM   814  N NE2 . GLN A 1 103 ? -5.933  6.653   -9.390  1.00 15.60 ? 101 GLN A NE2 1 
ATOM   815  N N   . GLY A 1 104 ? -1.292  6.095   -6.640  1.00 11.83 ? 102 GLY A N   1 
ATOM   816  C CA  . GLY A 1 104 ? -0.415  7.234   -6.472  1.00 12.32 ? 102 GLY A CA  1 
ATOM   817  C C   . GLY A 1 104 ? -0.392  8.159   -7.688  1.00 12.87 ? 102 GLY A C   1 
ATOM   818  O O   . GLY A 1 104 ? -1.107  7.945   -8.681  1.00 12.52 ? 102 GLY A O   1 
ATOM   819  N N   . CYS A 1 105 ? 0.426   9.183   -7.555  1.00 11.57 ? 103 CYS A N   1 
ATOM   820  C CA  . CYS A 1 105 ? 0.425   10.317  -8.486  1.00 14.35 ? 103 CYS A CA  1 
ATOM   821  C C   . CYS A 1 105 ? 1.820   10.895  -8.606  1.00 15.50 ? 103 CYS A C   1 
ATOM   822  O O   . CYS A 1 105 ? 2.650   10.726  -7.715  1.00 16.01 ? 103 CYS A O   1 
ATOM   823  C CB  . CYS A 1 105 ? -0.548  11.372  -7.950  1.00 13.55 ? 103 CYS A CB  1 
ATOM   824  S SG  . CYS A 1 105 ? -0.972  12.775  -9.182  1.00 15.79 ? 103 CYS A SG  1 
ATOM   825  N N   . ALA A 1 106 ? 2.139   11.522  -9.743  1.00 15.76 ? 104 ALA A N   1 
ATOM   826  C CA  . ALA A 1 106 ? 3.457   12.154  -9.933  1.00 17.30 ? 104 ALA A CA  1 
ATOM   827  C C   . ALA A 1 106 ? 3.344   13.655  -9.727  1.00 17.15 ? 104 ALA A C   1 
ATOM   828  O O   . ALA A 1 106 ? 2.351   14.279  -10.166 1.00 18.09 ? 104 ALA A O   1 
ATOM   829  C CB  . ALA A 1 106 ? 4.018   11.876  -11.366 1.00 16.82 ? 104 ALA A CB  1 
ATOM   830  N N   . ASP A 1 107 ? 4.361   14.247  -9.088  1.00 16.08 ? 105 ASP A N   1 
ATOM   831  C CA  . ASP A 1 107 ? 4.452   15.705  -8.970  1.00 18.33 ? 105 ASP A CA  1 
ATOM   832  C C   . ASP A 1 107 ? 4.391   16.361  -10.362 1.00 19.12 ? 105 ASP A C   1 
ATOM   833  O O   . ASP A 1 107 ? 3.815   17.446  -10.527 1.00 21.05 ? 105 ASP A O   1 
ATOM   834  C CB  . ASP A 1 107 ? 5.736   16.105  -8.249  1.00 17.93 ? 105 ASP A CB  1 
ATOM   835  C CG  . ASP A 1 107 ? 5.616   15.893  -6.729  1.00 21.45 ? 105 ASP A CG  1 
ATOM   836  O OD1 . ASP A 1 107 ? 4.505   16.068  -6.187  1.00 19.29 ? 105 ASP A OD1 1 
ATOM   837  O OD2 . ASP A 1 107 ? 6.611   15.552  -6.089  1.00 23.16 ? 105 ASP A OD2 1 
ATOM   838  N N   . ALA A 1 108 ? 4.959   15.656  -11.321 1.00 22.15 ? 106 ALA A N   1 
ATOM   839  C CA  . ALA A 1 108 ? 5.048   16.145  -12.721 1.00 25.00 ? 106 ALA A CA  1 
ATOM   840  C C   . ALA A 1 108 ? 3.705   16.295  -13.420 1.00 26.97 ? 106 ALA A C   1 
ATOM   841  O O   . ALA A 1 108 ? 3.661   16.860  -14.536 1.00 28.37 ? 106 ALA A O   1 
ATOM   842  C CB  . ALA A 1 108 ? 5.948   15.255  -13.513 1.00 25.46 ? 106 ALA A CB  1 
ATOM   843  N N   . GLY A 1 109 ? 2.625   15.812  -12.783 1.00 26.46 ? 107 GLY A N   1 
ATOM   844  C CA  . GLY A 1 109 ? 1.274   16.135  -13.186 1.00 27.19 ? 107 GLY A CA  1 
ATOM   845  C C   . GLY A 1 109 ? 0.277   14.995  -13.145 1.00 27.21 ? 107 GLY A C   1 
ATOM   846  O O   . GLY A 1 109 ? -0.868  15.152  -12.610 1.00 30.27 ? 107 GLY A O   1 
ATOM   847  N N   . PHE A 1 110 ? 0.711   13.844  -13.632 1.00 24.66 ? 108 PHE A N   1 
ATOM   848  C CA  . PHE A 1 110 ? -0.186  12.792  -14.046 1.00 21.41 ? 108 PHE A CA  1 
ATOM   849  C C   . PHE A 1 110 ? -0.469  11.808  -12.907 1.00 19.98 ? 108 PHE A C   1 
ATOM   850  O O   . PHE A 1 110 ? 0.420   11.560  -12.079 1.00 18.11 ? 108 PHE A O   1 
ATOM   851  C CB  . PHE A 1 110 ? 0.418   12.064  -15.203 1.00 22.57 ? 108 PHE A CB  1 
ATOM   852  C CG  . PHE A 1 110 ? 1.784   11.492  -14.939 1.00 23.64 ? 108 PHE A CG  1 
ATOM   853  C CD1 . PHE A 1 110 ? 1.930   10.180  -14.500 1.00 27.88 ? 108 PHE A CD1 1 
ATOM   854  C CD2 . PHE A 1 110 ? 2.945   12.254  -15.198 1.00 28.83 ? 108 PHE A CD2 1 
ATOM   855  C CE1 . PHE A 1 110 ? 3.209   9.627   -14.288 1.00 27.57 ? 108 PHE A CE1 1 
ATOM   856  C CE2 . PHE A 1 110 ? 4.225   11.702  -15.000 1.00 27.42 ? 108 PHE A CE2 1 
ATOM   857  C CZ  . PHE A 1 110 ? 4.348   10.395  -14.556 1.00 28.53 ? 108 PHE A CZ  1 
ATOM   858  N N   . CYS A 1 111 ? -1.659  11.208  -12.950 1.00 17.83 ? 109 CYS A N   1 
ATOM   859  C CA  . CYS A 1 111 ? -2.113  10.327  -11.882 1.00 16.22 ? 109 CYS A CA  1 
ATOM   860  C C   . CYS A 1 111 ? -2.051  8.910   -12.380 1.00 16.82 ? 109 CYS A C   1 
ATOM   861  O O   . CYS A 1 111 ? -2.455  8.654   -13.519 1.00 15.20 ? 109 CYS A O   1 
ATOM   862  C CB  . CYS A 1 111 ? -3.579  10.645  -11.511 1.00 19.25 ? 109 CYS A CB  1 
ATOM   863  S SG  . CYS A 1 111 ? -4.091  9.821   -9.930  1.00 16.15 ? 109 CYS A SG  1 
ATOM   864  N N   . TYR A 1 112 ? -1.512  7.978   -11.583 1.00 14.37 ? 110 TYR A N   1 
ATOM   865  C CA  . TYR A 1 112 ? -1.555  6.569   -11.966 1.00 14.10 ? 110 TYR A CA  1 
ATOM   866  C C   . TYR A 1 112 ? -2.918  5.930   -11.674 1.00 13.86 ? 110 TYR A C   1 
ATOM   867  O O   . TYR A 1 112 ? -3.649  6.375   -10.776 1.00 13.89 ? 110 TYR A O   1 
ATOM   868  C CB  . TYR A 1 112 ? -0.501  5.771   -11.184 1.00 14.44 ? 110 TYR A CB  1 
ATOM   869  C CG  . TYR A 1 112 ? 0.889   6.067   -11.608 1.00 16.42 ? 110 TYR A CG  1 
ATOM   870  C CD1 . TYR A 1 112 ? 1.561   7.197   -11.142 1.00 18.78 ? 110 TYR A CD1 1 
ATOM   871  C CD2 . TYR A 1 112 ? 1.585   5.169   -12.423 1.00 19.44 ? 110 TYR A CD2 1 
ATOM   872  C CE1 . TYR A 1 112 ? 2.883   7.443   -11.504 1.00 22.66 ? 110 TYR A CE1 1 
ATOM   873  C CE2 . TYR A 1 112 ? 2.907   5.397   -12.778 1.00 21.40 ? 110 TYR A CE2 1 
ATOM   874  C CZ  . TYR A 1 112 ? 3.547   6.545   -12.332 1.00 22.93 ? 110 TYR A CZ  1 
ATOM   875  O OH  . TYR A 1 112 ? 4.858   6.776   -12.713 1.00 24.49 ? 110 TYR A OH  1 
ATOM   876  N N   . PRO A 1 113 ? -3.281  4.888   -12.444 1.00 15.16 ? 111 PRO A N   1 
ATOM   877  C CA  . PRO A 1 113 ? -4.475  4.123   -12.091 1.00 15.40 ? 111 PRO A CA  1 
ATOM   878  C C   . PRO A 1 113 ? -4.162  3.320   -10.788 1.00 15.49 ? 111 PRO A C   1 
ATOM   879  O O   . PRO A 1 113 ? -2.962  3.091   -10.506 1.00 14.48 ? 111 PRO A O   1 
ATOM   880  C CB  . PRO A 1 113 ? -4.698  3.215   -13.323 1.00 15.63 ? 111 PRO A CB  1 
ATOM   881  C CG  . PRO A 1 113 ? -3.282  2.962   -13.843 1.00 17.66 ? 111 PRO A CG  1 
ATOM   882  C CD  . PRO A 1 113 ? -2.481  4.235   -13.521 1.00 15.24 ? 111 PRO A CD  1 
ATOM   883  N N   . PRO A 1 114 ? -5.214  2.901   -10.041 1.00 17.62 ? 112 PRO A N   1 
ATOM   884  C CA  . PRO A 1 114 ? -5.016  2.092   -8.813  1.00 16.91 ? 112 PRO A CA  1 
ATOM   885  C C   . PRO A 1 114 ? -4.312  0.799   -9.173  1.00 18.92 ? 112 PRO A C   1 
ATOM   886  O O   . PRO A 1 114 ? -4.483  0.269   -10.307 1.00 18.22 ? 112 PRO A O   1 
ATOM   887  C CB  . PRO A 1 114 ? -6.446  1.850   -8.307  1.00 18.79 ? 112 PRO A CB  1 
ATOM   888  C CG  . PRO A 1 114 ? -7.280  2.915   -8.979  1.00 20.22 ? 112 PRO A CG  1 
ATOM   889  C CD  . PRO A 1 114 ? -6.658  3.131   -10.317 1.00 15.68 ? 112 PRO A CD  1 
ATOM   890  N N   . GLU A 1 115 ? -3.488  0.303   -8.261  1.00 17.57 ? 113 GLU A N   1 
ATOM   891  C CA  . GLU A 1 115 ? -2.722  -0.951  -8.481  1.00 18.68 ? 113 GLU A CA  1 
ATOM   892  C C   . GLU A 1 115 ? -3.184  -1.908  -7.450  1.00 17.67 ? 113 GLU A C   1 
ATOM   893  O O   . GLU A 1 115 ? -3.539  -1.463  -6.343  1.00 15.29 ? 113 GLU A O   1 
ATOM   894  C CB  . GLU A 1 115 ? -1.293  -0.715  -8.192  1.00 19.76 ? 113 GLU A CB  1 
ATOM   895  C CG  . GLU A 1 115 ? -0.756  0.276   -9.173  1.00 27.49 ? 113 GLU A CG  1 
ATOM   896  C CD  . GLU A 1 115 ? 0.627   0.618   -8.867  1.00 33.61 ? 113 GLU A CD  1 
ATOM   897  O OE1 . GLU A 1 115 ? 1.462   -0.343  -8.852  1.00 32.61 ? 113 GLU A OE1 1 
ATOM   898  O OE2 . GLU A 1 115 ? 0.859   1.853   -8.677  1.00 35.13 ? 113 GLU A OE2 1 
ATOM   899  N N   . THR A 1 116 ? -3.178  -3.205  -7.787  1.00 16.71 ? 114 THR A N   1 
ATOM   900  C CA  . THR A 1 116 ? -3.605  -4.194  -6.817  1.00 16.92 ? 114 THR A CA  1 
ATOM   901  C C   . THR A 1 116 ? -2.517  -5.249  -6.781  1.00 17.46 ? 114 THR A C   1 
ATOM   902  O O   . THR A 1 116 ? -2.078  -5.731  -7.830  1.00 17.59 ? 114 THR A O   1 
ATOM   903  C CB  . THR A 1 116 ? -5.023  -4.852  -7.144  1.00 17.21 ? 114 THR A CB  1 
ATOM   904  O OG1 . THR A 1 116 ? -6.053  -3.897  -6.893  1.00 19.50 ? 114 THR A OG1 1 
ATOM   905  C CG2 . THR A 1 116 ? -5.303  -5.986  -6.174  1.00 16.23 ? 114 THR A CG2 1 
ATOM   906  N N   . LYS A 1 117 ? -2.107  -5.619  -5.576  1.00 16.55 ? 115 LYS A N   1 
ATOM   907  C CA  . LYS A 1 117 ? -1.201  -6.715  -5.365  1.00 16.00 ? 115 LYS A CA  1 
ATOM   908  C C   . LYS A 1 117 ? -1.903  -7.778  -4.481  1.00 17.37 ? 115 LYS A C   1 
ATOM   909  O O   . LYS A 1 117 ? -2.715  -7.450  -3.600  1.00 16.67 ? 115 LYS A O   1 
ATOM   910  C CB  . LYS A 1 117 ? 0.052   -6.228  -4.653  1.00 16.66 ? 115 LYS A CB  1 
ATOM   911  C CG  . LYS A 1 117 ? 0.886   -5.137  -5.410  1.00 17.19 ? 115 LYS A CG  1 
ATOM   912  C CD  . LYS A 1 117 ? 1.481   -5.660  -6.749  1.00 19.71 ? 115 LYS A CD  1 
ATOM   913  C CE  . LYS A 1 117 ? 2.332   -4.540  -7.433  1.00 22.40 ? 115 LYS A CE  1 
ATOM   914  N NZ  . LYS A 1 117 ? 2.827   -5.049  -8.767  1.00 24.98 ? 115 LYS A NZ  1 
ATOM   915  N N   . THR A 1 118 ? -1.539  -9.038  -4.704  1.00 16.81 ? 116 THR A N   1 
ATOM   916  C CA  . THR A 1 118 ? -2.075  -10.103 -3.862  1.00 17.43 ? 116 THR A CA  1 
ATOM   917  C C   . THR A 1 118 ? -0.896  -10.692 -3.124  1.00 17.34 ? 116 THR A C   1 
ATOM   918  O O   . THR A 1 118 ? 0.053   -11.187 -3.737  1.00 17.71 ? 116 THR A O   1 
ATOM   919  C CB  . THR A 1 118 ? -2.745  -11.176 -4.720  1.00 19.67 ? 116 THR A CB  1 
ATOM   920  O OG1 . THR A 1 118 ? -3.831  -10.577 -5.425  1.00 17.88 ? 116 THR A OG1 1 
ATOM   921  C CG2 . THR A 1 118 ? -3.252  -12.363 -3.846  1.00 20.55 ? 116 THR A CG2 1 
ATOM   922  N N   . VAL A 1 119 ? -0.974  -10.674 -1.803  1.00 15.33 ? 117 VAL A N   1 
ATOM   923  C CA  . VAL A 1 119 ? 0.065   -11.186 -0.940  1.00 14.56 ? 117 VAL A CA  1 
ATOM   924  C C   . VAL A 1 119 ? -0.377  -12.594 -0.494  1.00 15.21 ? 117 VAL A C   1 
ATOM   925  O O   . VAL A 1 119 ? -1.466  -12.739 0.020   1.00 13.08 ? 117 VAL A O   1 
ATOM   926  C CB  . VAL A 1 119 ? 0.193   -10.276 0.326   1.00 14.94 ? 117 VAL A CB  1 
ATOM   927  C CG1 . VAL A 1 119 ? 1.186   -10.872 1.365   1.00 14.27 ? 117 VAL A CG1 1 
ATOM   928  C CG2 . VAL A 1 119 ? 0.616   -8.838  -0.093  1.00 13.94 ? 117 VAL A CG2 1 
ATOM   929  N N   . PRO A 1 120 ? 0.470   -13.617 -0.710  1.00 15.52 ? 118 PRO A N   1 
ATOM   930  C CA  . PRO A 1 120 ? 0.168   -14.968 -0.198  1.00 16.44 ? 118 PRO A CA  1 
ATOM   931  C C   . PRO A 1 120 ? 0.480   -14.967 1.294   1.00 14.11 ? 118 PRO A C   1 
ATOM   932  O O   . PRO A 1 120 ? 1.590   -14.660 1.689   1.00 15.85 ? 118 PRO A O   1 
ATOM   933  C CB  . PRO A 1 120 ? 1.178   -15.884 -0.964  1.00 16.81 ? 118 PRO A CB  1 
ATOM   934  C CG  . PRO A 1 120 ? 2.332   -14.979 -1.388  1.00 17.62 ? 118 PRO A CG  1 
ATOM   935  C CD  . PRO A 1 120 ? 1.756   -13.546 -1.462  1.00 17.41 ? 118 PRO A CD  1 
ATOM   936  N N   . LEU A 1 121 ? -0.492  -15.230 2.118   1.00 13.87 ? 119 LEU A N   1 
ATOM   937  C CA  . LEU A 1 121 ? -0.245  -15.214 3.580   1.00 12.83 ? 119 LEU A CA  1 
ATOM   938  C C   . LEU A 1 121 ? 0.117   -16.615 4.007   1.00 13.69 ? 119 LEU A C   1 
ATOM   939  O O   . LEU A 1 121 ? -0.540  -17.591 3.577   1.00 13.35 ? 119 LEU A O   1 
ATOM   940  C CB  . LEU A 1 121 ? -1.503  -14.771 4.336   1.00 13.58 ? 119 LEU A CB  1 
ATOM   941  C CG  . LEU A 1 121 ? -2.021  -13.348 4.106   1.00 13.10 ? 119 LEU A CG  1 
ATOM   942  C CD1 . LEU A 1 121 ? -3.344  -13.116 4.816   1.00 14.38 ? 119 LEU A CD1 1 
ATOM   943  C CD2 . LEU A 1 121 ? -0.982  -12.366 4.575   1.00 12.66 ? 119 LEU A CD2 1 
ATOM   944  N N   . SER A 1 122 ? 1.147   -16.723 4.841   1.00 14.15 ? 120 SER A N   1 
ATOM   945  C CA  . SER A 1 122 ? 1.533   -18.014 5.412   1.00 15.09 ? 120 SER A CA  1 
ATOM   946  C C   . SER A 1 122 ? 0.501   -18.359 6.472   1.00 15.75 ? 120 SER A C   1 
ATOM   947  O O   . SER A 1 122 ? -0.071  -17.449 7.139   1.00 14.67 ? 120 SER A O   1 
ATOM   948  C CB  . SER A 1 122 ? 2.919   -17.957 5.989   1.00 16.66 ? 120 SER A CB  1 
ATOM   949  O OG  . SER A 1 122 ? 3.792   -17.835 4.877   1.00 17.48 ? 120 SER A OG  1 
ATOM   950  N N   . GLU A 1 123 ? 0.217   -19.643 6.623   1.00 13.92 ? 121 GLU A N   1 
ATOM   951  C CA  . GLU A 1 123 ? -0.896  -20.001 7.526   1.00 13.18 ? 121 GLU A CA  1 
ATOM   952  C C   . GLU A 1 123 ? -0.644  -19.587 9.018   1.00 12.06 ? 121 GLU A C   1 
ATOM   953  O O   . GLU A 1 123 ? 0.499   -19.707 9.500   1.00 14.79 ? 121 GLU A O   1 
ATOM   954  C CB  . GLU A 1 123 ? -1.107  -21.524 7.442   1.00 12.32 ? 121 GLU A CB  1 
ATOM   955  C CG  . GLU A 1 123 ? -2.242  -21.970 8.317   1.00 13.75 ? 121 GLU A CG  1 
ATOM   956  C CD  . GLU A 1 123 ? -2.591  -23.492 8.198   1.00 16.01 ? 121 GLU A CD  1 
ATOM   957  O OE1 . GLU A 1 123 ? -1.886  -24.206 7.485   1.00 12.58 ? 121 GLU A OE1 1 
ATOM   958  O OE2 . GLU A 1 123 ? -3.542  -23.912 8.883   1.00 15.29 ? 121 GLU A OE2 1 
ATOM   959  N N   . VAL A 1 124 ? -1.677  -19.147 9.703   1.00 13.62 ? 122 VAL A N   1 
ATOM   960  C CA  . VAL A 1 124 ? -1.580  -18.704 11.131  1.00 14.81 ? 122 VAL A CA  1 
ATOM   961  C C   . VAL A 1 124 ? -2.789  -19.324 11.831  1.00 15.91 ? 122 VAL A C   1 
ATOM   962  O O   . VAL A 1 124 ? -3.913  -19.021 11.515  1.00 16.60 ? 122 VAL A O   1 
ATOM   963  C CB  . VAL A 1 124 ? -1.663  -17.129 11.270  1.00 13.51 ? 122 VAL A CB  1 
ATOM   964  C CG1 . VAL A 1 124 ? -1.905  -16.729 12.759  1.00 19.47 ? 122 VAL A CG1 1 
ATOM   965  C CG2 . VAL A 1 124 ? -0.404  -16.440 10.703  1.00 15.35 ? 122 VAL A CG2 1 
ATOM   966  N N   . VAL A 1 125 ? -2.545  -20.255 12.751  1.00 17.75 ? 123 VAL A N   1 
ATOM   967  C CA  . VAL A 1 125 ? -3.637  -20.884 13.497  1.00 20.18 ? 123 VAL A CA  1 
ATOM   968  C C   . VAL A 1 125 ? -4.091  -19.873 14.581  1.00 20.55 ? 123 VAL A C   1 
ATOM   969  O O   . VAL A 1 125 ? -3.223  -19.239 15.220  1.00 21.68 ? 123 VAL A O   1 
ATOM   970  C CB  . VAL A 1 125 ? -3.163  -22.286 14.074  1.00 20.79 ? 123 VAL A CB  1 
ATOM   971  C CG1 . VAL A 1 125 ? -4.297  -22.965 14.850  1.00 22.77 ? 123 VAL A CG1 1 
ATOM   972  C CG2 . VAL A 1 125 ? -2.604  -23.196 12.901  1.00 20.63 ? 123 VAL A CG2 1 
ATOM   973  N N   . ALA A 1 126 ? -5.403  -19.663 14.713  1.00 22.38 ? 124 ALA A N   1 
ATOM   974  C CA  . ALA A 1 126 ? -5.980  -18.710 15.707  1.00 25.96 ? 124 ALA A CA  1 
ATOM   975  C C   . ALA A 1 126 ? -5.501  -19.049 17.106  1.00 29.23 ? 124 ALA A C   1 
ATOM   976  O O   . ALA A 1 126 ? -5.483  -20.235 17.489  1.00 28.67 ? 124 ALA A O   1 
ATOM   977  C CB  . ALA A 1 126 ? -7.546  -18.675 15.673  1.00 25.72 ? 124 ALA A CB  1 
ATOM   978  N N   . ASN A 1 127 ? -5.054  -17.997 17.798  1.00 31.94 ? 125 ASN A N   1 
ATOM   979  C CA  . ASN A 1 127 ? -4.619  -18.001 19.208  1.00 37.03 ? 125 ASN A CA  1 
ATOM   980  C C   . ASN A 1 127 ? -3.132  -18.133 19.514  1.00 37.95 ? 125 ASN A C   1 
ATOM   981  O O   . ASN A 1 127 ? -2.408  -17.137 19.365  1.00 40.55 ? 125 ASN A O   1 
ATOM   982  C CB  . ASN A 1 127 ? -5.484  -18.937 20.031  1.00 37.69 ? 125 ASN A CB  1 
ATOM   983  C CG  . ASN A 1 127 ? -6.861  -18.370 20.210  1.00 43.04 ? 125 ASN A CG  1 
ATOM   984  O OD1 . ASN A 1 127 ? -6.994  -17.145 20.341  1.00 44.37 ? 125 ASN A OD1 1 
ATOM   985  N ND2 . ASN A 1 127 ? -7.900  -19.230 20.194  1.00 46.97 ? 125 ASN A ND2 1 
HETATM 986  S S1  . DTT B 2 .   ? -13.423 5.435   -5.042  1.00 63.76 ? 138 DTT A S1  1 
HETATM 987  C C1  . DTT B 2 .   ? -13.709 6.219   -6.694  1.00 59.27 ? 138 DTT A C1  1 
HETATM 988  C C2  . DTT B 2 .   ? -13.119 7.640   -6.791  1.00 56.29 ? 138 DTT A C2  1 
HETATM 989  O O2  . DTT B 2 .   ? -13.461 8.362   -5.626  1.00 56.60 ? 138 DTT A O2  1 
HETATM 990  C C3  . DTT B 2 .   ? -13.494 8.477   -8.018  1.00 57.59 ? 138 DTT A C3  1 
HETATM 991  O O3  . DTT B 2 .   ? -13.442 9.867   -7.752  1.00 50.81 ? 138 DTT A O3  1 
HETATM 992  C C4  . DTT B 2 .   ? -12.488 8.200   -9.125  1.00 61.09 ? 138 DTT A C4  1 
HETATM 993  S S4  . DTT B 2 .   ? -11.539 9.679   -9.624  1.00 64.77 ? 138 DTT A S4  1 
HETATM 994  S S1  . DTT C 2 .   ? -8.510  -0.877  4.166   1.00 46.56 ? 139 DTT A S1  1 
HETATM 995  C C1  . DTT C 2 .   ? -9.012  0.456   5.332   1.00 52.44 ? 139 DTT A C1  1 
HETATM 996  C C2  . DTT C 2 .   ? -7.916  1.335   5.959   1.00 54.52 ? 139 DTT A C2  1 
HETATM 997  O O2  . DTT C 2 .   ? -6.806  0.497   6.197   1.00 55.15 ? 139 DTT A O2  1 
HETATM 998  C C3  . DTT C 2 .   ? -8.388  2.067   7.257   1.00 55.88 ? 139 DTT A C3  1 
HETATM 999  O O3  . DTT C 2 .   ? -8.282  1.159   8.350   1.00 57.83 ? 139 DTT A O3  1 
HETATM 1000 C C4  . DTT C 2 .   ? -7.832  3.516   7.535   1.00 55.22 ? 139 DTT A C4  1 
HETATM 1001 S S4  . DTT C 2 .   ? -6.811  4.065   8.995   1.00 51.85 ? 139 DTT A S4  1 
HETATM 1002 O O   . HOH D 3 .   ? -7.934  -21.030 2.700   1.00 18.09 ? 140 HOH A O   1 
HETATM 1003 O O   . HOH D 3 .   ? -3.790  -5.187  11.315  1.00 19.07 ? 141 HOH A O   1 
HETATM 1004 O O   . HOH D 3 .   ? -9.035  4.795   4.877   1.00 39.53 ? 142 HOH A O   1 
HETATM 1005 O O   . HOH D 3 .   ? 11.984  13.733  2.395   1.00 20.18 ? 143 HOH A O   1 
HETATM 1006 O O   . HOH D 3 .   ? -2.617  4.945   -2.188  1.00 14.13 ? 144 HOH A O   1 
HETATM 1007 O O   . HOH D 3 .   ? -1.098  3.880   -8.539  1.00 16.55 ? 145 HOH A O   1 
HETATM 1008 O O   . HOH D 3 .   ? -2.655  -3.679  -10.609 0.50 16.99 ? 146 HOH A O   1 
HETATM 1009 O O   . HOH D 3 .   ? 13.560  4.941   2.948   1.00 44.38 ? 147 HOH A O   1 
HETATM 1010 O O   . HOH D 3 .   ? -8.895  20.474  -6.890  1.00 41.39 ? 148 HOH A O   1 
HETATM 1011 O O   . HOH D 3 .   ? 3.375   -13.582 3.586   1.00 15.89 ? 149 HOH A O   1 
HETATM 1012 O O   . HOH D 3 .   ? -0.082  1.467   -13.966 1.00 47.08 ? 150 HOH A O   1 
HETATM 1013 O O   . HOH D 3 .   ? 5.890   -12.562 15.371  1.00 47.00 ? 151 HOH A O   1 
HETATM 1014 O O   . HOH D 3 .   ? -5.986  25.986  -2.865  1.00 47.45 ? 152 HOH A O   1 
HETATM 1015 O O   . HOH D 3 .   ? -5.311  15.403  -3.935  1.00 18.92 ? 153 HOH A O   1 
HETATM 1016 O O   . HOH D 3 .   ? -6.580  -1.924  -8.592  1.00 30.10 ? 154 HOH A O   1 
HETATM 1017 O O   . HOH D 3 .   ? -0.995  -20.394 3.422   1.00 12.56 ? 155 HOH A O   1 
HETATM 1018 O O   . HOH D 3 .   ? 1.494   8.174   12.316  1.00 11.87 ? 156 HOH A O   1 
HETATM 1019 O O   . HOH D 3 .   ? 2.256   2.624   9.942   1.00 13.97 ? 157 HOH A O   1 
HETATM 1020 O O   . HOH D 3 .   ? -1.227  -18.322 0.611   1.00 15.13 ? 158 HOH A O   1 
HETATM 1021 O O   . HOH D 3 .   ? -4.898  -22.041 10.089  1.00 15.91 ? 159 HOH A O   1 
HETATM 1022 O O   . HOH D 3 .   ? 4.134   17.429  -0.354  1.00 23.70 ? 160 HOH A O   1 
HETATM 1023 O O   . HOH D 3 .   ? -11.613 -9.680  11.773  1.00 31.47 ? 161 HOH A O   1 
HETATM 1024 O O   . HOH D 3 .   ? 12.408  4.855   -4.450  0.50 17.40 ? 162 HOH A O   1 
HETATM 1025 O O   . HOH D 3 .   ? -1.517  -15.650 -3.832  1.00 29.99 ? 163 HOH A O   1 
HETATM 1026 O O   . HOH D 3 .   ? -5.975  -8.341  -8.624  1.00 38.84 ? 164 HOH A O   1 
HETATM 1027 O O   . HOH D 3 .   ? 7.981   -5.033  4.470   1.00 32.77 ? 165 HOH A O   1 
HETATM 1028 O O   . HOH D 3 .   ? -0.986  3.174   15.722  1.00 47.35 ? 166 HOH A O   1 
HETATM 1029 O O   . HOH D 3 .   ? -0.713  1.846   -11.640 1.00 31.81 ? 167 HOH A O   1 
HETATM 1030 O O   . HOH D 3 .   ? 4.436   -13.176 -3.972  1.00 40.53 ? 168 HOH A O   1 
HETATM 1031 O O   . HOH D 3 .   ? 8.257   10.345  -2.674  1.00 17.39 ? 169 HOH A O   1 
HETATM 1032 O O   . HOH D 3 .   ? 1.101   18.753  5.868   1.00 32.21 ? 170 HOH A O   1 
HETATM 1033 O O   . HOH D 3 .   ? -5.046  23.713  -1.773  1.00 47.10 ? 171 HOH A O   1 
HETATM 1034 O O   . HOH D 3 .   ? -5.011  -15.176 -5.190  1.00 40.76 ? 172 HOH A O   1 
HETATM 1035 O O   . HOH D 3 .   ? 5.358   -6.155  -6.972  1.00 47.31 ? 173 HOH A O   1 
HETATM 1036 O O   . HOH D 3 .   ? 3.452   -13.727 15.882  1.00 28.56 ? 174 HOH A O   1 
HETATM 1037 O O   . HOH D 3 .   ? -9.640  -7.156  -6.316  1.00 43.29 ? 175 HOH A O   1 
HETATM 1038 O O   . HOH D 3 .   ? -10.880 -19.578 6.281   1.00 28.64 ? 176 HOH A O   1 
HETATM 1039 O O   . HOH D 3 .   ? 2.648   -6.374  12.195  1.00 24.57 ? 177 HOH A O   1 
HETATM 1040 O O   . HOH D 3 .   ? -12.610 -14.834 2.996   1.00 27.33 ? 178 HOH A O   1 
HETATM 1041 O O   . HOH D 3 .   ? -7.607  4.384   2.752   1.00 19.77 ? 179 HOH A O   1 
HETATM 1042 O O   . HOH D 3 .   ? 9.751   -2.088  -1.268  1.00 27.51 ? 180 HOH A O   1 
HETATM 1043 O O   . HOH D 3 .   ? 1.671   10.231  14.079  1.00 16.47 ? 181 HOH A O   1 
HETATM 1044 O O   . HOH D 3 .   ? -5.406  -15.456 16.994  1.00 28.25 ? 182 HOH A O   1 
HETATM 1045 O O   . HOH D 3 .   ? -7.392  2.645   -4.894  1.00 19.16 ? 183 HOH A O   1 
HETATM 1046 O O   . HOH D 3 .   ? 0.172   -20.750 13.645  1.00 24.22 ? 184 HOH A O   1 
HETATM 1047 O O   . HOH D 3 .   ? 5.382   -16.589 8.896   1.00 29.87 ? 185 HOH A O   1 
HETATM 1048 O O   . HOH D 3 .   ? 5.927   -3.199  -6.649  1.00 20.81 ? 186 HOH A O   1 
HETATM 1049 O O   . HOH D 3 .   ? 7.686   -13.185 4.456   1.00 22.79 ? 187 HOH A O   1 
HETATM 1050 O O   . HOH D 3 .   ? 7.060   13.688  -10.854 1.00 26.25 ? 188 HOH A O   1 
HETATM 1051 O O   . HOH D 3 .   ? -10.408 -9.436  9.090   1.00 20.51 ? 189 HOH A O   1 
HETATM 1052 O O   . HOH D 3 .   ? 8.532   12.894  -3.243  1.00 19.77 ? 190 HOH A O   1 
HETATM 1053 O O   . HOH D 3 .   ? -7.787  7.010   5.830   1.00 31.87 ? 191 HOH A O   1 
HETATM 1054 O O   . HOH D 3 .   ? 4.430   -1.425  -13.076 1.00 28.63 ? 192 HOH A O   1 
HETATM 1055 O O   . HOH D 3 .   ? 0.023   2.194   11.458  1.00 23.23 ? 193 HOH A O   1 
HETATM 1056 O O   . HOH D 3 .   ? -8.182  -4.543  -1.120  1.00 25.69 ? 194 HOH A O   1 
HETATM 1057 O O   . HOH D 3 .   ? 9.063   -4.256  -5.069  1.00 34.65 ? 195 HOH A O   1 
HETATM 1058 O O   . HOH D 3 .   ? -8.929  14.252  1.737   1.00 34.18 ? 196 HOH A O   1 
HETATM 1059 O O   . HOH D 3 .   ? 2.525   14.958  9.123   1.00 18.63 ? 197 HOH A O   1 
HETATM 1060 O O   . HOH D 3 .   ? 0.861   -2.537  -10.136 1.00 36.21 ? 198 HOH A O   1 
HETATM 1061 O O   . HOH D 3 .   ? 5.935   -16.368 5.905   1.00 29.27 ? 199 HOH A O   1 
HETATM 1062 O O   . HOH D 3 .   ? -2.817  -12.028 16.525  1.00 21.61 ? 200 HOH A O   1 
HETATM 1063 O O   . HOH D 3 .   ? -1.660  -17.786 -2.136  1.00 16.66 ? 201 HOH A O   1 
HETATM 1064 O O   . HOH D 3 .   ? -9.104  -3.883  -3.539  1.00 29.51 ? 202 HOH A O   1 
HETATM 1065 O O   . HOH D 3 .   ? -0.431  14.764  11.568  1.00 38.89 ? 203 HOH A O   1 
HETATM 1066 O O   . HOH D 3 .   ? -5.966  21.961  -6.970  1.00 46.01 ? 204 HOH A O   1 
HETATM 1067 O O   . HOH D 3 .   ? 9.285   -0.480  5.859   1.00 26.81 ? 205 HOH A O   1 
HETATM 1068 O O   . HOH D 3 .   ? -4.209  -18.980 -2.465  1.00 15.37 ? 206 HOH A O   1 
HETATM 1069 O O   . HOH D 3 .   ? -0.929  -18.999 16.305  1.00 26.09 ? 207 HOH A O   1 
HETATM 1070 O O   . HOH D 3 .   ? -5.248  12.478  9.264   1.00 31.73 ? 208 HOH A O   1 
HETATM 1071 O O   . HOH D 3 .   ? 0.556   16.020  -8.784  1.00 22.11 ? 209 HOH A O   1 
HETATM 1072 O O   . HOH D 3 .   ? -10.346 -17.194 8.063   1.00 27.54 ? 210 HOH A O   1 
HETATM 1073 O O   . HOH D 3 .   ? -2.297  15.672  -3.463  1.00 23.39 ? 211 HOH A O   1 
HETATM 1074 O O   . HOH D 3 .   ? -6.339  -10.503 -4.586  1.00 31.83 ? 212 HOH A O   1 
HETATM 1075 O O   . HOH D 3 .   ? 0.271   -9.507  -7.061  1.00 23.08 ? 213 HOH A O   1 
HETATM 1076 O O   . HOH D 3 .   ? -2.903  -0.559  12.852  1.00 27.94 ? 214 HOH A O   1 
HETATM 1077 O O   . HOH D 3 .   ? -9.679  15.187  -12.304 1.00 26.73 ? 215 HOH A O   1 
HETATM 1078 O O   . HOH D 3 .   ? -10.499 -6.982  7.544   1.00 31.48 ? 216 HOH A O   1 
HETATM 1079 O O   . HOH D 3 .   ? 6.949   18.500  -0.329  1.00 50.86 ? 217 HOH A O   1 
HETATM 1080 O O   . HOH D 3 .   ? 13.921  8.314   -5.295  1.00 27.06 ? 218 HOH A O   1 
HETATM 1081 O O   . HOH D 3 .   ? 6.905   -9.048  9.816   1.00 37.53 ? 219 HOH A O   1 
HETATM 1082 O O   . HOH D 3 .   ? -12.292 13.772  -6.560  1.00 36.21 ? 220 HOH A O   1 
HETATM 1083 O O   . HOH D 3 .   ? -11.880 15.375  -2.501  1.00 49.09 ? 221 HOH A O   1 
HETATM 1084 O O   . HOH D 3 .   ? -4.321  -13.457 18.375  1.00 36.92 ? 222 HOH A O   1 
HETATM 1085 O O   . HOH D 3 .   ? 8.953   -3.141  -7.672  1.00 33.88 ? 223 HOH A O   1 
HETATM 1086 O O   . HOH D 3 .   ? 11.676  9.739   -2.140  1.00 35.76 ? 224 HOH A O   1 
HETATM 1087 O O   . HOH D 3 .   ? -0.619  -10.828 17.511  1.00 36.80 ? 225 HOH A O   1 
HETATM 1088 O O   . HOH D 3 .   ? 1.645   -7.260  14.255  1.00 37.94 ? 226 HOH A O   1 
HETATM 1089 O O   . HOH D 3 .   ? 12.081  3.161   -16.375 1.00 56.37 ? 227 HOH A O   1 
HETATM 1090 O O   . HOH D 3 .   ? 0.040   21.233  -2.147  1.00 26.06 ? 228 HOH A O   1 
HETATM 1091 O O   . HOH D 3 .   ? 8.792   15.806  -10.516 1.00 36.16 ? 229 HOH A O   1 
HETATM 1092 O O   . HOH D 3 .   ? 10.296  13.508  -0.904  1.00 40.09 ? 230 HOH A O   1 
HETATM 1093 O O   . HOH D 3 .   ? -0.673  9.887   15.426  1.00 41.05 ? 231 HOH A O   1 
HETATM 1094 O O   . HOH D 3 .   ? 10.483  3.259   -5.741  1.00 25.36 ? 232 HOH A O   1 
HETATM 1095 O O   . HOH D 3 .   ? -0.183  -12.323 -7.214  1.00 37.93 ? 233 HOH A O   1 
HETATM 1096 O O   . HOH D 3 .   ? -7.694  -17.987 -0.178  0.50 13.03 ? 234 HOH A O   1 
HETATM 1097 O O   . HOH D 3 .   ? -11.850 -11.629 7.527   1.00 31.42 ? 235 HOH A O   1 
HETATM 1098 O O   . HOH D 3 .   ? 5.173   18.677  -15.591 1.00 38.03 ? 236 HOH A O   1 
HETATM 1099 O O   . HOH D 3 .   ? -9.315  1.021   -5.868  1.00 25.73 ? 237 HOH A O   1 
HETATM 1100 O O   . HOH D 3 .   ? -8.909  -0.805  -7.946  1.00 26.91 ? 238 HOH A O   1 
HETATM 1101 O O   . HOH D 3 .   ? -0.373  -5.017  -9.892  1.00 36.72 ? 239 HOH A O   1 
HETATM 1102 O O   . HOH D 3 .   ? 8.871   -11.806 1.860   1.00 33.24 ? 240 HOH A O   1 
HETATM 1103 O O   . HOH D 3 .   ? 7.871   -2.228  -14.139 1.00 50.16 ? 241 HOH A O   1 
HETATM 1104 O O   . HOH D 3 .   ? -13.341 0.026   0.495   1.00 47.42 ? 242 HOH A O   1 
HETATM 1105 O O   . HOH D 3 .   ? -5.227  -8.633  17.323  1.00 35.93 ? 243 HOH A O   1 
HETATM 1106 O O   . HOH D 3 .   ? -3.907  -6.352  17.668  1.00 38.37 ? 244 HOH A O   1 
HETATM 1107 O O   . HOH D 3 .   ? -0.366  0.492   13.527  1.00 29.69 ? 245 HOH A O   1 
HETATM 1108 O O   . HOH D 3 .   ? -6.993  -12.787 18.901  0.50 23.85 ? 246 HOH A O   1 
HETATM 1109 O O   . HOH D 3 .   ? 2.101   -4.026  15.035  1.00 51.23 ? 247 HOH A O   1 
HETATM 1110 O O   . HOH D 3 .   ? 3.618   19.017  -6.210  1.00 49.84 ? 248 HOH A O   1 
HETATM 1111 O O   . HOH D 3 .   ? -5.990  8.878   11.724  1.00 42.26 ? 249 HOH A O   1 
HETATM 1112 O O   . HOH D 3 .   ? 1.451   16.492  11.160  1.00 31.66 ? 250 HOH A O   1 
HETATM 1113 O O   . HOH D 3 .   ? -12.707 -10.058 3.419   1.00 41.45 ? 251 HOH A O   1 
HETATM 1114 O O   . HOH D 3 .   ? 2.676   -10.475 -4.001  1.00 40.19 ? 252 HOH A O   1 
HETATM 1115 O O   . HOH D 3 .   ? -11.084 6.502   1.802   1.00 40.71 ? 253 HOH A O   1 
HETATM 1116 O O   . HOH D 3 .   ? 1.166   18.465  -7.906  1.00 37.06 ? 254 HOH A O   1 
HETATM 1117 O O   . HOH D 3 .   ? 15.760  9.949   -3.838  1.00 36.37 ? 255 HOH A O   1 
HETATM 1118 O O   . HOH D 3 .   ? -14.971 2.434   0.668   1.00 46.51 ? 256 HOH A O   1 
HETATM 1119 O O   . HOH D 3 .   ? -3.319  -9.117  -7.775  1.00 39.70 ? 257 HOH A O   1 
HETATM 1120 O O   . HOH D 3 .   ? 10.940  -4.168  2.889   1.00 50.17 ? 258 HOH A O   1 
HETATM 1121 O O   . HOH D 3 .   ? -0.941  -4.396  13.800  1.00 34.23 ? 259 HOH A O   1 
HETATM 1122 O O   . HOH D 3 .   ? 2.662   1.728   -14.934 1.00 32.92 ? 260 HOH A O   1 
HETATM 1123 O O   . HOH D 3 .   ? 1.913   -19.745 11.838  1.00 39.87 ? 261 HOH A O   1 
HETATM 1124 O O   . HOH D 3 .   ? -2.706  -0.728  -12.129 1.00 41.08 ? 262 HOH A O   1 
HETATM 1125 O O   . HOH D 3 .   ? -7.952  -7.749  16.094  1.00 37.67 ? 263 HOH A O   1 
HETATM 1126 O O   . HOH D 3 .   ? -9.947  19.329  -10.428 1.00 41.96 ? 264 HOH A O   1 
HETATM 1127 O O   . HOH D 3 .   ? 11.554  12.522  -11.093 0.50 32.42 ? 265 HOH A O   1 
HETATM 1128 O O   . HOH D 3 .   ? -10.331 19.791  -1.614  1.00 34.55 ? 266 HOH A O   1 
HETATM 1129 O O   . HOH D 3 .   ? 9.835   -6.941  8.104   1.00 36.36 ? 267 HOH A O   1 
HETATM 1130 O O   . HOH D 3 .   ? 1.433   -9.728  17.069  0.50 22.31 ? 268 HOH A O   1 
HETATM 1131 O O   . HOH D 3 .   ? -3.362  -22.045 18.712  1.00 41.07 ? 269 HOH A O   1 
HETATM 1132 O O   . HOH D 3 .   ? -12.201 18.898  -12.306 1.00 30.39 ? 270 HOH A O   1 
HETATM 1133 O O   . HOH D 3 .   ? -0.047  19.656  -12.717 1.00 46.11 ? 271 HOH A O   1 
HETATM 1134 O O   . HOH D 3 .   ? -3.790  -3.958  -10.667 0.50 16.03 ? 272 HOH A O   1 
HETATM 1135 O O   . HOH D 3 .   ? 13.923  10.986  -1.941  1.00 50.61 ? 273 HOH A O   1 
HETATM 1136 O O   . HOH D 3 .   ? 2.183   -1.041  15.150  1.00 50.65 ? 274 HOH A O   1 
HETATM 1137 O O   . HOH D 3 .   ? 12.819  8.364   -14.786 1.00 52.96 ? 275 HOH A O   1 
HETATM 1138 O O   . HOH D 3 .   ? 3.357   -0.704  -7.536  1.00 18.80 ? 276 HOH A O   1 
HETATM 1139 O O   . HOH D 3 .   ? -2.493  -3.090  12.006  1.00 35.09 ? 277 HOH A O   1 
HETATM 1140 O O   . HOH D 3 .   ? 10.698  10.294  -12.559 1.00 37.94 ? 278 HOH A O   1 
HETATM 1141 O O   . HOH D 3 .   ? -9.877  5.207   -7.545  1.00 31.48 ? 279 HOH A O   1 
HETATM 1142 O O   . HOH D 3 .   ? -6.928  1.067   13.962  1.00 44.85 ? 280 HOH A O   1 
HETATM 1143 O O   . HOH D 3 .   ? -6.751  1.137   19.253  1.00 60.41 ? 281 HOH A O   1 
HETATM 1144 O O   . HOH D 3 .   ? -8.196  9.458   5.446   1.00 50.37 ? 282 HOH A O   1 
HETATM 1145 O O   . HOH D 3 .   ? -8.893  -15.108 14.832  1.00 33.42 ? 283 HOH A O   1 
HETATM 1146 O O   . HOH D 3 .   ? -1.371  17.046  -10.949 1.00 45.17 ? 284 HOH A O   1 
HETATM 1147 O O   . HOH D 3 .   ? -8.561  -5.149  -7.276  1.00 42.41 ? 285 HOH A O   1 
HETATM 1148 O O   . HOH D 3 .   ? 8.855   -4.023  -11.750 1.00 48.02 ? 286 HOH A O   1 
HETATM 1149 O O   . HOH D 3 .   ? 11.175  -2.042  -8.411  1.00 41.26 ? 287 HOH A O   1 
HETATM 1150 O O   . HOH D 3 .   ? -12.563 16.143  -0.012  1.00 57.70 ? 288 HOH A O   1 
HETATM 1151 O O   . HOH D 3 .   ? -14.567 4.087   -1.648  1.00 39.67 ? 289 HOH A O   1 
HETATM 1152 O O   . HOH D 3 .   ? -8.878  -16.845 18.647  1.00 32.15 ? 290 HOH A O   1 
HETATM 1153 O O   . HOH D 3 .   ? 12.384  6.585   -1.595  1.00 53.51 ? 291 HOH A O   1 
HETATM 1154 O O   . HOH D 3 .   ? 1.929   19.625  -11.062 1.00 47.52 ? 292 HOH A O   1 
HETATM 1155 O O   . HOH D 3 .   ? -9.567  -10.574 13.774  1.00 34.27 ? 293 HOH A O   1 
HETATM 1156 O O   . HOH D 3 .   ? -0.914  -14.716 19.129  1.00 49.96 ? 294 HOH A O   1 
HETATM 1157 O O   . HOH D 3 .   ? 11.021  -8.098  1.640   1.00 45.31 ? 295 HOH A O   1 
HETATM 1158 O O   . HOH D 3 .   ? -11.181 17.297  -7.460  1.00 57.91 ? 296 HOH A O   1 
HETATM 1159 O O   . HOH D 3 .   ? -7.055  11.289  -1.536  1.00 25.34 ? 297 HOH A O   1 
HETATM 1160 O O   . HOH D 3 .   ? -7.073  -16.763 -0.653  0.50 17.76 ? 298 HOH A O   1 
HETATM 1161 O O   . HOH D 3 .   ? -8.126  -17.050 -2.555  1.00 41.03 ? 299 HOH A O   1 
HETATM 1162 O O   . HOH D 3 .   ? -5.947  -18.136 -4.232  1.00 37.80 ? 300 HOH A O   1 
HETATM 1163 O O   . HOH D 3 .   ? -5.721  10.728  0.675   1.00 17.32 ? 301 HOH A O   1 
HETATM 1164 O O   . HOH D 3 .   ? -5.694  -2.815  15.062  1.00 40.48 ? 302 HOH A O   1 
HETATM 1165 O O   . HOH D 3 .   ? -8.509  9.633   -2.881  1.00 39.15 ? 303 HOH A O   1 
HETATM 1166 O O   . HOH D 3 .   ? 1.184   -7.221  -10.154 1.00 51.89 ? 304 HOH A O   1 
HETATM 1167 O O   . HOH D 3 .   ? 11.130  14.188  -10.486 0.50 38.20 ? 305 HOH A O   1 
HETATM 1168 O O   . HOH D 3 .   ? 14.069  9.849   -8.632  1.00 52.82 ? 306 HOH A O   1 
HETATM 1169 O O   . HOH D 3 .   ? 12.529  1.125   -5.399  1.00 39.16 ? 307 HOH A O   1 
HETATM 1170 O O   . HOH D 3 .   ? 2.664   -18.185 15.838  1.00 36.45 ? 308 HOH A O   1 
HETATM 1171 O O   . HOH D 3 .   ? -9.391  -20.663 18.720  0.50 29.13 ? 309 HOH A O   1 
HETATM 1172 O O   . HOH D 3 .   ? 13.300  3.037   -9.927  1.00 50.56 ? 310 HOH A O   1 
HETATM 1173 O O   . HOH D 3 .   ? 1.277   -1.427  -13.181 1.00 55.00 ? 311 HOH A O   1 
HETATM 1174 O O   . HOH D 3 .   ? 6.005   -7.057  -4.785  1.00 41.81 ? 312 HOH A O   1 
HETATM 1175 O O   . HOH D 3 .   ? -11.941 4.221   5.457   1.00 41.00 ? 313 HOH A O   1 
HETATM 1176 O O   . HOH D 3 .   ? 10.129  -12.807 7.543   1.00 52.23 ? 314 HOH A O   1 
HETATM 1177 O O   . HOH D 3 .   ? -3.307  22.003  -7.601  1.00 41.85 ? 315 HOH A O   1 
HETATM 1178 O O   . HOH D 3 .   ? -13.575 -8.345  -5.165  1.00 48.25 ? 316 HOH A O   1 
HETATM 1179 O O   . HOH D 3 .   ? -10.211 -19.183 18.233  0.50 29.14 ? 317 HOH A O   1 
HETATM 1180 O O   . HOH D 3 .   ? 2.481   -10.721 17.344  0.50 26.13 ? 318 HOH A O   1 
HETATM 1181 O O   . HOH D 3 .   ? 0.323   -13.735 -5.428  1.00 50.27 ? 319 HOH A O   1 
HETATM 1182 O O   . HOH D 3 .   ? 0.469   4.097   13.461  1.00 22.67 ? 320 HOH A O   1 
HETATM 1183 O O   . HOH D 3 .   ? -10.693 -11.829 17.568  1.00 52.08 ? 321 HOH A O   1 
HETATM 1184 O O   . HOH D 3 .   ? 7.936   -11.362 -2.342  1.00 48.27 ? 322 HOH A O   1 
HETATM 1185 O O   . HOH D 3 .   ? -10.397 -12.707 14.966  1.00 42.02 ? 323 HOH A O   1 
HETATM 1186 O O   . HOH D 3 .   ? 9.108   -10.210 9.352   1.00 51.49 ? 324 HOH A O   1 
HETATM 1187 O O   . HOH D 3 .   ? 13.385  5.894   -3.460  0.50 15.77 ? 325 HOH A O   1 
HETATM 1188 O O   . HOH D 3 .   ? -14.994 5.645   1.212   1.00 54.80 ? 326 HOH A O   1 
HETATM 1189 O O   . HOH D 3 .   ? -9.014  13.434  6.298   1.00 39.97 ? 327 HOH A O   1 
HETATM 1190 O O   . HOH D 3 .   ? -6.875  12.054  5.373   1.00 22.29 ? 328 HOH A O   1 
HETATM 1191 O O   . HOH D 3 .   ? -6.988  12.611  2.665   1.00 17.65 ? 329 HOH A O   1 
HETATM 1192 O O   . HOH D 3 .   ? -12.991 11.518  -5.470  1.00 42.24 ? 330 HOH A O   1 
HETATM 1193 O O   . HOH D 3 .   ? 2.785   18.926  1.081   1.00 49.18 ? 331 HOH A O   1 
HETATM 1194 O O   . HOH D 3 .   ? 16.271  -0.067  -1.614  1.00 55.27 ? 332 HOH A O   1 
HETATM 1195 O O   . HOH D 3 .   ? -10.271 -9.541  -2.324  1.00 41.49 ? 333 HOH A O   1 
HETATM 1196 O O   . HOH D 3 .   ? -11.551 7.118   -5.827  1.00 27.20 ? 334 HOH A O   1 
HETATM 1197 O O   . HOH D 3 .   ? 12.343  11.167  -9.455  1.00 50.06 ? 335 HOH A O   1 
HETATM 1198 O O   . HOH D 3 .   ? -8.263  -11.451 18.140  1.00 48.92 ? 336 HOH A O   1 
HETATM 1199 O O   . HOH D 3 .   ? 12.819  4.357   -11.732 1.00 41.89 ? 337 HOH A O   1 
HETATM 1200 O O   . HOH D 3 .   ? -0.072  20.404  -6.951  1.00 48.54 ? 338 HOH A O   1 
HETATM 1201 O O   . HOH D 3 .   ? 14.211  3.940   5.766   1.00 39.30 ? 339 HOH A O   1 
HETATM 1202 O O   . HOH D 3 .   ? -0.422  21.499  5.832   1.00 45.83 ? 340 HOH A O   1 
# 
loop_
_pdbx_poly_seq_scheme.asym_id 
_pdbx_poly_seq_scheme.entity_id 
_pdbx_poly_seq_scheme.seq_id 
_pdbx_poly_seq_scheme.mon_id 
_pdbx_poly_seq_scheme.ndb_seq_num 
_pdbx_poly_seq_scheme.pdb_seq_num 
_pdbx_poly_seq_scheme.auth_seq_num 
_pdbx_poly_seq_scheme.pdb_mon_id 
_pdbx_poly_seq_scheme.auth_mon_id 
_pdbx_poly_seq_scheme.pdb_strand_id 
_pdbx_poly_seq_scheme.pdb_ins_code 
_pdbx_poly_seq_scheme.hetero 
A 1 1   MET 1   -1  ?   ?   ?   A . n 
A 1 2   ASP 2   0   ?   ?   ?   A . n 
A 1 3   THR 3   1   ?   ?   ?   A . n 
A 1 4   LEU 4   2   ?   ?   ?   A . n 
A 1 5   PHE 5   3   ?   ?   ?   A . n 
A 1 6   ASP 6   4   ?   ?   ?   A . n 
A 1 7   ALA 7   5   ?   ?   ?   A . n 
A 1 8   PRO 8   6   ?   ?   ?   A . n 
A 1 9   GLY 9   7   7   GLY GLY A . n 
A 1 10  ARG 10  8   8   ARG ARG A . n 
A 1 11  SER 11  9   9   SER SER A . n 
A 1 12  GLN 12  10  10  GLN GLN A . n 
A 1 13  PHE 13  11  11  PHE PHE A . n 
A 1 14  VAL 14  12  12  VAL VAL A . n 
A 1 15  PRO 15  13  13  PRO PRO A . n 
A 1 16  ALA 16  14  14  ALA ALA A . n 
A 1 17  ASP 17  15  15  ASP ASP A . n 
A 1 18  GLN 18  16  16  GLN GLN A . n 
A 1 19  ALA 19  17  17  ALA ALA A . n 
A 1 20  PHE 20  18  18  PHE PHE A . n 
A 1 21  ALA 21  19  19  ALA ALA A . n 
A 1 22  PHE 22  20  20  PHE PHE A . n 
A 1 23  ASP 23  21  21  ASP ASP A . n 
A 1 24  PHE 24  22  22  PHE PHE A . n 
A 1 25  GLN 25  23  23  GLN GLN A . n 
A 1 26  GLN 26  24  24  GLN GLN A . n 
A 1 27  ASN 27  25  25  ASN ASN A . n 
A 1 28  GLN 28  26  26  GLN GLN A . n 
A 1 29  HIS 29  27  27  HIS HIS A . n 
A 1 30  ASP 30  28  28  ASP ASP A . n 
A 1 31  LEU 31  29  29  LEU LEU A . n 
A 1 32  ASN 32  30  30  ASN ASN A . n 
A 1 33  LEU 33  31  31  LEU LEU A . n 
A 1 34  THR 34  32  32  THR THR A . n 
A 1 35  TRP 35  33  33  TRP TRP A . n 
A 1 36  GLN 36  34  34  GLN GLN A . n 
A 1 37  ILE 37  35  35  ILE ILE A . n 
A 1 38  LYS 38  36  36  LYS LYS A . n 
A 1 39  ASP 39  37  37  ASP ASP A . n 
A 1 40  GLY 40  38  38  GLY GLY A . n 
A 1 41  TYR 41  39  39  TYR TYR A . n 
A 1 42  TYR 42  40  40  TYR TYR A . n 
A 1 43  LEU 43  41  41  LEU LEU A . n 
A 1 44  TYR 44  42  42  TYR TYR A . n 
A 1 45  ARG 45  43  43  ARG ARG A . n 
A 1 46  LYS 46  44  44  LYS LYS A . n 
A 1 47  GLN 47  45  45  GLN GLN A . n 
A 1 48  ILE 48  46  46  ILE ILE A . n 
A 1 49  ARG 49  47  47  ARG ARG A . n 
A 1 50  ILE 50  48  48  ILE ILE A . n 
A 1 51  THR 51  49  49  THR THR A . n 
A 1 52  PRO 52  50  50  PRO PRO A . n 
A 1 53  GLU 53  51  51  GLU GLU A . n 
A 1 54  HIS 54  52  52  HIS HIS A . n 
A 1 55  ALA 55  53  53  ALA ALA A . n 
A 1 56  LYS 56  54  54  LYS LYS A . n 
A 1 57  ILE 57  55  55  ILE ILE A . n 
A 1 58  ALA 58  56  56  ALA ALA A . n 
A 1 59  ASP 59  57  57  ASP ASP A . n 
A 1 60  VAL 60  58  58  VAL VAL A . n 
A 1 61  GLN 61  59  59  GLN GLN A . n 
A 1 62  LEU 62  60  60  LEU LEU A . n 
A 1 63  PRO 63  61  61  PRO PRO A . n 
A 1 64  GLN 64  62  62  GLN GLN A . n 
A 1 65  GLY 65  63  63  GLY GLY A . n 
A 1 66  VAL 66  64  64  VAL VAL A . n 
A 1 67  TRP 67  65  65  TRP TRP A . n 
A 1 68  HIS 68  66  66  HIS HIS A . n 
A 1 69  GLU 69  67  67  GLU GLU A . n 
A 1 70  ASP 70  68  68  ASP ASP A . n 
A 1 71  GLU 71  69  69  GLU GLU A . n 
A 1 72  PHE 72  70  70  PHE PHE A . n 
A 1 73  TYR 73  71  71  TYR TYR A . n 
A 1 74  GLY 74  72  72  GLY GLY A . n 
A 1 75  LYS 75  73  73  LYS LYS A . n 
A 1 76  SER 76  74  74  SER SER A . n 
A 1 77  GLU 77  75  75  GLU GLU A . n 
A 1 78  ILE 78  76  76  ILE ILE A . n 
A 1 79  TYR 79  77  77  TYR TYR A . n 
A 1 80  ARG 80  78  78  ARG ARG A . n 
A 1 81  ASP 81  79  79  ASP ASP A . n 
A 1 82  ARG 82  80  80  ARG ARG A . n 
A 1 83  LEU 83  81  81  LEU LEU A . n 
A 1 84  THR 84  82  82  THR THR A . n 
A 1 85  LEU 85  83  83  LEU LEU A . n 
A 1 86  PRO 86  84  84  PRO PRO A . n 
A 1 87  VAL 87  85  85  VAL VAL A . n 
A 1 88  THR 88  86  86  THR THR A . n 
A 1 89  ILE 89  87  87  ILE ILE A . n 
A 1 90  ASN 90  88  88  ASN ASN A . n 
A 1 91  GLN 91  89  89  GLN GLN A . n 
A 1 92  ALA 92  90  90  ALA ALA A . n 
A 1 93  SER 93  91  91  SER SER A . n 
A 1 94  ALA 94  92  92  ALA ALA A . n 
A 1 95  GLY 95  93  93  GLY GLY A . n 
A 1 96  ALA 96  94  94  ALA ALA A . n 
A 1 97  THR 97  95  95  THR THR A . n 
A 1 98  LEU 98  96  96  LEU LEU A . n 
A 1 99  THR 99  97  97  THR THR A . n 
A 1 100 VAL 100 98  98  VAL VAL A . n 
A 1 101 THR 101 99  99  THR THR A . n 
A 1 102 TYR 102 100 100 TYR TYR A . n 
A 1 103 GLN 103 101 101 GLN GLN A . n 
A 1 104 GLY 104 102 102 GLY GLY A . n 
A 1 105 CYS 105 103 103 CYS CYS A . n 
A 1 106 ALA 106 104 104 ALA ALA A . n 
A 1 107 ASP 107 105 105 ASP ASP A . n 
A 1 108 ALA 108 106 106 ALA ALA A . n 
A 1 109 GLY 109 107 107 GLY GLY A . n 
A 1 110 PHE 110 108 108 PHE PHE A . n 
A 1 111 CYS 111 109 109 CYS CYS A . n 
A 1 112 TYR 112 110 110 TYR TYR A . n 
A 1 113 PRO 113 111 111 PRO PRO A . n 
A 1 114 PRO 114 112 112 PRO PRO A . n 
A 1 115 GLU 115 113 113 GLU GLU A . n 
A 1 116 THR 116 114 114 THR THR A . n 
A 1 117 LYS 117 115 115 LYS LYS A . n 
A 1 118 THR 118 116 116 THR THR A . n 
A 1 119 VAL 119 117 117 VAL VAL A . n 
A 1 120 PRO 120 118 118 PRO PRO A . n 
A 1 121 LEU 121 119 119 LEU LEU A . n 
A 1 122 SER 122 120 120 SER SER A . n 
A 1 123 GLU 123 121 121 GLU GLU A . n 
A 1 124 VAL 124 122 122 VAL VAL A . n 
A 1 125 VAL 125 123 123 VAL VAL A . n 
A 1 126 ALA 126 124 124 ALA ALA A . n 
A 1 127 ASN 127 125 125 ASN ASN A . n 
A 1 128 ASN 128 126 ?   ?   ?   A . n 
A 1 129 ALA 129 127 ?   ?   ?   A . n 
A 1 130 ALA 130 128 ?   ?   ?   A . n 
A 1 131 PRO 131 129 ?   ?   ?   A . n 
A 1 132 GLN 132 130 ?   ?   ?   A . n 
A 1 133 PRO 133 131 ?   ?   ?   A . n 
A 1 134 VAL 134 132 ?   ?   ?   A . n 
A 1 135 GLY 135 133 ?   ?   ?   A . n 
A 1 136 LEU 136 134 ?   ?   ?   A . n 
A 1 137 VAL 137 135 ?   ?   ?   A . n 
A 1 138 PRO 138 136 ?   ?   ?   A . n 
A 1 139 ARG 139 137 ?   ?   ?   A . n 
# 
loop_
_pdbx_nonpoly_scheme.asym_id 
_pdbx_nonpoly_scheme.entity_id 
_pdbx_nonpoly_scheme.mon_id 
_pdbx_nonpoly_scheme.ndb_seq_num 
_pdbx_nonpoly_scheme.pdb_seq_num 
_pdbx_nonpoly_scheme.auth_seq_num 
_pdbx_nonpoly_scheme.pdb_mon_id 
_pdbx_nonpoly_scheme.auth_mon_id 
_pdbx_nonpoly_scheme.pdb_strand_id 
_pdbx_nonpoly_scheme.pdb_ins_code 
B 2 DTT 1   138 1   DTT DTT A . 
C 2 DTT 1   139 2   DTT DTT A . 
D 3 HOH 1   140 1   HOH HOH A . 
D 3 HOH 2   141 2   HOH HOH A . 
D 3 HOH 3   142 142 HOH HOH A . 
D 3 HOH 4   143 3   HOH HOH A . 
D 3 HOH 5   144 4   HOH HOH A . 
D 3 HOH 6   145 5   HOH HOH A . 
D 3 HOH 7   146 6   HOH HOH A . 
D 3 HOH 8   147 147 HOH HOH A . 
D 3 HOH 9   148 148 HOH HOH A . 
D 3 HOH 10  149 7   HOH HOH A . 
D 3 HOH 11  150 150 HOH HOH A . 
D 3 HOH 12  151 151 HOH HOH A . 
D 3 HOH 13  152 152 HOH HOH A . 
D 3 HOH 14  153 8   HOH HOH A . 
D 3 HOH 15  154 154 HOH HOH A . 
D 3 HOH 16  155 9   HOH HOH A . 
D 3 HOH 17  156 10  HOH HOH A . 
D 3 HOH 18  157 11  HOH HOH A . 
D 3 HOH 19  158 12  HOH HOH A . 
D 3 HOH 20  159 13  HOH HOH A . 
D 3 HOH 21  160 14  HOH HOH A . 
D 3 HOH 22  161 161 HOH HOH A . 
D 3 HOH 23  162 162 HOH HOH A . 
D 3 HOH 24  163 163 HOH HOH A . 
D 3 HOH 25  164 164 HOH HOH A . 
D 3 HOH 26  165 165 HOH HOH A . 
D 3 HOH 27  166 166 HOH HOH A . 
D 3 HOH 28  167 15  HOH HOH A . 
D 3 HOH 29  168 168 HOH HOH A . 
D 3 HOH 30  169 16  HOH HOH A . 
D 3 HOH 31  170 17  HOH HOH A . 
D 3 HOH 32  171 18  HOH HOH A . 
D 3 HOH 33  172 172 HOH HOH A . 
D 3 HOH 34  173 19  HOH HOH A . 
D 3 HOH 35  174 20  HOH HOH A . 
D 3 HOH 36  175 175 HOH HOH A . 
D 3 HOH 37  176 21  HOH HOH A . 
D 3 HOH 38  177 22  HOH HOH A . 
D 3 HOH 39  178 23  HOH HOH A . 
D 3 HOH 40  179 24  HOH HOH A . 
D 3 HOH 41  180 25  HOH HOH A . 
D 3 HOH 42  181 26  HOH HOH A . 
D 3 HOH 43  182 27  HOH HOH A . 
D 3 HOH 44  183 28  HOH HOH A . 
D 3 HOH 45  184 29  HOH HOH A . 
D 3 HOH 46  185 30  HOH HOH A . 
D 3 HOH 47  186 31  HOH HOH A . 
D 3 HOH 48  187 32  HOH HOH A . 
D 3 HOH 49  188 33  HOH HOH A . 
D 3 HOH 50  189 34  HOH HOH A . 
D 3 HOH 51  190 37  HOH HOH A . 
D 3 HOH 52  191 38  HOH HOH A . 
D 3 HOH 53  192 39  HOH HOH A . 
D 3 HOH 54  193 40  HOH HOH A . 
D 3 HOH 55  194 41  HOH HOH A . 
D 3 HOH 56  195 42  HOH HOH A . 
D 3 HOH 57  196 43  HOH HOH A . 
D 3 HOH 58  197 44  HOH HOH A . 
D 3 HOH 59  198 45  HOH HOH A . 
D 3 HOH 60  199 46  HOH HOH A . 
D 3 HOH 61  200 47  HOH HOH A . 
D 3 HOH 62  201 48  HOH HOH A . 
D 3 HOH 63  202 49  HOH HOH A . 
D 3 HOH 64  203 50  HOH HOH A . 
D 3 HOH 65  204 52  HOH HOH A . 
D 3 HOH 66  205 53  HOH HOH A . 
D 3 HOH 67  206 54  HOH HOH A . 
D 3 HOH 68  207 55  HOH HOH A . 
D 3 HOH 69  208 56  HOH HOH A . 
D 3 HOH 70  209 57  HOH HOH A . 
D 3 HOH 71  210 58  HOH HOH A . 
D 3 HOH 72  211 59  HOH HOH A . 
D 3 HOH 73  212 60  HOH HOH A . 
D 3 HOH 74  213 61  HOH HOH A . 
D 3 HOH 75  214 63  HOH HOH A . 
D 3 HOH 76  215 64  HOH HOH A . 
D 3 HOH 77  216 65  HOH HOH A . 
D 3 HOH 78  217 68  HOH HOH A . 
D 3 HOH 79  218 69  HOH HOH A . 
D 3 HOH 80  219 70  HOH HOH A . 
D 3 HOH 81  220 72  HOH HOH A . 
D 3 HOH 82  221 74  HOH HOH A . 
D 3 HOH 83  222 76  HOH HOH A . 
D 3 HOH 84  223 77  HOH HOH A . 
D 3 HOH 85  224 78  HOH HOH A . 
D 3 HOH 86  225 79  HOH HOH A . 
D 3 HOH 87  226 81  HOH HOH A . 
D 3 HOH 88  227 82  HOH HOH A . 
D 3 HOH 89  228 83  HOH HOH A . 
D 3 HOH 90  229 85  HOH HOH A . 
D 3 HOH 91  230 86  HOH HOH A . 
D 3 HOH 92  231 87  HOH HOH A . 
D 3 HOH 93  232 88  HOH HOH A . 
D 3 HOH 94  233 89  HOH HOH A . 
D 3 HOH 95  234 90  HOH HOH A . 
D 3 HOH 96  235 92  HOH HOH A . 
D 3 HOH 97  236 93  HOH HOH A . 
D 3 HOH 98  237 96  HOH HOH A . 
D 3 HOH 99  238 97  HOH HOH A . 
D 3 HOH 100 239 98  HOH HOH A . 
D 3 HOH 101 240 99  HOH HOH A . 
D 3 HOH 102 241 100 HOH HOH A . 
D 3 HOH 103 242 101 HOH HOH A . 
D 3 HOH 104 243 102 HOH HOH A . 
D 3 HOH 105 244 104 HOH HOH A . 
D 3 HOH 106 245 105 HOH HOH A . 
D 3 HOH 107 246 107 HOH HOH A . 
D 3 HOH 108 247 109 HOH HOH A . 
D 3 HOH 109 248 112 HOH HOH A . 
D 3 HOH 110 249 113 HOH HOH A . 
D 3 HOH 111 250 115 HOH HOH A . 
D 3 HOH 112 251 119 HOH HOH A . 
D 3 HOH 113 252 120 HOH HOH A . 
D 3 HOH 114 253 123 HOH HOH A . 
D 3 HOH 115 254 126 HOH HOH A . 
D 3 HOH 116 255 127 HOH HOH A . 
D 3 HOH 117 256 129 HOH HOH A . 
D 3 HOH 118 257 130 HOH HOH A . 
D 3 HOH 119 258 136 HOH HOH A . 
D 3 HOH 120 259 1   HOH HOH A . 
D 3 HOH 121 260 4   HOH HOH A . 
D 3 HOH 122 261 6   HOH HOH A . 
D 3 HOH 123 262 9   HOH HOH A . 
D 3 HOH 124 263 11  HOH HOH A . 
D 3 HOH 125 264 13  HOH HOH A . 
D 3 HOH 126 265 16  HOH HOH A . 
D 3 HOH 127 266 20  HOH HOH A . 
D 3 HOH 128 267 26  HOH HOH A . 
D 3 HOH 129 268 28  HOH HOH A . 
D 3 HOH 130 269 42  HOH HOH A . 
D 3 HOH 131 270 58  HOH HOH A . 
D 3 HOH 132 271 59  HOH HOH A . 
D 3 HOH 133 272 60  HOH HOH A . 
D 3 HOH 134 273 62  HOH HOH A . 
D 3 HOH 135 274 69  HOH HOH A . 
D 3 HOH 136 275 77  HOH HOH A . 
D 3 HOH 137 276 2   HOH HOH A . 
D 3 HOH 138 277 3   HOH HOH A . 
D 3 HOH 139 278 9   HOH HOH A . 
D 3 HOH 140 279 10  HOH HOH A . 
D 3 HOH 141 280 50  HOH HOH A . 
D 3 HOH 142 281 51  HOH HOH A . 
D 3 HOH 143 282 1   HOH HOH A . 
D 3 HOH 144 283 7   HOH HOH A . 
D 3 HOH 145 284 8   HOH HOH A . 
D 3 HOH 146 285 11  HOH HOH A . 
D 3 HOH 147 286 57  HOH HOH A . 
D 3 HOH 148 287 58  HOH HOH A . 
D 3 HOH 149 288 60  HOH HOH A . 
D 3 HOH 150 289 1   HOH HOH A . 
D 3 HOH 151 290 5   HOH HOH A . 
D 3 HOH 152 291 12  HOH HOH A . 
D 3 HOH 153 292 24  HOH HOH A . 
D 3 HOH 154 293 2   HOH HOH A . 
D 3 HOH 155 294 6   HOH HOH A . 
D 3 HOH 156 295 8   HOH HOH A . 
D 3 HOH 157 296 56  HOH HOH A . 
D 3 HOH 158 297 1   HOH HOH A . 
D 3 HOH 159 298 3   HOH HOH A . 
D 3 HOH 160 299 4   HOH HOH A . 
D 3 HOH 161 300 5   HOH HOH A . 
D 3 HOH 162 301 1   HOH HOH A . 
D 3 HOH 163 302 2   HOH HOH A . 
D 3 HOH 164 303 3   HOH HOH A . 
D 3 HOH 165 304 5   HOH HOH A . 
D 3 HOH 166 305 7   HOH HOH A . 
D 3 HOH 167 306 9   HOH HOH A . 
D 3 HOH 168 307 29  HOH HOH A . 
D 3 HOH 169 308 64  HOH HOH A . 
D 3 HOH 170 309 1   HOH HOH A . 
D 3 HOH 171 310 2   HOH HOH A . 
D 3 HOH 172 311 3   HOH HOH A . 
D 3 HOH 173 312 8   HOH HOH A . 
D 3 HOH 174 313 9   HOH HOH A . 
D 3 HOH 175 314 2   HOH HOH A . 
D 3 HOH 176 315 68  HOH HOH A . 
D 3 HOH 177 316 80  HOH HOH A . 
D 3 HOH 178 317 5   HOH HOH A . 
D 3 HOH 179 318 7   HOH HOH A . 
D 3 HOH 180 319 11  HOH HOH A . 
D 3 HOH 181 320 71  HOH HOH A . 
D 3 HOH 182 321 72  HOH HOH A . 
D 3 HOH 183 322 73  HOH HOH A . 
D 3 HOH 184 323 74  HOH HOH A . 
D 3 HOH 185 324 76  HOH HOH A . 
D 3 HOH 186 325 82  HOH HOH A . 
D 3 HOH 187 326 1   HOH HOH A . 
D 3 HOH 188 327 1   HOH HOH A . 
D 3 HOH 189 328 2   HOH HOH A . 
D 3 HOH 190 329 3   HOH HOH A . 
D 3 HOH 191 330 1   HOH HOH A . 
D 3 HOH 192 331 6   HOH HOH A . 
D 3 HOH 193 332 7   HOH HOH A . 
D 3 HOH 194 333 15  HOH HOH A . 
D 3 HOH 195 334 20  HOH HOH A . 
D 3 HOH 196 335 62  HOH HOH A . 
D 3 HOH 197 336 64  HOH HOH A . 
D 3 HOH 198 337 16  HOH HOH A . 
D 3 HOH 199 338 32  HOH HOH A . 
D 3 HOH 200 339 66  HOH HOH A . 
D 3 HOH 201 340 69  HOH HOH A . 
# 
_pdbx_struct_assembly.id                   1 
_pdbx_struct_assembly.details              author_defined_assembly 
_pdbx_struct_assembly.method_details       ? 
_pdbx_struct_assembly.oligomeric_details   monomeric 
_pdbx_struct_assembly.oligomeric_count     1 
# 
_pdbx_struct_assembly_gen.assembly_id       1 
_pdbx_struct_assembly_gen.oper_expression   1 
_pdbx_struct_assembly_gen.asym_id_list      A,B,C,D 
# 
_pdbx_struct_oper_list.id                   1 
_pdbx_struct_oper_list.type                 'identity operation' 
_pdbx_struct_oper_list.name                 1_555 
_pdbx_struct_oper_list.symmetry_operation   x,y,z 
_pdbx_struct_oper_list.matrix[1][1]         1.0000000000 
_pdbx_struct_oper_list.matrix[1][2]         0.0000000000 
_pdbx_struct_oper_list.matrix[1][3]         0.0000000000 
_pdbx_struct_oper_list.vector[1]            0.0000000000 
_pdbx_struct_oper_list.matrix[2][1]         0.0000000000 
_pdbx_struct_oper_list.matrix[2][2]         1.0000000000 
_pdbx_struct_oper_list.matrix[2][3]         0.0000000000 
_pdbx_struct_oper_list.vector[2]            0.0000000000 
_pdbx_struct_oper_list.matrix[3][1]         0.0000000000 
_pdbx_struct_oper_list.matrix[3][2]         0.0000000000 
_pdbx_struct_oper_list.matrix[3][3]         1.0000000000 
_pdbx_struct_oper_list.vector[3]            0.0000000000 
# 
loop_
_pdbx_audit_revision_history.ordinal 
_pdbx_audit_revision_history.data_content_type 
_pdbx_audit_revision_history.major_revision 
_pdbx_audit_revision_history.minor_revision 
_pdbx_audit_revision_history.revision_date 
1 'Structure model' 1 0 2011-05-04 
2 'Structure model' 1 1 2011-07-13 
3 'Structure model' 1 2 2013-05-15 
4 'Structure model' 1 3 2017-11-08 
5 'Structure model' 1 4 2023-11-01 
# 
_pdbx_audit_revision_details.ordinal             1 
_pdbx_audit_revision_details.revision_ordinal    1 
_pdbx_audit_revision_details.data_content_type   'Structure model' 
_pdbx_audit_revision_details.provider            repository 
_pdbx_audit_revision_details.type                'Initial release' 
_pdbx_audit_revision_details.description         ? 
_pdbx_audit_revision_details.details             ? 
# 
loop_
_pdbx_audit_revision_group.ordinal 
_pdbx_audit_revision_group.revision_ordinal 
_pdbx_audit_revision_group.data_content_type 
_pdbx_audit_revision_group.group 
1 2 'Structure model' 'Version format compliance' 
2 3 'Structure model' 'Database references'       
3 4 'Structure model' 'Refinement description'    
4 5 'Structure model' 'Data collection'           
5 5 'Structure model' 'Database references'       
6 5 'Structure model' 'Derived calculations'      
7 5 'Structure model' 'Refinement description'    
# 
loop_
_pdbx_audit_revision_category.ordinal 
_pdbx_audit_revision_category.revision_ordinal 
_pdbx_audit_revision_category.data_content_type 
_pdbx_audit_revision_category.category 
1 4 'Structure model' software                      
2 5 'Structure model' chem_comp_atom                
3 5 'Structure model' chem_comp_bond                
4 5 'Structure model' database_2                    
5 5 'Structure model' pdbx_initial_refinement_model 
6 5 'Structure model' struct_ref_seq_dif            
7 5 'Structure model' struct_site                   
# 
loop_
_pdbx_audit_revision_item.ordinal 
_pdbx_audit_revision_item.revision_ordinal 
_pdbx_audit_revision_item.data_content_type 
_pdbx_audit_revision_item.item 
1 5 'Structure model' '_database_2.pdbx_DOI'                
2 5 'Structure model' '_database_2.pdbx_database_accession' 
3 5 'Structure model' '_struct_ref_seq_dif.details'         
4 5 'Structure model' '_struct_site.pdbx_auth_asym_id'      
5 5 'Structure model' '_struct_site.pdbx_auth_comp_id'      
6 5 'Structure model' '_struct_site.pdbx_auth_seq_id'       
# 
_pdbx_phasing_MR.entry_id                     3PFU 
_pdbx_phasing_MR.method_rotation              ? 
_pdbx_phasing_MR.method_translation           ? 
_pdbx_phasing_MR.model_details                ? 
_pdbx_phasing_MR.R_factor                     ? 
_pdbx_phasing_MR.R_rigid_body                 ? 
_pdbx_phasing_MR.correlation_coeff_Fo_to_Fc   ? 
_pdbx_phasing_MR.correlation_coeff_Io_to_Ic   ? 
_pdbx_phasing_MR.d_res_high_rotation          2.060 
_pdbx_phasing_MR.d_res_low_rotation           38.630 
_pdbx_phasing_MR.d_res_high_translation       2.060 
_pdbx_phasing_MR.d_res_low_translation        38.630 
_pdbx_phasing_MR.packing                      ? 
_pdbx_phasing_MR.reflns_percent_rotation      ? 
_pdbx_phasing_MR.reflns_percent_translation   ? 
_pdbx_phasing_MR.sigma_F_rotation             ? 
_pdbx_phasing_MR.sigma_F_translation          ? 
_pdbx_phasing_MR.sigma_I_rotation             ? 
_pdbx_phasing_MR.sigma_I_translation          ? 
# 
_phasing.method   MR 
# 
loop_
_software.pdbx_ordinal 
_software.name 
_software.version 
_software.date 
_software.type 
_software.contact_author 
_software.contact_author_email 
_software.classification 
_software.location 
_software.language 
_software.citation_id 
1 DENZO       .    ?               program 'Zbyszek Otwinowski' hkl@hkl-xray.com         'data reduction'  
http://www.hkl-xray.com/                     ?          ? 
2 SCALEPACK   .    ?               program 'Zbyszek Otwinowski' hkl@hkl-xray.com         'data scaling'    
http://www.hkl-xray.com/                     ?          ? 
3 MOLREP      .    ?               program 'Alexei Vaguine'     alexei@ysbl.york.ac.uk   phasing           
http://www.ccp4.ac.uk/dist/html/molrep.html  Fortran_77 ? 
4 REFMAC      .    ?               program 'Garib N. Murshudov' garib@ysbl.york.ac.uk    refinement        
http://www.ccp4.ac.uk/dist/html/refmac5.html Fortran_77 ? 
5 PDB_EXTRACT 3.10 'June 10, 2010' package PDB                  deposit@deposit.rcsb.org 'data extraction' 
http://sw-tools.pdb.org/apps/PDB_EXTRACT/    C++        ? 
# 
loop_
_pdbx_validate_close_contact.id 
_pdbx_validate_close_contact.PDB_model_num 
_pdbx_validate_close_contact.auth_atom_id_1 
_pdbx_validate_close_contact.auth_asym_id_1 
_pdbx_validate_close_contact.auth_comp_id_1 
_pdbx_validate_close_contact.auth_seq_id_1 
_pdbx_validate_close_contact.PDB_ins_code_1 
_pdbx_validate_close_contact.label_alt_id_1 
_pdbx_validate_close_contact.auth_atom_id_2 
_pdbx_validate_close_contact.auth_asym_id_2 
_pdbx_validate_close_contact.auth_comp_id_2 
_pdbx_validate_close_contact.auth_seq_id_2 
_pdbx_validate_close_contact.PDB_ins_code_2 
_pdbx_validate_close_contact.label_alt_id_2 
_pdbx_validate_close_contact.dist 
1 1 C2  A DTT 138 ? ? O A HOH 334 ? ? 1.91 
2 1 OE2 A GLU 51  ? A O A HOH 333 ? ? 2.17 
3 1 NE2 A GLN 23  ? ? O A HOH 165 ? ? 2.19 
# 
loop_
_pdbx_validate_torsion.id 
_pdbx_validate_torsion.PDB_model_num 
_pdbx_validate_torsion.auth_comp_id 
_pdbx_validate_torsion.auth_asym_id 
_pdbx_validate_torsion.auth_seq_id 
_pdbx_validate_torsion.PDB_ins_code 
_pdbx_validate_torsion.label_alt_id 
_pdbx_validate_torsion.phi 
_pdbx_validate_torsion.psi 
1 1 GLN A 10 ? ? -44.72 -13.77  
2 1 GLN A 26 ? ? 55.34  -115.99 
3 1 ASP A 79 ? ? 71.51  -63.39  
# 
loop_
_pdbx_unobs_or_zero_occ_atoms.id 
_pdbx_unobs_or_zero_occ_atoms.PDB_model_num 
_pdbx_unobs_or_zero_occ_atoms.polymer_flag 
_pdbx_unobs_or_zero_occ_atoms.occupancy_flag 
_pdbx_unobs_or_zero_occ_atoms.auth_asym_id 
_pdbx_unobs_or_zero_occ_atoms.auth_comp_id 
_pdbx_unobs_or_zero_occ_atoms.auth_seq_id 
_pdbx_unobs_or_zero_occ_atoms.PDB_ins_code 
_pdbx_unobs_or_zero_occ_atoms.auth_atom_id 
_pdbx_unobs_or_zero_occ_atoms.label_alt_id 
_pdbx_unobs_or_zero_occ_atoms.label_asym_id 
_pdbx_unobs_or_zero_occ_atoms.label_comp_id 
_pdbx_unobs_or_zero_occ_atoms.label_seq_id 
_pdbx_unobs_or_zero_occ_atoms.label_atom_id 
1 1 Y 1 A ARG 8 ? CG  ? A ARG 10 CG  
2 1 Y 1 A ARG 8 ? CD  ? A ARG 10 CD  
3 1 Y 1 A ARG 8 ? NE  ? A ARG 10 NE  
4 1 Y 1 A ARG 8 ? CZ  ? A ARG 10 CZ  
5 1 Y 1 A ARG 8 ? NH1 ? A ARG 10 NH1 
6 1 Y 1 A ARG 8 ? NH2 ? A ARG 10 NH2 
# 
loop_
_pdbx_unobs_or_zero_occ_residues.id 
_pdbx_unobs_or_zero_occ_residues.PDB_model_num 
_pdbx_unobs_or_zero_occ_residues.polymer_flag 
_pdbx_unobs_or_zero_occ_residues.occupancy_flag 
_pdbx_unobs_or_zero_occ_residues.auth_asym_id 
_pdbx_unobs_or_zero_occ_residues.auth_comp_id 
_pdbx_unobs_or_zero_occ_residues.auth_seq_id 
_pdbx_unobs_or_zero_occ_residues.PDB_ins_code 
_pdbx_unobs_or_zero_occ_residues.label_asym_id 
_pdbx_unobs_or_zero_occ_residues.label_comp_id 
_pdbx_unobs_or_zero_occ_residues.label_seq_id 
1  1 Y 1 A MET -1  ? A MET 1   
2  1 Y 1 A ASP 0   ? A ASP 2   
3  1 Y 1 A THR 1   ? A THR 3   
4  1 Y 1 A LEU 2   ? A LEU 4   
5  1 Y 1 A PHE 3   ? A PHE 5   
6  1 Y 1 A ASP 4   ? A ASP 6   
7  1 Y 1 A ALA 5   ? A ALA 7   
8  1 Y 1 A PRO 6   ? A PRO 8   
9  1 Y 1 A ASN 126 ? A ASN 128 
10 1 Y 1 A ALA 127 ? A ALA 129 
11 1 Y 1 A ALA 128 ? A ALA 130 
12 1 Y 1 A PRO 129 ? A PRO 131 
13 1 Y 1 A GLN 130 ? A GLN 132 
14 1 Y 1 A PRO 131 ? A PRO 133 
15 1 Y 1 A VAL 132 ? A VAL 134 
16 1 Y 1 A GLY 133 ? A GLY 135 
17 1 Y 1 A LEU 134 ? A LEU 136 
18 1 Y 1 A VAL 135 ? A VAL 137 
19 1 Y 1 A PRO 136 ? A PRO 138 
20 1 Y 1 A ARG 137 ? A ARG 139 
# 
loop_
_chem_comp_atom.comp_id 
_chem_comp_atom.atom_id 
_chem_comp_atom.type_symbol 
_chem_comp_atom.pdbx_aromatic_flag 
_chem_comp_atom.pdbx_stereo_config 
_chem_comp_atom.pdbx_ordinal 
ALA N    N N N 1   
ALA CA   C N S 2   
ALA C    C N N 3   
ALA O    O N N 4   
ALA CB   C N N 5   
ALA OXT  O N N 6   
ALA H    H N N 7   
ALA H2   H N N 8   
ALA HA   H N N 9   
ALA HB1  H N N 10  
ALA HB2  H N N 11  
ALA HB3  H N N 12  
ALA HXT  H N N 13  
ARG N    N N N 14  
ARG CA   C N S 15  
ARG C    C N N 16  
ARG O    O N N 17  
ARG CB   C N N 18  
ARG CG   C N N 19  
ARG CD   C N N 20  
ARG NE   N N N 21  
ARG CZ   C N N 22  
ARG NH1  N N N 23  
ARG NH2  N N N 24  
ARG OXT  O N N 25  
ARG H    H N N 26  
ARG H2   H N N 27  
ARG HA   H N N 28  
ARG HB2  H N N 29  
ARG HB3  H N N 30  
ARG HG2  H N N 31  
ARG HG3  H N N 32  
ARG HD2  H N N 33  
ARG HD3  H N N 34  
ARG HE   H N N 35  
ARG HH11 H N N 36  
ARG HH12 H N N 37  
ARG HH21 H N N 38  
ARG HH22 H N N 39  
ARG HXT  H N N 40  
ASN N    N N N 41  
ASN CA   C N S 42  
ASN C    C N N 43  
ASN O    O N N 44  
ASN CB   C N N 45  
ASN CG   C N N 46  
ASN OD1  O N N 47  
ASN ND2  N N N 48  
ASN OXT  O N N 49  
ASN H    H N N 50  
ASN H2   H N N 51  
ASN HA   H N N 52  
ASN HB2  H N N 53  
ASN HB3  H N N 54  
ASN HD21 H N N 55  
ASN HD22 H N N 56  
ASN HXT  H N N 57  
ASP N    N N N 58  
ASP CA   C N S 59  
ASP C    C N N 60  
ASP O    O N N 61  
ASP CB   C N N 62  
ASP CG   C N N 63  
ASP OD1  O N N 64  
ASP OD2  O N N 65  
ASP OXT  O N N 66  
ASP H    H N N 67  
ASP H2   H N N 68  
ASP HA   H N N 69  
ASP HB2  H N N 70  
ASP HB3  H N N 71  
ASP HD2  H N N 72  
ASP HXT  H N N 73  
CYS N    N N N 74  
CYS CA   C N R 75  
CYS C    C N N 76  
CYS O    O N N 77  
CYS CB   C N N 78  
CYS SG   S N N 79  
CYS OXT  O N N 80  
CYS H    H N N 81  
CYS H2   H N N 82  
CYS HA   H N N 83  
CYS HB2  H N N 84  
CYS HB3  H N N 85  
CYS HG   H N N 86  
CYS HXT  H N N 87  
DTT S1   S N N 88  
DTT C1   C N N 89  
DTT C2   C N R 90  
DTT O2   O N N 91  
DTT C3   C N R 92  
DTT O3   O N N 93  
DTT C4   C N N 94  
DTT S4   S N N 95  
DTT HS1  H N N 96  
DTT H11  H N N 97  
DTT H12  H N N 98  
DTT H2   H N N 99  
DTT HO2  H N N 100 
DTT H3   H N N 101 
DTT HO3  H N N 102 
DTT H41  H N N 103 
DTT H42  H N N 104 
DTT HS2  H N N 105 
GLN N    N N N 106 
GLN CA   C N S 107 
GLN C    C N N 108 
GLN O    O N N 109 
GLN CB   C N N 110 
GLN CG   C N N 111 
GLN CD   C N N 112 
GLN OE1  O N N 113 
GLN NE2  N N N 114 
GLN OXT  O N N 115 
GLN H    H N N 116 
GLN H2   H N N 117 
GLN HA   H N N 118 
GLN HB2  H N N 119 
GLN HB3  H N N 120 
GLN HG2  H N N 121 
GLN HG3  H N N 122 
GLN HE21 H N N 123 
GLN HE22 H N N 124 
GLN HXT  H N N 125 
GLU N    N N N 126 
GLU CA   C N S 127 
GLU C    C N N 128 
GLU O    O N N 129 
GLU CB   C N N 130 
GLU CG   C N N 131 
GLU CD   C N N 132 
GLU OE1  O N N 133 
GLU OE2  O N N 134 
GLU OXT  O N N 135 
GLU H    H N N 136 
GLU H2   H N N 137 
GLU HA   H N N 138 
GLU HB2  H N N 139 
GLU HB3  H N N 140 
GLU HG2  H N N 141 
GLU HG3  H N N 142 
GLU HE2  H N N 143 
GLU HXT  H N N 144 
GLY N    N N N 145 
GLY CA   C N N 146 
GLY C    C N N 147 
GLY O    O N N 148 
GLY OXT  O N N 149 
GLY H    H N N 150 
GLY H2   H N N 151 
GLY HA2  H N N 152 
GLY HA3  H N N 153 
GLY HXT  H N N 154 
HIS N    N N N 155 
HIS CA   C N S 156 
HIS C    C N N 157 
HIS O    O N N 158 
HIS CB   C N N 159 
HIS CG   C Y N 160 
HIS ND1  N Y N 161 
HIS CD2  C Y N 162 
HIS CE1  C Y N 163 
HIS NE2  N Y N 164 
HIS OXT  O N N 165 
HIS H    H N N 166 
HIS H2   H N N 167 
HIS HA   H N N 168 
HIS HB2  H N N 169 
HIS HB3  H N N 170 
HIS HD1  H N N 171 
HIS HD2  H N N 172 
HIS HE1  H N N 173 
HIS HE2  H N N 174 
HIS HXT  H N N 175 
HOH O    O N N 176 
HOH H1   H N N 177 
HOH H2   H N N 178 
ILE N    N N N 179 
ILE CA   C N S 180 
ILE C    C N N 181 
ILE O    O N N 182 
ILE CB   C N S 183 
ILE CG1  C N N 184 
ILE CG2  C N N 185 
ILE CD1  C N N 186 
ILE OXT  O N N 187 
ILE H    H N N 188 
ILE H2   H N N 189 
ILE HA   H N N 190 
ILE HB   H N N 191 
ILE HG12 H N N 192 
ILE HG13 H N N 193 
ILE HG21 H N N 194 
ILE HG22 H N N 195 
ILE HG23 H N N 196 
ILE HD11 H N N 197 
ILE HD12 H N N 198 
ILE HD13 H N N 199 
ILE HXT  H N N 200 
LEU N    N N N 201 
LEU CA   C N S 202 
LEU C    C N N 203 
LEU O    O N N 204 
LEU CB   C N N 205 
LEU CG   C N N 206 
LEU CD1  C N N 207 
LEU CD2  C N N 208 
LEU OXT  O N N 209 
LEU H    H N N 210 
LEU H2   H N N 211 
LEU HA   H N N 212 
LEU HB2  H N N 213 
LEU HB3  H N N 214 
LEU HG   H N N 215 
LEU HD11 H N N 216 
LEU HD12 H N N 217 
LEU HD13 H N N 218 
LEU HD21 H N N 219 
LEU HD22 H N N 220 
LEU HD23 H N N 221 
LEU HXT  H N N 222 
LYS N    N N N 223 
LYS CA   C N S 224 
LYS C    C N N 225 
LYS O    O N N 226 
LYS CB   C N N 227 
LYS CG   C N N 228 
LYS CD   C N N 229 
LYS CE   C N N 230 
LYS NZ   N N N 231 
LYS OXT  O N N 232 
LYS H    H N N 233 
LYS H2   H N N 234 
LYS HA   H N N 235 
LYS HB2  H N N 236 
LYS HB3  H N N 237 
LYS HG2  H N N 238 
LYS HG3  H N N 239 
LYS HD2  H N N 240 
LYS HD3  H N N 241 
LYS HE2  H N N 242 
LYS HE3  H N N 243 
LYS HZ1  H N N 244 
LYS HZ2  H N N 245 
LYS HZ3  H N N 246 
LYS HXT  H N N 247 
MET N    N N N 248 
MET CA   C N S 249 
MET C    C N N 250 
MET O    O N N 251 
MET CB   C N N 252 
MET CG   C N N 253 
MET SD   S N N 254 
MET CE   C N N 255 
MET OXT  O N N 256 
MET H    H N N 257 
MET H2   H N N 258 
MET HA   H N N 259 
MET HB2  H N N 260 
MET HB3  H N N 261 
MET HG2  H N N 262 
MET HG3  H N N 263 
MET HE1  H N N 264 
MET HE2  H N N 265 
MET HE3  H N N 266 
MET HXT  H N N 267 
PHE N    N N N 268 
PHE CA   C N S 269 
PHE C    C N N 270 
PHE O    O N N 271 
PHE CB   C N N 272 
PHE CG   C Y N 273 
PHE CD1  C Y N 274 
PHE CD2  C Y N 275 
PHE CE1  C Y N 276 
PHE CE2  C Y N 277 
PHE CZ   C Y N 278 
PHE OXT  O N N 279 
PHE H    H N N 280 
PHE H2   H N N 281 
PHE HA   H N N 282 
PHE HB2  H N N 283 
PHE HB3  H N N 284 
PHE HD1  H N N 285 
PHE HD2  H N N 286 
PHE HE1  H N N 287 
PHE HE2  H N N 288 
PHE HZ   H N N 289 
PHE HXT  H N N 290 
PRO N    N N N 291 
PRO CA   C N S 292 
PRO C    C N N 293 
PRO O    O N N 294 
PRO CB   C N N 295 
PRO CG   C N N 296 
PRO CD   C N N 297 
PRO OXT  O N N 298 
PRO H    H N N 299 
PRO HA   H N N 300 
PRO HB2  H N N 301 
PRO HB3  H N N 302 
PRO HG2  H N N 303 
PRO HG3  H N N 304 
PRO HD2  H N N 305 
PRO HD3  H N N 306 
PRO HXT  H N N 307 
SER N    N N N 308 
SER CA   C N S 309 
SER C    C N N 310 
SER O    O N N 311 
SER CB   C N N 312 
SER OG   O N N 313 
SER OXT  O N N 314 
SER H    H N N 315 
SER H2   H N N 316 
SER HA   H N N 317 
SER HB2  H N N 318 
SER HB3  H N N 319 
SER HG   H N N 320 
SER HXT  H N N 321 
THR N    N N N 322 
THR CA   C N S 323 
THR C    C N N 324 
THR O    O N N 325 
THR CB   C N R 326 
THR OG1  O N N 327 
THR CG2  C N N 328 
THR OXT  O N N 329 
THR H    H N N 330 
THR H2   H N N 331 
THR HA   H N N 332 
THR HB   H N N 333 
THR HG1  H N N 334 
THR HG21 H N N 335 
THR HG22 H N N 336 
THR HG23 H N N 337 
THR HXT  H N N 338 
TRP N    N N N 339 
TRP CA   C N S 340 
TRP C    C N N 341 
TRP O    O N N 342 
TRP CB   C N N 343 
TRP CG   C Y N 344 
TRP CD1  C Y N 345 
TRP CD2  C Y N 346 
TRP NE1  N Y N 347 
TRP CE2  C Y N 348 
TRP CE3  C Y N 349 
TRP CZ2  C Y N 350 
TRP CZ3  C Y N 351 
TRP CH2  C Y N 352 
TRP OXT  O N N 353 
TRP H    H N N 354 
TRP H2   H N N 355 
TRP HA   H N N 356 
TRP HB2  H N N 357 
TRP HB3  H N N 358 
TRP HD1  H N N 359 
TRP HE1  H N N 360 
TRP HE3  H N N 361 
TRP HZ2  H N N 362 
TRP HZ3  H N N 363 
TRP HH2  H N N 364 
TRP HXT  H N N 365 
TYR N    N N N 366 
TYR CA   C N S 367 
TYR C    C N N 368 
TYR O    O N N 369 
TYR CB   C N N 370 
TYR CG   C Y N 371 
TYR CD1  C Y N 372 
TYR CD2  C Y N 373 
TYR CE1  C Y N 374 
TYR CE2  C Y N 375 
TYR CZ   C Y N 376 
TYR OH   O N N 377 
TYR OXT  O N N 378 
TYR H    H N N 379 
TYR H2   H N N 380 
TYR HA   H N N 381 
TYR HB2  H N N 382 
TYR HB3  H N N 383 
TYR HD1  H N N 384 
TYR HD2  H N N 385 
TYR HE1  H N N 386 
TYR HE2  H N N 387 
TYR HH   H N N 388 
TYR HXT  H N N 389 
VAL N    N N N 390 
VAL CA   C N S 391 
VAL C    C N N 392 
VAL O    O N N 393 
VAL CB   C N N 394 
VAL CG1  C N N 395 
VAL CG2  C N N 396 
VAL OXT  O N N 397 
VAL H    H N N 398 
VAL H2   H N N 399 
VAL HA   H N N 400 
VAL HB   H N N 401 
VAL HG11 H N N 402 
VAL HG12 H N N 403 
VAL HG13 H N N 404 
VAL HG21 H N N 405 
VAL HG22 H N N 406 
VAL HG23 H N N 407 
VAL HXT  H N N 408 
# 
loop_
_chem_comp_bond.comp_id 
_chem_comp_bond.atom_id_1 
_chem_comp_bond.atom_id_2 
_chem_comp_bond.value_order 
_chem_comp_bond.pdbx_aromatic_flag 
_chem_comp_bond.pdbx_stereo_config 
_chem_comp_bond.pdbx_ordinal 
ALA N   CA   sing N N 1   
ALA N   H    sing N N 2   
ALA N   H2   sing N N 3   
ALA CA  C    sing N N 4   
ALA CA  CB   sing N N 5   
ALA CA  HA   sing N N 6   
ALA C   O    doub N N 7   
ALA C   OXT  sing N N 8   
ALA CB  HB1  sing N N 9   
ALA CB  HB2  sing N N 10  
ALA CB  HB3  sing N N 11  
ALA OXT HXT  sing N N 12  
ARG N   CA   sing N N 13  
ARG N   H    sing N N 14  
ARG N   H2   sing N N 15  
ARG CA  C    sing N N 16  
ARG CA  CB   sing N N 17  
ARG CA  HA   sing N N 18  
ARG C   O    doub N N 19  
ARG C   OXT  sing N N 20  
ARG CB  CG   sing N N 21  
ARG CB  HB2  sing N N 22  
ARG CB  HB3  sing N N 23  
ARG CG  CD   sing N N 24  
ARG CG  HG2  sing N N 25  
ARG CG  HG3  sing N N 26  
ARG CD  NE   sing N N 27  
ARG CD  HD2  sing N N 28  
ARG CD  HD3  sing N N 29  
ARG NE  CZ   sing N N 30  
ARG NE  HE   sing N N 31  
ARG CZ  NH1  sing N N 32  
ARG CZ  NH2  doub N N 33  
ARG NH1 HH11 sing N N 34  
ARG NH1 HH12 sing N N 35  
ARG NH2 HH21 sing N N 36  
ARG NH2 HH22 sing N N 37  
ARG OXT HXT  sing N N 38  
ASN N   CA   sing N N 39  
ASN N   H    sing N N 40  
ASN N   H2   sing N N 41  
ASN CA  C    sing N N 42  
ASN CA  CB   sing N N 43  
ASN CA  HA   sing N N 44  
ASN C   O    doub N N 45  
ASN C   OXT  sing N N 46  
ASN CB  CG   sing N N 47  
ASN CB  HB2  sing N N 48  
ASN CB  HB3  sing N N 49  
ASN CG  OD1  doub N N 50  
ASN CG  ND2  sing N N 51  
ASN ND2 HD21 sing N N 52  
ASN ND2 HD22 sing N N 53  
ASN OXT HXT  sing N N 54  
ASP N   CA   sing N N 55  
ASP N   H    sing N N 56  
ASP N   H2   sing N N 57  
ASP CA  C    sing N N 58  
ASP CA  CB   sing N N 59  
ASP CA  HA   sing N N 60  
ASP C   O    doub N N 61  
ASP C   OXT  sing N N 62  
ASP CB  CG   sing N N 63  
ASP CB  HB2  sing N N 64  
ASP CB  HB3  sing N N 65  
ASP CG  OD1  doub N N 66  
ASP CG  OD2  sing N N 67  
ASP OD2 HD2  sing N N 68  
ASP OXT HXT  sing N N 69  
CYS N   CA   sing N N 70  
CYS N   H    sing N N 71  
CYS N   H2   sing N N 72  
CYS CA  C    sing N N 73  
CYS CA  CB   sing N N 74  
CYS CA  HA   sing N N 75  
CYS C   O    doub N N 76  
CYS C   OXT  sing N N 77  
CYS CB  SG   sing N N 78  
CYS CB  HB2  sing N N 79  
CYS CB  HB3  sing N N 80  
CYS SG  HG   sing N N 81  
CYS OXT HXT  sing N N 82  
DTT S1  C1   sing N N 83  
DTT S1  HS1  sing N N 84  
DTT C1  C2   sing N N 85  
DTT C1  H11  sing N N 86  
DTT C1  H12  sing N N 87  
DTT C2  O2   sing N N 88  
DTT C2  C3   sing N N 89  
DTT C2  H2   sing N N 90  
DTT O2  HO2  sing N N 91  
DTT C3  O3   sing N N 92  
DTT C3  C4   sing N N 93  
DTT C3  H3   sing N N 94  
DTT O3  HO3  sing N N 95  
DTT C4  S4   sing N N 96  
DTT C4  H41  sing N N 97  
DTT C4  H42  sing N N 98  
DTT S4  HS2  sing N N 99  
GLN N   CA   sing N N 100 
GLN N   H    sing N N 101 
GLN N   H2   sing N N 102 
GLN CA  C    sing N N 103 
GLN CA  CB   sing N N 104 
GLN CA  HA   sing N N 105 
GLN C   O    doub N N 106 
GLN C   OXT  sing N N 107 
GLN CB  CG   sing N N 108 
GLN CB  HB2  sing N N 109 
GLN CB  HB3  sing N N 110 
GLN CG  CD   sing N N 111 
GLN CG  HG2  sing N N 112 
GLN CG  HG3  sing N N 113 
GLN CD  OE1  doub N N 114 
GLN CD  NE2  sing N N 115 
GLN NE2 HE21 sing N N 116 
GLN NE2 HE22 sing N N 117 
GLN OXT HXT  sing N N 118 
GLU N   CA   sing N N 119 
GLU N   H    sing N N 120 
GLU N   H2   sing N N 121 
GLU CA  C    sing N N 122 
GLU CA  CB   sing N N 123 
GLU CA  HA   sing N N 124 
GLU C   O    doub N N 125 
GLU C   OXT  sing N N 126 
GLU CB  CG   sing N N 127 
GLU CB  HB2  sing N N 128 
GLU CB  HB3  sing N N 129 
GLU CG  CD   sing N N 130 
GLU CG  HG2  sing N N 131 
GLU CG  HG3  sing N N 132 
GLU CD  OE1  doub N N 133 
GLU CD  OE2  sing N N 134 
GLU OE2 HE2  sing N N 135 
GLU OXT HXT  sing N N 136 
GLY N   CA   sing N N 137 
GLY N   H    sing N N 138 
GLY N   H2   sing N N 139 
GLY CA  C    sing N N 140 
GLY CA  HA2  sing N N 141 
GLY CA  HA3  sing N N 142 
GLY C   O    doub N N 143 
GLY C   OXT  sing N N 144 
GLY OXT HXT  sing N N 145 
HIS N   CA   sing N N 146 
HIS N   H    sing N N 147 
HIS N   H2   sing N N 148 
HIS CA  C    sing N N 149 
HIS CA  CB   sing N N 150 
HIS CA  HA   sing N N 151 
HIS C   O    doub N N 152 
HIS C   OXT  sing N N 153 
HIS CB  CG   sing N N 154 
HIS CB  HB2  sing N N 155 
HIS CB  HB3  sing N N 156 
HIS CG  ND1  sing Y N 157 
HIS CG  CD2  doub Y N 158 
HIS ND1 CE1  doub Y N 159 
HIS ND1 HD1  sing N N 160 
HIS CD2 NE2  sing Y N 161 
HIS CD2 HD2  sing N N 162 
HIS CE1 NE2  sing Y N 163 
HIS CE1 HE1  sing N N 164 
HIS NE2 HE2  sing N N 165 
HIS OXT HXT  sing N N 166 
HOH O   H1   sing N N 167 
HOH O   H2   sing N N 168 
ILE N   CA   sing N N 169 
ILE N   H    sing N N 170 
ILE N   H2   sing N N 171 
ILE CA  C    sing N N 172 
ILE CA  CB   sing N N 173 
ILE CA  HA   sing N N 174 
ILE C   O    doub N N 175 
ILE C   OXT  sing N N 176 
ILE CB  CG1  sing N N 177 
ILE CB  CG2  sing N N 178 
ILE CB  HB   sing N N 179 
ILE CG1 CD1  sing N N 180 
ILE CG1 HG12 sing N N 181 
ILE CG1 HG13 sing N N 182 
ILE CG2 HG21 sing N N 183 
ILE CG2 HG22 sing N N 184 
ILE CG2 HG23 sing N N 185 
ILE CD1 HD11 sing N N 186 
ILE CD1 HD12 sing N N 187 
ILE CD1 HD13 sing N N 188 
ILE OXT HXT  sing N N 189 
LEU N   CA   sing N N 190 
LEU N   H    sing N N 191 
LEU N   H2   sing N N 192 
LEU CA  C    sing N N 193 
LEU CA  CB   sing N N 194 
LEU CA  HA   sing N N 195 
LEU C   O    doub N N 196 
LEU C   OXT  sing N N 197 
LEU CB  CG   sing N N 198 
LEU CB  HB2  sing N N 199 
LEU CB  HB3  sing N N 200 
LEU CG  CD1  sing N N 201 
LEU CG  CD2  sing N N 202 
LEU CG  HG   sing N N 203 
LEU CD1 HD11 sing N N 204 
LEU CD1 HD12 sing N N 205 
LEU CD1 HD13 sing N N 206 
LEU CD2 HD21 sing N N 207 
LEU CD2 HD22 sing N N 208 
LEU CD2 HD23 sing N N 209 
LEU OXT HXT  sing N N 210 
LYS N   CA   sing N N 211 
LYS N   H    sing N N 212 
LYS N   H2   sing N N 213 
LYS CA  C    sing N N 214 
LYS CA  CB   sing N N 215 
LYS CA  HA   sing N N 216 
LYS C   O    doub N N 217 
LYS C   OXT  sing N N 218 
LYS CB  CG   sing N N 219 
LYS CB  HB2  sing N N 220 
LYS CB  HB3  sing N N 221 
LYS CG  CD   sing N N 222 
LYS CG  HG2  sing N N 223 
LYS CG  HG3  sing N N 224 
LYS CD  CE   sing N N 225 
LYS CD  HD2  sing N N 226 
LYS CD  HD3  sing N N 227 
LYS CE  NZ   sing N N 228 
LYS CE  HE2  sing N N 229 
LYS CE  HE3  sing N N 230 
LYS NZ  HZ1  sing N N 231 
LYS NZ  HZ2  sing N N 232 
LYS NZ  HZ3  sing N N 233 
LYS OXT HXT  sing N N 234 
MET N   CA   sing N N 235 
MET N   H    sing N N 236 
MET N   H2   sing N N 237 
MET CA  C    sing N N 238 
MET CA  CB   sing N N 239 
MET CA  HA   sing N N 240 
MET C   O    doub N N 241 
MET C   OXT  sing N N 242 
MET CB  CG   sing N N 243 
MET CB  HB2  sing N N 244 
MET CB  HB3  sing N N 245 
MET CG  SD   sing N N 246 
MET CG  HG2  sing N N 247 
MET CG  HG3  sing N N 248 
MET SD  CE   sing N N 249 
MET CE  HE1  sing N N 250 
MET CE  HE2  sing N N 251 
MET CE  HE3  sing N N 252 
MET OXT HXT  sing N N 253 
PHE N   CA   sing N N 254 
PHE N   H    sing N N 255 
PHE N   H2   sing N N 256 
PHE CA  C    sing N N 257 
PHE CA  CB   sing N N 258 
PHE CA  HA   sing N N 259 
PHE C   O    doub N N 260 
PHE C   OXT  sing N N 261 
PHE CB  CG   sing N N 262 
PHE CB  HB2  sing N N 263 
PHE CB  HB3  sing N N 264 
PHE CG  CD1  doub Y N 265 
PHE CG  CD2  sing Y N 266 
PHE CD1 CE1  sing Y N 267 
PHE CD1 HD1  sing N N 268 
PHE CD2 CE2  doub Y N 269 
PHE CD2 HD2  sing N N 270 
PHE CE1 CZ   doub Y N 271 
PHE CE1 HE1  sing N N 272 
PHE CE2 CZ   sing Y N 273 
PHE CE2 HE2  sing N N 274 
PHE CZ  HZ   sing N N 275 
PHE OXT HXT  sing N N 276 
PRO N   CA   sing N N 277 
PRO N   CD   sing N N 278 
PRO N   H    sing N N 279 
PRO CA  C    sing N N 280 
PRO CA  CB   sing N N 281 
PRO CA  HA   sing N N 282 
PRO C   O    doub N N 283 
PRO C   OXT  sing N N 284 
PRO CB  CG   sing N N 285 
PRO CB  HB2  sing N N 286 
PRO CB  HB3  sing N N 287 
PRO CG  CD   sing N N 288 
PRO CG  HG2  sing N N 289 
PRO CG  HG3  sing N N 290 
PRO CD  HD2  sing N N 291 
PRO CD  HD3  sing N N 292 
PRO OXT HXT  sing N N 293 
SER N   CA   sing N N 294 
SER N   H    sing N N 295 
SER N   H2   sing N N 296 
SER CA  C    sing N N 297 
SER CA  CB   sing N N 298 
SER CA  HA   sing N N 299 
SER C   O    doub N N 300 
SER C   OXT  sing N N 301 
SER CB  OG   sing N N 302 
SER CB  HB2  sing N N 303 
SER CB  HB3  sing N N 304 
SER OG  HG   sing N N 305 
SER OXT HXT  sing N N 306 
THR N   CA   sing N N 307 
THR N   H    sing N N 308 
THR N   H2   sing N N 309 
THR CA  C    sing N N 310 
THR CA  CB   sing N N 311 
THR CA  HA   sing N N 312 
THR C   O    doub N N 313 
THR C   OXT  sing N N 314 
THR CB  OG1  sing N N 315 
THR CB  CG2  sing N N 316 
THR CB  HB   sing N N 317 
THR OG1 HG1  sing N N 318 
THR CG2 HG21 sing N N 319 
THR CG2 HG22 sing N N 320 
THR CG2 HG23 sing N N 321 
THR OXT HXT  sing N N 322 
TRP N   CA   sing N N 323 
TRP N   H    sing N N 324 
TRP N   H2   sing N N 325 
TRP CA  C    sing N N 326 
TRP CA  CB   sing N N 327 
TRP CA  HA   sing N N 328 
TRP C   O    doub N N 329 
TRP C   OXT  sing N N 330 
TRP CB  CG   sing N N 331 
TRP CB  HB2  sing N N 332 
TRP CB  HB3  sing N N 333 
TRP CG  CD1  doub Y N 334 
TRP CG  CD2  sing Y N 335 
TRP CD1 NE1  sing Y N 336 
TRP CD1 HD1  sing N N 337 
TRP CD2 CE2  doub Y N 338 
TRP CD2 CE3  sing Y N 339 
TRP NE1 CE2  sing Y N 340 
TRP NE1 HE1  sing N N 341 
TRP CE2 CZ2  sing Y N 342 
TRP CE3 CZ3  doub Y N 343 
TRP CE3 HE3  sing N N 344 
TRP CZ2 CH2  doub Y N 345 
TRP CZ2 HZ2  sing N N 346 
TRP CZ3 CH2  sing Y N 347 
TRP CZ3 HZ3  sing N N 348 
TRP CH2 HH2  sing N N 349 
TRP OXT HXT  sing N N 350 
TYR N   CA   sing N N 351 
TYR N   H    sing N N 352 
TYR N   H2   sing N N 353 
TYR CA  C    sing N N 354 
TYR CA  CB   sing N N 355 
TYR CA  HA   sing N N 356 
TYR C   O    doub N N 357 
TYR C   OXT  sing N N 358 
TYR CB  CG   sing N N 359 
TYR CB  HB2  sing N N 360 
TYR CB  HB3  sing N N 361 
TYR CG  CD1  doub Y N 362 
TYR CG  CD2  sing Y N 363 
TYR CD1 CE1  sing Y N 364 
TYR CD1 HD1  sing N N 365 
TYR CD2 CE2  doub Y N 366 
TYR CD2 HD2  sing N N 367 
TYR CE1 CZ   doub Y N 368 
TYR CE1 HE1  sing N N 369 
TYR CE2 CZ   sing Y N 370 
TYR CE2 HE2  sing N N 371 
TYR CZ  OH   sing N N 372 
TYR OH  HH   sing N N 373 
TYR OXT HXT  sing N N 374 
VAL N   CA   sing N N 375 
VAL N   H    sing N N 376 
VAL N   H2   sing N N 377 
VAL CA  C    sing N N 378 
VAL CA  CB   sing N N 379 
VAL CA  HA   sing N N 380 
VAL C   O    doub N N 381 
VAL C   OXT  sing N N 382 
VAL CB  CG1  sing N N 383 
VAL CB  CG2  sing N N 384 
VAL CB  HB   sing N N 385 
VAL CG1 HG11 sing N N 386 
VAL CG1 HG12 sing N N 387 
VAL CG1 HG13 sing N N 388 
VAL CG2 HG21 sing N N 389 
VAL CG2 HG22 sing N N 390 
VAL CG2 HG23 sing N N 391 
VAL OXT HXT  sing N N 392 
# 
loop_
_pdbx_entity_nonpoly.entity_id 
_pdbx_entity_nonpoly.name 
_pdbx_entity_nonpoly.comp_id 
2 2,3-DIHYDROXY-1,4-DITHIOBUTANE DTT 
3 water                          HOH 
# 
_pdbx_initial_refinement_model.id               1 
_pdbx_initial_refinement_model.entity_id_list   ? 
_pdbx_initial_refinement_model.type             'experimental model' 
_pdbx_initial_refinement_model.source_name      PDB 
_pdbx_initial_refinement_model.accession_code   1L6P 
_pdbx_initial_refinement_model.details          ? 
# 
